data_9GOB
#
_entry.id   9GOB
#
_cell.length_a   1.00
_cell.length_b   1.00
_cell.length_c   1.00
_cell.angle_alpha   90.00
_cell.angle_beta   90.00
_cell.angle_gamma   90.00
#
_symmetry.space_group_name_H-M   'P 1'
#
loop_
_entity.id
_entity.type
_entity.pdbx_description
1 polymer 'Actin, alpha skeletal muscle'
2 polymer 'Inositol-trisphosphate 3-kinase A'
3 non-polymer "ADENOSINE-5'-DIPHOSPHATE"
4 non-polymer 'MAGNESIUM ION'
#
loop_
_entity_poly.entity_id
_entity_poly.type
_entity_poly.pdbx_seq_one_letter_code
_entity_poly.pdbx_strand_id
1 'polypeptide(L)'
;EDETTALVCDNGSGLVKAGFAGDDAPRAVFPSIVGRPRHQGVMVGMGQKDSYVGDEAQSKRGILTLKYPIE(HIC)GIIT
NWDDMEKIWHHTFYNELRVAPEEHPTLLTEAPLNPKANREKMTQIMFETFNVPAMYVAIQAVLSLYASGRTTGIVLDSGD
GVTHNVPIYEGYALPHAIMRLDLAGRDLTDYLMKILTERGYSFVTTAEREIVRDIKEKLCYVALDFENEMATAASSSSLE
KSYELPDGQVITIGNERFRCPETLFQPSFIGMESAGIHETTYNSIMKCDIDIRKDLYANNVMSGGTTMYPGIADRMQKEI
TALAPSTMKIKIIAPPERKYSVWIGGSILASLSTFQQMWITKQEYDEAGPSIVHRKCF
;
C,A,E,B,D
2 'polypeptide(L)' MARPRGAGPCSPGLERAPRRSVGELRLLFEARCAAVAAAAAAG F
#
# COMPACT_ATOMS: atom_id res chain seq x y z
N THR A 4 4.44 25.74 -29.73
CA THR A 4 4.38 24.34 -30.13
C THR A 4 3.39 23.59 -29.25
N THR A 5 2.72 22.60 -29.81
CA THR A 5 1.69 21.87 -29.07
C THR A 5 2.29 21.14 -27.89
N ALA A 6 1.65 21.27 -26.73
CA ALA A 6 2.20 20.70 -25.50
C ALA A 6 2.13 19.18 -25.54
N LEU A 7 2.81 18.56 -24.59
CA LEU A 7 2.92 17.11 -24.52
C LEU A 7 2.54 16.65 -23.14
N VAL A 8 1.69 15.62 -23.05
CA VAL A 8 1.17 15.12 -21.79
C VAL A 8 1.64 13.68 -21.62
N CYS A 9 2.35 13.41 -20.52
CA CYS A 9 2.97 12.11 -20.28
C CYS A 9 2.64 11.70 -18.85
N ASP A 10 1.58 10.90 -18.69
CA ASP A 10 1.17 10.42 -17.37
C ASP A 10 2.01 9.19 -17.01
N ASN A 11 3.21 9.47 -16.47
CA ASN A 11 3.99 8.45 -15.79
C ASN A 11 3.38 8.07 -14.45
N GLY A 12 2.14 7.60 -14.44
CA GLY A 12 1.66 6.81 -13.34
C GLY A 12 2.40 5.49 -13.23
N SER A 13 2.01 4.72 -12.23
CA SER A 13 2.54 3.38 -12.05
C SER A 13 1.87 2.41 -13.01
N GLY A 14 2.61 1.37 -13.40
CA GLY A 14 2.07 0.27 -14.16
C GLY A 14 1.92 0.55 -15.64
N LEU A 15 1.15 1.58 -16.01
CA LEU A 15 1.04 1.99 -17.41
C LEU A 15 1.48 3.43 -17.56
N VAL A 16 2.35 3.69 -18.54
CA VAL A 16 2.53 5.03 -19.10
C VAL A 16 1.35 5.36 -20.01
N LYS A 17 0.73 6.52 -19.79
CA LYS A 17 -0.18 7.12 -20.75
C LYS A 17 0.46 8.41 -21.25
N ALA A 18 0.67 8.51 -22.57
CA ALA A 18 1.31 9.68 -23.14
C ALA A 18 0.67 10.04 -24.47
N GLY A 19 0.75 11.31 -24.81
CA GLY A 19 0.22 11.81 -26.06
C GLY A 19 0.21 13.32 -26.05
N PHE A 20 -0.05 13.89 -27.23
CA PHE A 20 -0.08 15.34 -27.37
C PHE A 20 -1.31 15.92 -26.70
N ALA A 21 -1.18 17.15 -26.21
CA ALA A 21 -2.31 17.82 -25.59
C ALA A 21 -3.35 18.17 -26.65
N GLY A 22 -4.62 18.14 -26.24
CA GLY A 22 -5.72 18.38 -27.15
C GLY A 22 -6.25 17.16 -27.86
N ASP A 23 -5.50 16.06 -27.85
CA ASP A 23 -6.04 14.78 -28.31
C ASP A 23 -7.04 14.23 -27.30
N ASP A 24 -8.00 13.46 -27.81
CA ASP A 24 -9.03 12.88 -26.96
C ASP A 24 -8.57 11.66 -26.17
N ALA A 25 -7.49 11.01 -26.59
CA ALA A 25 -7.03 9.80 -25.91
C ALA A 25 -5.53 9.65 -26.09
N PRO A 26 -4.84 9.04 -25.13
CA PRO A 26 -3.38 8.90 -25.24
C PRO A 26 -3.03 7.94 -26.35
N ARG A 27 -2.20 8.41 -27.28
CA ARG A 27 -1.82 7.59 -28.43
C ARG A 27 -0.70 6.61 -28.14
N ALA A 28 -0.04 6.71 -26.99
CA ALA A 28 0.87 5.68 -26.51
C ALA A 28 0.44 5.25 -25.11
N VAL A 29 -0.06 4.02 -25.00
CA VAL A 29 -0.31 3.38 -23.72
C VAL A 29 0.45 2.05 -23.70
N PHE A 30 1.37 1.91 -22.76
CA PHE A 30 2.21 0.72 -22.68
C PHE A 30 2.67 0.56 -21.24
N PRO A 31 3.05 -0.65 -20.83
CA PRO A 31 3.42 -0.86 -19.42
C PRO A 31 4.75 -0.21 -19.07
N SER A 32 4.81 0.35 -17.87
CA SER A 32 6.02 1.03 -17.38
C SER A 32 7.02 0.00 -16.85
N ILE A 33 7.44 -0.89 -17.73
CA ILE A 33 8.27 -2.04 -17.36
C ILE A 33 9.61 -1.91 -18.08
N VAL A 34 10.68 -2.22 -17.37
CA VAL A 34 11.98 -2.50 -17.98
C VAL A 34 12.32 -3.96 -17.69
N GLY A 35 12.65 -4.69 -18.74
CA GLY A 35 13.03 -6.09 -18.63
C GLY A 35 14.44 -6.32 -19.11
N ARG A 36 15.20 -7.12 -18.37
CA ARG A 36 16.57 -7.44 -18.72
C ARG A 36 16.73 -8.94 -18.84
N PRO A 37 17.46 -9.43 -19.85
CA PRO A 37 17.55 -10.87 -20.09
C PRO A 37 17.97 -11.64 -18.85
N ARG A 38 17.22 -12.70 -18.55
CA ARG A 38 17.46 -13.48 -17.34
C ARG A 38 18.52 -14.56 -17.56
N HIS A 39 18.62 -15.10 -18.78
CA HIS A 39 19.39 -16.30 -19.04
C HIS A 39 20.69 -15.99 -19.79
N GLN A 40 21.41 -17.05 -20.13
CA GLN A 40 22.63 -17.01 -20.92
C GLN A 40 22.37 -16.37 -22.28
N GLY A 41 23.46 -16.02 -22.97
CA GLY A 41 23.44 -15.31 -24.23
C GLY A 41 23.85 -16.18 -25.40
N VAL A 42 23.33 -17.42 -25.41
CA VAL A 42 23.92 -18.51 -26.18
C VAL A 42 24.04 -18.17 -27.66
N MET A 43 23.07 -17.49 -28.23
CA MET A 43 22.91 -17.44 -29.69
C MET A 43 23.35 -16.08 -30.23
N VAL A 44 24.59 -16.03 -30.71
CA VAL A 44 25.16 -14.87 -31.39
C VAL A 44 24.52 -14.72 -32.77
N GLY A 45 24.88 -13.66 -33.49
CA GLY A 45 24.17 -13.28 -34.68
C GLY A 45 22.90 -12.50 -34.43
N MET A 46 22.71 -12.02 -33.20
CA MET A 46 21.61 -11.15 -32.83
C MET A 46 22.15 -10.06 -31.91
N GLY A 47 21.42 -8.96 -31.84
CA GLY A 47 21.81 -7.89 -30.94
C GLY A 47 21.75 -8.31 -29.48
N GLN A 48 20.80 -9.19 -29.14
CA GLN A 48 20.64 -9.69 -27.77
C GLN A 48 20.59 -8.55 -26.76
N LYS A 49 19.96 -7.44 -27.15
CA LYS A 49 20.22 -6.14 -26.53
C LYS A 49 19.96 -6.18 -25.03
N ASP A 50 20.69 -5.33 -24.32
CA ASP A 50 20.81 -5.39 -22.87
C ASP A 50 19.47 -5.17 -22.16
N SER A 51 18.53 -4.47 -22.78
CA SER A 51 17.32 -4.08 -22.08
C SER A 51 16.16 -3.98 -23.05
N TYR A 52 14.96 -4.29 -22.54
CA TYR A 52 13.72 -4.19 -23.29
C TYR A 52 12.71 -3.47 -22.41
N VAL A 53 11.90 -2.61 -23.04
CA VAL A 53 10.94 -1.80 -22.28
C VAL A 53 9.57 -1.87 -22.95
N GLY A 54 8.53 -1.73 -22.13
CA GLY A 54 7.15 -1.72 -22.60
C GLY A 54 6.68 -2.99 -23.26
N ASP A 55 6.00 -2.82 -24.41
CA ASP A 55 5.51 -3.96 -25.16
C ASP A 55 6.64 -4.85 -25.63
N GLU A 56 7.85 -4.30 -25.81
CA GLU A 56 9.01 -5.17 -26.07
C GLU A 56 9.17 -6.18 -24.95
N ALA A 57 9.11 -5.70 -23.70
CA ALA A 57 9.31 -6.56 -22.54
C ALA A 57 8.15 -7.54 -22.37
N GLN A 58 6.92 -7.10 -22.67
CA GLN A 58 5.80 -8.03 -22.66
C GLN A 58 5.93 -9.11 -23.74
N SER A 59 6.38 -8.74 -24.94
CA SER A 59 6.58 -9.70 -26.02
C SER A 59 7.67 -10.72 -25.71
N LYS A 60 8.56 -10.41 -24.77
CA LYS A 60 9.66 -11.29 -24.38
C LYS A 60 9.52 -11.75 -22.95
N ARG A 61 8.34 -11.57 -22.36
CA ARG A 61 8.08 -11.67 -20.93
C ARG A 61 8.78 -12.85 -20.26
N GLY A 62 8.68 -14.04 -20.85
CA GLY A 62 9.15 -15.24 -20.20
C GLY A 62 10.63 -15.48 -20.22
N ILE A 63 11.45 -14.56 -20.72
CA ILE A 63 12.90 -14.65 -20.61
C ILE A 63 13.49 -13.43 -19.92
N LEU A 64 12.65 -12.53 -19.42
CA LEU A 64 13.12 -11.28 -18.82
C LEU A 64 12.74 -11.25 -17.34
N THR A 65 13.63 -10.70 -16.52
CA THR A 65 13.28 -10.26 -15.17
C THR A 65 12.63 -8.88 -15.27
N LEU A 66 11.30 -8.87 -15.34
CA LEU A 66 10.59 -7.61 -15.41
C LEU A 66 10.71 -6.85 -14.08
N LYS A 67 10.86 -5.54 -14.18
CA LYS A 67 10.88 -4.66 -13.01
C LYS A 67 10.10 -3.39 -13.31
N TYR A 68 9.43 -2.86 -12.30
CA TYR A 68 8.78 -1.57 -12.42
C TYR A 68 9.65 -0.53 -11.72
N PRO A 69 10.09 0.53 -12.40
CA PRO A 69 10.97 1.52 -11.76
C PRO A 69 10.23 2.57 -10.96
N ILE A 70 8.90 2.56 -10.99
CA ILE A 70 8.09 3.43 -10.15
C ILE A 70 7.22 2.54 -9.26
N GLU A 71 7.36 2.72 -7.95
CA GLU A 71 6.75 1.81 -7.00
C GLU A 71 6.07 2.61 -5.90
N GLY A 73 3.88 4.83 -6.53
CA GLY A 73 3.90 6.17 -7.08
C GLY A 73 5.23 6.90 -6.94
N ILE A 74 6.21 6.23 -6.34
CA ILE A 74 7.54 6.80 -6.14
C ILE A 74 8.49 6.15 -7.13
N ILE A 75 9.24 6.97 -7.86
CA ILE A 75 10.26 6.48 -8.77
C ILE A 75 11.47 6.02 -7.96
N THR A 76 11.70 4.70 -7.95
CA THR A 76 12.79 4.11 -7.17
C THR A 76 14.07 3.93 -7.99
N ASN A 77 14.00 4.04 -9.31
CA ASN A 77 15.06 3.52 -10.20
C ASN A 77 15.15 4.48 -11.38
N TRP A 78 15.83 5.61 -11.16
CA TRP A 78 15.89 6.69 -12.14
C TRP A 78 16.60 6.26 -13.41
N ASP A 79 17.59 5.36 -13.31
CA ASP A 79 18.28 4.88 -14.50
C ASP A 79 17.36 4.15 -15.46
N ASP A 80 16.36 3.43 -14.95
CA ASP A 80 15.37 2.77 -15.79
C ASP A 80 14.18 3.65 -16.13
N MET A 81 13.77 4.53 -15.20
CA MET A 81 12.72 5.48 -15.55
C MET A 81 13.15 6.39 -16.69
N GLU A 82 14.42 6.82 -16.70
CA GLU A 82 14.93 7.61 -17.82
C GLU A 82 14.91 6.82 -19.12
N LYS A 83 15.00 5.48 -19.04
CA LYS A 83 14.78 4.65 -20.22
C LYS A 83 13.32 4.65 -20.65
N ILE A 84 12.41 4.63 -19.68
CA ILE A 84 10.99 4.65 -20.01
C ILE A 84 10.60 5.99 -20.65
N TRP A 85 11.10 7.10 -20.12
CA TRP A 85 10.89 8.40 -20.77
C TRP A 85 11.53 8.47 -22.15
N HIS A 86 12.76 7.97 -22.30
CA HIS A 86 13.37 7.93 -23.63
C HIS A 86 12.51 7.14 -24.61
N HIS A 87 12.05 5.95 -24.19
CA HIS A 87 11.18 5.16 -25.05
C HIS A 87 9.88 5.89 -25.38
N THR A 88 9.27 6.53 -24.38
CA THR A 88 8.03 7.27 -24.58
C THR A 88 8.18 8.35 -25.62
N PHE A 89 9.23 9.16 -25.52
CA PHE A 89 9.37 10.28 -26.43
C PHE A 89 9.87 9.83 -27.81
N TYR A 90 10.96 9.07 -27.87
CA TYR A 90 11.61 8.79 -29.14
C TYR A 90 11.04 7.60 -29.90
N ASN A 91 10.56 6.55 -29.23
CA ASN A 91 10.10 5.35 -29.91
C ASN A 91 8.59 5.28 -30.06
N GLU A 92 7.84 5.66 -29.03
CA GLU A 92 6.38 5.61 -29.09
C GLU A 92 5.80 6.87 -29.72
N LEU A 93 6.04 8.02 -29.11
CA LEU A 93 5.53 9.27 -29.66
C LEU A 93 6.37 9.78 -30.83
N ARG A 94 7.61 9.31 -30.95
CA ARG A 94 8.49 9.64 -32.08
C ARG A 94 8.64 11.15 -32.26
N VAL A 95 9.05 11.81 -31.17
CA VAL A 95 9.09 13.27 -31.09
C VAL A 95 10.29 13.67 -30.26
N ALA A 96 10.87 14.82 -30.59
CA ALA A 96 12.04 15.33 -29.88
C ALA A 96 11.55 16.25 -28.77
N PRO A 97 11.76 15.90 -27.49
CA PRO A 97 11.14 16.67 -26.40
C PRO A 97 11.59 18.11 -26.34
N GLU A 98 12.75 18.45 -26.91
CA GLU A 98 13.25 19.82 -26.89
C GLU A 98 12.38 20.80 -27.68
N GLU A 99 11.29 20.34 -28.31
CA GLU A 99 10.33 21.24 -28.92
C GLU A 99 8.99 21.30 -28.20
N HIS A 100 8.73 20.39 -27.28
CA HIS A 100 7.39 20.19 -26.73
C HIS A 100 7.36 20.33 -25.22
N PRO A 101 6.73 21.37 -24.68
CA PRO A 101 6.61 21.47 -23.22
C PRO A 101 5.77 20.34 -22.67
N THR A 102 6.29 19.68 -21.63
CA THR A 102 5.76 18.41 -21.16
C THR A 102 5.06 18.60 -19.82
N LEU A 103 3.76 18.28 -19.79
CA LEU A 103 3.01 18.19 -18.54
C LEU A 103 3.18 16.80 -17.98
N LEU A 104 4.04 16.65 -16.98
CA LEU A 104 4.06 15.47 -16.15
C LEU A 104 2.95 15.55 -15.10
N THR A 105 2.77 14.43 -14.39
CA THR A 105 1.87 14.42 -13.26
C THR A 105 2.29 13.35 -12.27
N GLU A 106 1.95 13.57 -10.99
CA GLU A 106 2.29 12.63 -9.93
C GLU A 106 1.20 12.65 -8.87
N ALA A 107 1.23 11.62 -8.02
CA ALA A 107 0.31 11.53 -6.90
C ALA A 107 0.65 12.57 -5.83
N PRO A 108 -0.34 12.95 -5.02
CA PRO A 108 -0.08 13.87 -3.90
C PRO A 108 0.59 13.15 -2.74
N LEU A 109 1.06 13.94 -1.78
CA LEU A 109 1.76 13.44 -0.60
C LEU A 109 2.91 12.51 -0.99
N ASN A 110 3.83 13.06 -1.78
CA ASN A 110 4.86 12.29 -2.45
C ASN A 110 6.20 12.97 -2.27
N PRO A 111 7.27 12.20 -2.07
CA PRO A 111 8.57 12.81 -1.71
C PRO A 111 8.99 13.89 -2.70
N LYS A 112 9.40 15.04 -2.15
CA LYS A 112 9.83 16.17 -2.96
C LYS A 112 11.06 15.84 -3.80
N ALA A 113 11.84 14.84 -3.38
CA ALA A 113 12.95 14.35 -4.21
C ALA A 113 12.48 13.82 -5.55
N ASN A 114 11.27 13.25 -5.62
CA ASN A 114 10.78 12.77 -6.91
C ASN A 114 10.50 13.93 -7.85
N ARG A 115 9.69 14.89 -7.42
CA ARG A 115 9.38 16.06 -8.24
C ARG A 115 10.64 16.82 -8.66
N GLU A 116 11.63 16.90 -7.78
CA GLU A 116 12.92 17.49 -8.14
C GLU A 116 13.70 16.67 -9.16
N LYS A 117 13.78 15.36 -8.99
CA LYS A 117 14.53 14.55 -9.95
C LYS A 117 13.85 14.51 -11.31
N MET A 118 12.51 14.44 -11.34
CA MET A 118 11.78 14.59 -12.59
C MET A 118 12.10 15.92 -13.26
N THR A 119 12.18 17.00 -12.47
CA THR A 119 12.54 18.30 -13.04
C THR A 119 13.94 18.29 -13.62
N GLN A 120 14.92 17.81 -12.84
CA GLN A 120 16.30 17.70 -13.33
C GLN A 120 16.37 16.91 -14.63
N ILE A 121 15.71 15.76 -14.67
CA ILE A 121 15.80 14.89 -15.84
C ILE A 121 15.15 15.54 -17.06
N MET A 122 13.96 16.12 -16.88
CA MET A 122 13.28 16.76 -18.00
C MET A 122 14.07 17.94 -18.55
N PHE A 123 14.60 18.80 -17.68
CA PHE A 123 15.31 19.99 -18.15
C PHE A 123 16.76 19.75 -18.57
N GLU A 124 17.43 18.72 -18.08
CA GLU A 124 18.83 18.52 -18.40
C GLU A 124 19.13 17.31 -19.27
N THR A 125 18.34 16.24 -19.19
CA THR A 125 18.44 15.16 -20.14
C THR A 125 17.65 15.42 -21.42
N PHE A 126 16.39 15.82 -21.29
CA PHE A 126 15.51 15.98 -22.45
C PHE A 126 15.41 17.42 -22.93
N ASN A 127 16.03 18.37 -22.23
CA ASN A 127 16.12 19.76 -22.67
C ASN A 127 14.76 20.40 -22.96
N VAL A 128 13.68 19.86 -22.38
CA VAL A 128 12.34 20.27 -22.79
C VAL A 128 12.15 21.77 -22.58
N PRO A 129 11.41 22.46 -23.45
CA PRO A 129 11.25 23.91 -23.30
C PRO A 129 10.59 24.32 -21.99
N ALA A 130 9.62 23.53 -21.51
CA ALA A 130 8.94 23.84 -20.26
C ALA A 130 8.29 22.58 -19.74
N MET A 131 7.87 22.63 -18.47
CA MET A 131 7.43 21.43 -17.77
C MET A 131 6.44 21.85 -16.70
N TYR A 132 5.60 20.90 -16.29
CA TYR A 132 4.72 21.10 -15.13
C TYR A 132 4.38 19.75 -14.51
N VAL A 133 4.01 19.76 -13.23
CA VAL A 133 3.75 18.51 -12.52
C VAL A 133 2.42 18.61 -11.78
N ALA A 134 1.32 18.39 -12.50
CA ALA A 134 -0.01 18.47 -11.92
C ALA A 134 -0.31 17.26 -11.04
N ILE A 135 -1.12 17.48 -10.00
CA ILE A 135 -1.64 16.37 -9.21
C ILE A 135 -2.69 15.60 -10.01
N GLN A 136 -2.55 14.28 -10.06
CA GLN A 136 -3.37 13.44 -10.92
C GLN A 136 -4.86 13.61 -10.62
N ALA A 137 -5.21 13.72 -9.34
CA ALA A 137 -6.62 13.89 -8.97
C ALA A 137 -7.18 15.24 -9.42
N VAL A 138 -6.37 16.28 -9.44
CA VAL A 138 -6.86 17.56 -9.95
C VAL A 138 -7.17 17.45 -11.43
N LEU A 139 -6.31 16.76 -12.18
CA LEU A 139 -6.57 16.48 -13.59
C LEU A 139 -7.88 15.72 -13.77
N SER A 140 -8.15 14.76 -12.87
CA SER A 140 -9.35 13.95 -13.02
C SER A 140 -10.64 14.77 -12.91
N LEU A 141 -10.62 15.94 -12.27
CA LEU A 141 -11.77 16.84 -12.36
C LEU A 141 -11.88 17.47 -13.75
N TYR A 142 -10.76 17.91 -14.31
CA TYR A 142 -10.82 18.48 -15.66
C TYR A 142 -11.41 17.48 -16.64
N ALA A 143 -11.01 16.23 -16.55
CA ALA A 143 -11.56 15.21 -17.43
C ALA A 143 -13.05 14.96 -17.22
N SER A 144 -13.59 15.32 -16.07
CA SER A 144 -15.02 15.17 -15.80
C SER A 144 -15.78 16.48 -15.86
N GLY A 145 -15.15 17.57 -16.31
CA GLY A 145 -15.84 18.83 -16.42
C GLY A 145 -16.30 19.43 -15.12
N ARG A 146 -15.87 18.86 -13.99
CA ARG A 146 -16.26 19.35 -12.68
C ARG A 146 -15.40 20.54 -12.28
N THR A 147 -15.93 21.38 -11.40
CA THR A 147 -15.10 22.23 -10.56
C THR A 147 -15.22 21.90 -9.09
N THR A 148 -16.10 20.99 -8.69
CA THR A 148 -16.26 20.64 -7.30
C THR A 148 -16.44 19.14 -7.16
N GLY A 149 -15.75 18.55 -6.20
CA GLY A 149 -15.89 17.13 -5.94
C GLY A 149 -14.75 16.60 -5.11
N ILE A 150 -15.01 15.47 -4.48
CA ILE A 150 -13.94 14.54 -4.11
C ILE A 150 -13.52 13.81 -5.37
N VAL A 151 -12.21 13.71 -5.59
CA VAL A 151 -11.66 12.73 -6.53
C VAL A 151 -11.07 11.56 -5.78
N LEU A 152 -11.48 10.36 -6.20
CA LEU A 152 -10.84 9.12 -5.78
C LEU A 152 -10.09 8.58 -6.99
N ASP A 153 -8.77 8.69 -6.97
CA ASP A 153 -7.90 8.05 -7.94
C ASP A 153 -7.32 6.78 -7.34
N SER A 154 -7.40 5.68 -8.10
CA SER A 154 -6.92 4.38 -7.64
C SER A 154 -6.14 3.74 -8.77
N GLY A 155 -4.81 3.80 -8.69
CA GLY A 155 -3.94 3.44 -9.78
C GLY A 155 -3.42 2.02 -9.69
N ASP A 156 -2.20 1.83 -10.21
CA ASP A 156 -1.47 0.59 -10.00
C ASP A 156 -0.70 0.57 -8.68
N GLY A 157 -0.17 1.71 -8.27
CA GLY A 157 0.68 1.75 -7.10
C GLY A 157 0.12 2.47 -5.90
N VAL A 158 -0.73 3.48 -6.11
CA VAL A 158 -1.29 4.27 -5.02
C VAL A 158 -2.75 4.57 -5.29
N THR A 159 -3.47 4.83 -4.20
CA THR A 159 -4.83 5.32 -4.23
C THR A 159 -4.90 6.56 -3.36
N HIS A 160 -5.56 7.61 -3.85
CA HIS A 160 -5.62 8.84 -3.09
C HIS A 160 -6.94 9.55 -3.31
N ASN A 161 -7.39 10.26 -2.27
CA ASN A 161 -8.61 11.05 -2.27
C ASN A 161 -8.23 12.53 -2.19
N VAL A 162 -8.79 13.33 -3.09
CA VAL A 162 -8.58 14.78 -3.06
C VAL A 162 -9.91 15.51 -3.23
N PRO A 163 -10.44 16.09 -2.15
CA PRO A 163 -11.65 16.91 -2.26
C PRO A 163 -11.36 18.32 -2.77
N ILE A 164 -12.25 18.81 -3.63
CA ILE A 164 -12.07 20.09 -4.32
C ILE A 164 -13.43 20.79 -4.36
N TYR A 165 -13.43 22.11 -4.22
CA TYR A 165 -14.66 22.90 -4.19
C TYR A 165 -14.48 24.23 -4.92
N GLU A 166 -15.02 24.31 -6.14
CA GLU A 166 -14.89 25.48 -7.01
C GLU A 166 -13.43 25.88 -7.18
N GLY A 167 -12.59 24.88 -7.41
CA GLY A 167 -11.17 25.03 -7.18
C GLY A 167 -10.83 24.65 -5.75
N TYR A 168 -9.81 25.28 -5.19
CA TYR A 168 -9.55 25.23 -3.74
C TYR A 168 -9.55 23.79 -3.22
N ALA A 169 -8.53 23.05 -3.65
CA ALA A 169 -8.29 21.75 -3.04
C ALA A 169 -7.95 21.93 -1.57
N LEU A 170 -8.55 21.08 -0.73
CA LEU A 170 -8.33 21.15 0.70
C LEU A 170 -7.17 20.25 1.10
N PRO A 171 -5.97 20.80 1.27
CA PRO A 171 -4.77 19.94 1.35
C PRO A 171 -4.73 19.10 2.60
N HIS A 172 -5.37 19.53 3.68
CA HIS A 172 -5.42 18.75 4.90
C HIS A 172 -6.35 17.55 4.79
N ALA A 173 -7.30 17.58 3.87
CA ALA A 173 -8.25 16.49 3.68
C ALA A 173 -7.80 15.48 2.64
N ILE A 174 -6.70 15.74 1.92
CA ILE A 174 -6.11 14.73 1.05
C ILE A 174 -5.71 13.52 1.88
N MET A 175 -5.96 12.32 1.32
CA MET A 175 -5.52 11.07 1.91
C MET A 175 -4.94 10.19 0.80
N ARG A 176 -3.87 9.46 1.13
CA ARG A 176 -3.24 8.51 0.22
C ARG A 176 -3.02 7.18 0.92
N LEU A 177 -3.30 6.08 0.21
CA LEU A 177 -3.53 4.80 0.86
C LEU A 177 -2.41 3.78 0.65
N ASP A 178 -1.56 3.96 -0.36
CA ASP A 178 -0.52 2.99 -0.71
C ASP A 178 -1.06 1.59 -1.01
N LEU A 179 -2.36 1.46 -1.29
CA LEU A 179 -2.98 0.20 -1.66
C LEU A 179 -3.60 0.35 -3.04
N ALA A 180 -3.16 -0.49 -3.98
CA ALA A 180 -3.67 -0.39 -5.34
C ALA A 180 -3.43 -1.70 -6.09
N GLY A 181 -3.51 -1.62 -7.42
CA GLY A 181 -3.50 -2.80 -8.28
C GLY A 181 -2.36 -3.79 -8.11
N ARG A 182 -1.19 -3.34 -7.67
CA ARG A 182 -0.13 -4.30 -7.38
C ARG A 182 -0.43 -5.12 -6.13
N ASP A 183 -0.95 -4.49 -5.08
CA ASP A 183 -1.35 -5.24 -3.90
C ASP A 183 -2.51 -6.18 -4.19
N LEU A 184 -3.41 -5.78 -5.09
CA LEU A 184 -4.48 -6.67 -5.56
C LEU A 184 -3.93 -7.83 -6.37
N THR A 185 -2.96 -7.59 -7.25
CA THR A 185 -2.33 -8.68 -8.00
C THR A 185 -1.63 -9.66 -7.07
N ASP A 186 -0.84 -9.15 -6.13
CA ASP A 186 -0.11 -10.04 -5.22
C ASP A 186 -1.05 -10.82 -4.30
N TYR A 187 -2.13 -10.20 -3.84
CA TYR A 187 -3.12 -10.96 -3.07
C TYR A 187 -3.85 -11.98 -3.93
N LEU A 188 -4.16 -11.65 -5.18
CA LEU A 188 -4.73 -12.63 -6.08
C LEU A 188 -3.80 -13.82 -6.29
N MET A 189 -2.49 -13.57 -6.42
CA MET A 189 -1.52 -14.66 -6.47
C MET A 189 -1.53 -15.51 -5.20
N LYS A 190 -1.59 -14.84 -4.04
CA LYS A 190 -1.62 -15.55 -2.77
C LYS A 190 -2.87 -16.42 -2.62
N ILE A 191 -4.02 -15.94 -3.06
CA ILE A 191 -5.22 -16.77 -2.96
C ILE A 191 -5.34 -17.79 -4.10
N LEU A 192 -4.81 -17.51 -5.29
CA LEU A 192 -4.75 -18.55 -6.31
C LEU A 192 -3.84 -19.69 -5.90
N THR A 193 -2.88 -19.43 -5.01
CA THR A 193 -2.10 -20.51 -4.40
C THR A 193 -2.98 -21.46 -3.60
N GLU A 194 -4.14 -21.00 -3.10
CA GLU A 194 -5.01 -21.86 -2.31
C GLU A 194 -5.57 -23.05 -3.08
N ARG A 195 -5.62 -23.00 -4.41
CA ARG A 195 -5.93 -24.21 -5.18
C ARG A 195 -4.80 -24.62 -6.12
N GLY A 196 -3.58 -24.14 -5.87
CA GLY A 196 -2.37 -24.71 -6.43
C GLY A 196 -1.88 -24.15 -7.75
N TYR A 197 -2.41 -23.02 -8.22
CA TYR A 197 -1.80 -22.32 -9.35
C TYR A 197 -0.65 -21.49 -8.79
N SER A 198 0.53 -22.12 -8.69
CA SER A 198 1.71 -21.43 -8.17
C SER A 198 2.25 -20.46 -9.23
N PHE A 199 2.06 -19.17 -8.97
CA PHE A 199 2.66 -18.09 -9.75
C PHE A 199 3.67 -17.37 -8.87
N VAL A 200 4.91 -17.25 -9.36
CA VAL A 200 6.01 -16.75 -8.52
C VAL A 200 6.93 -15.84 -9.31
N THR A 201 7.14 -16.13 -10.60
CA THR A 201 7.95 -15.25 -11.42
C THR A 201 7.21 -13.95 -11.70
N THR A 202 7.97 -12.93 -12.12
CA THR A 202 7.35 -11.67 -12.52
C THR A 202 6.55 -11.81 -13.81
N ALA A 203 6.98 -12.70 -14.71
CA ALA A 203 6.13 -13.07 -15.84
C ALA A 203 4.79 -13.62 -15.38
N GLU A 204 4.80 -14.45 -14.34
CA GLU A 204 3.53 -14.96 -13.81
C GLU A 204 2.76 -13.87 -13.07
N ARG A 205 3.46 -12.98 -12.35
CA ARG A 205 2.79 -11.81 -11.81
C ARG A 205 2.07 -11.02 -12.89
N GLU A 206 2.71 -10.89 -14.07
CA GLU A 206 2.13 -10.20 -15.21
C GLU A 206 1.00 -10.97 -15.86
N ILE A 207 0.93 -12.28 -15.64
CA ILE A 207 -0.22 -13.06 -16.09
C ILE A 207 -1.37 -12.94 -15.10
N VAL A 208 -1.07 -12.98 -13.81
CA VAL A 208 -2.11 -12.80 -12.80
C VAL A 208 -2.69 -11.39 -12.84
N ARG A 209 -1.92 -10.39 -13.29
CA ARG A 209 -2.53 -9.09 -13.60
C ARG A 209 -3.59 -9.20 -14.68
N ASP A 210 -3.36 -10.04 -15.69
CA ASP A 210 -4.36 -10.23 -16.74
C ASP A 210 -5.56 -11.00 -16.21
N ILE A 211 -5.33 -12.02 -15.40
CA ILE A 211 -6.42 -12.75 -14.77
C ILE A 211 -7.28 -11.81 -13.93
N LYS A 212 -6.64 -10.94 -13.15
CA LYS A 212 -7.32 -9.91 -12.38
C LYS A 212 -8.17 -9.00 -13.25
N GLU A 213 -7.62 -8.55 -14.38
CA GLU A 213 -8.37 -7.65 -15.25
C GLU A 213 -9.52 -8.36 -15.94
N LYS A 214 -9.32 -9.60 -16.37
CA LYS A 214 -10.35 -10.30 -17.14
C LYS A 214 -11.49 -10.83 -16.27
N LEU A 215 -11.18 -11.46 -15.13
CA LEU A 215 -12.19 -12.19 -14.38
C LEU A 215 -12.75 -11.45 -13.18
N CYS A 216 -11.92 -10.69 -12.44
CA CYS A 216 -12.34 -10.21 -11.14
C CYS A 216 -13.44 -9.16 -11.24
N TYR A 217 -14.25 -9.08 -10.18
CA TYR A 217 -15.29 -8.07 -10.02
C TYR A 217 -15.47 -7.84 -8.52
N VAL A 218 -16.13 -6.73 -8.19
CA VAL A 218 -16.35 -6.36 -6.79
C VAL A 218 -17.75 -6.81 -6.38
N ALA A 219 -17.81 -7.62 -5.32
CA ALA A 219 -19.07 -8.10 -4.79
C ALA A 219 -19.89 -6.94 -4.22
N LEU A 220 -21.20 -6.97 -4.47
CA LEU A 220 -22.09 -5.96 -3.90
C LEU A 220 -22.34 -6.21 -2.42
N ASP A 221 -22.28 -7.47 -1.99
CA ASP A 221 -22.62 -7.88 -0.62
C ASP A 221 -21.74 -9.09 -0.27
N PHE A 222 -20.52 -8.80 0.19
CA PHE A 222 -19.43 -9.77 0.16
C PHE A 222 -19.80 -11.06 0.89
N GLU A 223 -20.46 -10.96 2.04
CA GLU A 223 -20.84 -12.16 2.78
C GLU A 223 -21.79 -13.05 1.99
N ASN A 224 -22.76 -12.45 1.31
CA ASN A 224 -23.71 -13.24 0.52
C ASN A 224 -23.11 -13.77 -0.78
N GLU A 225 -22.19 -13.02 -1.40
CA GLU A 225 -21.48 -13.55 -2.56
C GLU A 225 -20.56 -14.70 -2.15
N MET A 226 -19.87 -14.57 -1.02
CA MET A 226 -19.05 -15.67 -0.50
C MET A 226 -19.89 -16.91 -0.20
N ALA A 227 -21.07 -16.73 0.40
CA ALA A 227 -21.96 -17.87 0.63
C ALA A 227 -22.48 -18.47 -0.68
N THR A 228 -22.76 -17.63 -1.67
CA THR A 228 -23.21 -18.16 -2.96
C THR A 228 -22.11 -18.95 -3.68
N ALA A 229 -20.89 -18.41 -3.69
CA ALA A 229 -19.75 -19.14 -4.25
C ALA A 229 -19.44 -20.41 -3.46
N ALA A 230 -19.76 -20.44 -2.17
CA ALA A 230 -19.60 -21.68 -1.40
C ALA A 230 -20.69 -22.68 -1.73
N SER A 231 -21.91 -22.22 -1.96
CA SER A 231 -23.02 -23.12 -2.23
C SER A 231 -23.15 -23.55 -3.69
N SER A 232 -22.65 -22.75 -4.64
CA SER A 232 -22.83 -23.11 -6.04
C SER A 232 -21.62 -22.67 -6.87
N SER A 233 -21.38 -23.42 -7.94
CA SER A 233 -20.29 -23.17 -8.89
C SER A 233 -20.65 -22.11 -9.93
N SER A 234 -21.83 -21.50 -9.83
CA SER A 234 -22.29 -20.56 -10.85
C SER A 234 -21.35 -19.37 -11.01
N LEU A 235 -20.65 -18.99 -9.95
CA LEU A 235 -19.70 -17.88 -10.01
C LEU A 235 -18.34 -18.27 -10.54
N GLU A 236 -18.07 -19.56 -10.75
CA GLU A 236 -16.76 -19.95 -11.27
C GLU A 236 -16.62 -19.62 -12.75
N LYS A 237 -15.42 -19.19 -13.13
CA LYS A 237 -15.06 -18.86 -14.49
C LYS A 237 -13.74 -19.55 -14.83
N SER A 238 -13.59 -19.94 -16.09
CA SER A 238 -12.37 -20.57 -16.58
C SER A 238 -11.58 -19.61 -17.45
N TYR A 239 -10.25 -19.66 -17.31
CA TYR A 239 -9.33 -18.80 -18.03
C TYR A 239 -8.21 -19.68 -18.58
N GLU A 240 -7.63 -19.27 -19.70
CA GLU A 240 -6.64 -20.06 -20.40
C GLU A 240 -5.28 -19.38 -20.36
N LEU A 241 -4.33 -20.02 -19.71
CA LEU A 241 -2.98 -19.50 -19.57
C LEU A 241 -2.26 -19.47 -20.91
N PRO A 242 -1.16 -18.72 -21.02
CA PRO A 242 -0.47 -18.62 -22.32
C PRO A 242 -0.06 -19.95 -22.93
N ASP A 243 0.12 -20.99 -22.12
CA ASP A 243 0.45 -22.32 -22.62
C ASP A 243 -0.77 -23.21 -22.83
N GLY A 244 -1.99 -22.65 -22.76
CA GLY A 244 -3.20 -23.42 -22.93
C GLY A 244 -3.65 -24.22 -21.73
N GLN A 245 -2.93 -24.18 -20.62
CA GLN A 245 -3.46 -24.74 -19.37
C GLN A 245 -4.66 -23.92 -18.92
N VAL A 246 -5.80 -24.58 -18.77
CA VAL A 246 -7.00 -23.96 -18.20
C VAL A 246 -6.88 -23.91 -16.69
N ILE A 247 -7.27 -22.77 -16.11
CA ILE A 247 -7.45 -22.61 -14.67
C ILE A 247 -8.91 -22.25 -14.43
N THR A 248 -9.41 -22.60 -13.24
CA THR A 248 -10.74 -22.22 -12.82
C THR A 248 -10.69 -21.48 -11.49
N ILE A 249 -11.50 -20.44 -11.39
CA ILE A 249 -11.44 -19.45 -10.32
C ILE A 249 -12.84 -19.24 -9.77
N GLY A 250 -12.95 -19.06 -8.46
CA GLY A 250 -14.26 -18.98 -7.82
C GLY A 250 -14.38 -17.80 -6.87
N ASN A 251 -14.41 -18.04 -5.56
CA ASN A 251 -14.49 -16.93 -4.63
C ASN A 251 -13.28 -16.01 -4.68
N GLU A 252 -12.16 -16.47 -5.25
CA GLU A 252 -11.02 -15.59 -5.50
C GLU A 252 -11.39 -14.42 -6.40
N ARG A 253 -12.42 -14.62 -7.23
CA ARG A 253 -12.81 -13.65 -8.25
C ARG A 253 -13.28 -12.34 -7.64
N PHE A 254 -13.91 -12.40 -6.47
CA PHE A 254 -14.30 -11.16 -5.79
C PHE A 254 -13.55 -10.94 -4.48
N ARG A 255 -12.96 -11.99 -3.89
CA ARG A 255 -12.06 -11.77 -2.77
C ARG A 255 -10.86 -10.91 -3.13
N CYS A 256 -10.39 -10.97 -4.39
CA CYS A 256 -9.27 -10.10 -4.78
C CYS A 256 -9.60 -8.62 -4.67
N PRO A 257 -10.56 -8.06 -5.40
CA PRO A 257 -10.82 -6.61 -5.28
C PRO A 257 -11.54 -6.21 -3.99
N GLU A 258 -12.14 -7.14 -3.27
CA GLU A 258 -12.69 -6.83 -1.95
C GLU A 258 -11.65 -6.23 -1.00
N THR A 259 -10.37 -6.57 -1.17
CA THR A 259 -9.34 -6.01 -0.30
C THR A 259 -9.24 -4.49 -0.37
N LEU A 260 -9.76 -3.87 -1.42
CA LEU A 260 -9.89 -2.42 -1.43
C LEU A 260 -10.81 -1.95 -0.31
N PHE A 261 -11.90 -2.67 -0.09
CA PHE A 261 -12.85 -2.34 0.96
C PHE A 261 -12.48 -2.95 2.31
N GLN A 262 -11.66 -4.00 2.32
CA GLN A 262 -11.20 -4.64 3.56
C GLN A 262 -9.70 -4.85 3.49
N PRO A 263 -8.92 -3.77 3.67
CA PRO A 263 -7.46 -3.87 3.55
C PRO A 263 -6.83 -4.86 4.51
N SER A 264 -7.49 -5.20 5.61
CA SER A 264 -6.99 -6.20 6.54
C SER A 264 -6.76 -7.56 5.90
N PHE A 265 -7.37 -7.81 4.73
CA PHE A 265 -7.07 -9.05 4.02
C PHE A 265 -5.60 -9.14 3.62
N ILE A 266 -4.97 -8.03 3.27
CA ILE A 266 -3.55 -8.00 2.99
C ILE A 266 -2.74 -7.57 4.20
N GLY A 267 -3.34 -7.57 5.38
CA GLY A 267 -2.70 -7.10 6.59
C GLY A 267 -2.53 -5.60 6.68
N MET A 268 -2.96 -4.85 5.68
CA MET A 268 -2.95 -3.39 5.76
C MET A 268 -3.93 -2.92 6.83
N GLU A 269 -3.46 -2.08 7.74
CA GLU A 269 -4.28 -1.68 8.88
C GLU A 269 -5.34 -0.66 8.51
N SER A 270 -5.08 0.15 7.48
CA SER A 270 -5.86 1.37 7.24
C SER A 270 -7.33 1.05 7.02
N ALA A 271 -8.16 2.08 7.20
CA ALA A 271 -9.55 2.07 6.79
C ALA A 271 -9.68 1.81 5.29
N GLY A 272 -10.81 1.24 4.89
CA GLY A 272 -11.03 0.93 3.50
C GLY A 272 -11.20 2.18 2.66
N ILE A 273 -11.36 1.97 1.36
CA ILE A 273 -11.47 3.11 0.45
C ILE A 273 -12.79 3.86 0.62
N HIS A 274 -13.86 3.16 1.01
CA HIS A 274 -15.10 3.85 1.35
C HIS A 274 -14.95 4.65 2.64
N GLU A 275 -14.30 4.05 3.64
CA GLU A 275 -14.09 4.75 4.90
C GLU A 275 -13.13 5.93 4.73
N THR A 276 -12.05 5.77 3.96
CA THR A 276 -11.16 6.90 3.74
C THR A 276 -11.81 7.98 2.86
N THR A 277 -12.73 7.61 1.96
CA THR A 277 -13.53 8.60 1.25
C THR A 277 -14.41 9.39 2.21
N TYR A 278 -15.14 8.69 3.08
CA TYR A 278 -15.97 9.36 4.07
C TYR A 278 -15.14 10.25 5.01
N ASN A 279 -14.04 9.71 5.56
CA ASN A 279 -13.18 10.49 6.44
C ASN A 279 -12.57 11.71 5.74
N SER A 280 -12.32 11.61 4.43
CA SER A 280 -11.87 12.77 3.67
C SER A 280 -12.96 13.82 3.55
N ILE A 281 -14.20 13.41 3.29
CA ILE A 281 -15.31 14.35 3.34
C ILE A 281 -15.48 14.94 4.73
N MET A 282 -15.30 14.13 5.78
CA MET A 282 -15.36 14.61 7.15
C MET A 282 -14.23 15.56 7.54
N LYS A 283 -13.11 15.54 6.81
CA LYS A 283 -12.13 16.58 7.05
C LYS A 283 -12.51 17.92 6.41
N CYS A 284 -13.45 17.90 5.48
CA CYS A 284 -13.91 19.12 4.81
C CYS A 284 -14.91 19.90 5.68
N ASP A 285 -14.93 21.22 5.44
CA ASP A 285 -15.87 22.11 6.11
C ASP A 285 -17.30 21.67 5.86
N ILE A 286 -18.17 21.82 6.87
CA ILE A 286 -19.45 21.14 6.87
C ILE A 286 -20.39 21.66 5.79
N ASP A 287 -20.15 22.87 5.27
CA ASP A 287 -21.02 23.42 4.24
C ASP A 287 -20.85 22.69 2.91
N ILE A 288 -19.64 22.24 2.58
CA ILE A 288 -19.36 21.71 1.24
C ILE A 288 -19.59 20.20 1.14
N ARG A 289 -19.74 19.51 2.27
CA ARG A 289 -19.86 18.06 2.27
C ARG A 289 -21.01 17.56 1.40
N LYS A 290 -22.13 18.28 1.39
CA LYS A 290 -23.27 17.88 0.56
C LYS A 290 -22.92 17.85 -0.93
N ASP A 291 -22.06 18.75 -1.39
CA ASP A 291 -21.65 18.74 -2.80
C ASP A 291 -20.56 17.73 -3.07
N LEU A 292 -19.76 17.39 -2.06
CA LEU A 292 -18.82 16.29 -2.25
C LEU A 292 -19.57 14.97 -2.35
N TYR A 293 -20.55 14.76 -1.47
CA TYR A 293 -21.40 13.58 -1.59
C TYR A 293 -22.08 13.55 -2.95
N ALA A 294 -22.50 14.71 -3.45
CA ALA A 294 -23.15 14.77 -4.76
C ALA A 294 -22.16 14.69 -5.91
N ASN A 295 -20.86 14.63 -5.63
CA ASN A 295 -19.85 14.69 -6.70
C ASN A 295 -18.64 13.83 -6.34
N ASN A 296 -18.87 12.54 -6.03
CA ASN A 296 -17.77 11.59 -5.97
C ASN A 296 -17.33 11.22 -7.38
N VAL A 297 -16.08 11.55 -7.72
CA VAL A 297 -15.48 11.20 -9.00
C VAL A 297 -14.50 10.03 -8.81
N MET A 298 -14.69 8.97 -9.59
CA MET A 298 -13.82 7.79 -9.53
C MET A 298 -12.91 7.79 -10.75
N SER A 299 -11.63 7.50 -10.54
CA SER A 299 -10.69 7.42 -11.65
C SER A 299 -9.61 6.40 -11.33
N GLY A 300 -8.86 6.02 -12.35
CA GLY A 300 -7.80 5.04 -12.23
C GLY A 300 -8.26 3.62 -12.51
N GLY A 301 -7.32 2.83 -13.04
CA GLY A 301 -7.67 1.52 -13.58
C GLY A 301 -8.34 0.58 -12.59
N THR A 302 -7.91 0.62 -11.33
CA THR A 302 -8.54 -0.24 -10.32
C THR A 302 -9.93 0.22 -9.90
N THR A 303 -10.48 1.28 -10.49
CA THR A 303 -11.90 1.57 -10.38
C THR A 303 -12.72 0.94 -11.50
N MET A 304 -12.10 0.13 -12.37
CA MET A 304 -12.81 -0.44 -13.50
C MET A 304 -13.56 -1.72 -13.14
N TYR A 305 -13.36 -2.27 -11.95
CA TYR A 305 -14.02 -3.52 -11.58
C TYR A 305 -15.53 -3.38 -11.71
N PRO A 306 -16.21 -4.34 -12.34
CA PRO A 306 -17.67 -4.35 -12.33
C PRO A 306 -18.25 -4.27 -10.92
N GLY A 307 -19.26 -3.42 -10.75
CA GLY A 307 -19.93 -3.28 -9.48
C GLY A 307 -19.23 -2.42 -8.44
N ILE A 308 -18.05 -1.89 -8.73
CA ILE A 308 -17.34 -1.09 -7.73
C ILE A 308 -18.09 0.21 -7.44
N ALA A 309 -18.72 0.81 -8.45
CA ALA A 309 -19.50 2.01 -8.21
C ALA A 309 -20.73 1.73 -7.36
N ASP A 310 -21.43 0.61 -7.62
CA ASP A 310 -22.57 0.21 -6.81
C ASP A 310 -22.18 -0.08 -5.37
N ARG A 311 -21.12 -0.87 -5.17
CA ARG A 311 -20.62 -1.13 -3.82
C ARG A 311 -20.19 0.14 -3.12
N MET A 312 -19.45 1.01 -3.80
CA MET A 312 -19.03 2.27 -3.19
C MET A 312 -20.22 3.14 -2.79
N GLN A 313 -21.25 3.19 -3.64
CA GLN A 313 -22.44 3.96 -3.32
C GLN A 313 -23.19 3.37 -2.13
N LYS A 314 -23.34 2.04 -2.10
CA LYS A 314 -23.94 1.40 -0.93
C LYS A 314 -23.17 1.73 0.35
N GLU A 315 -21.84 1.59 0.31
CA GLU A 315 -21.04 1.79 1.52
C GLU A 315 -21.05 3.25 1.99
N ILE A 316 -20.92 4.21 1.07
CA ILE A 316 -20.99 5.59 1.51
C ILE A 316 -22.40 5.99 1.93
N THR A 317 -23.44 5.46 1.27
CA THR A 317 -24.79 5.73 1.72
C THR A 317 -25.06 5.14 3.09
N ALA A 318 -24.34 4.08 3.46
CA ALA A 318 -24.42 3.57 4.82
C ALA A 318 -23.63 4.43 5.79
N LEU A 319 -22.52 5.02 5.33
CA LEU A 319 -21.73 5.90 6.19
C LEU A 319 -22.35 7.28 6.34
N ALA A 320 -22.73 7.90 5.22
CA ALA A 320 -23.18 9.28 5.21
C ALA A 320 -24.60 9.43 5.75
N PRO A 321 -24.93 10.63 6.25
CA PRO A 321 -26.29 10.88 6.77
C PRO A 321 -27.38 10.62 5.74
N SER A 322 -28.51 10.11 6.25
CA SER A 322 -29.55 9.49 5.42
C SER A 322 -30.07 10.45 4.35
N THR A 323 -30.02 11.76 4.60
CA THR A 323 -30.53 12.71 3.62
C THR A 323 -29.60 12.90 2.42
N MET A 324 -28.30 12.68 2.60
CA MET A 324 -27.33 13.08 1.59
C MET A 324 -27.51 12.25 0.33
N LYS A 325 -27.60 12.94 -0.82
CA LYS A 325 -27.73 12.30 -2.14
C LYS A 325 -26.36 11.82 -2.61
N ILE A 326 -25.95 10.66 -2.10
CA ILE A 326 -24.66 10.11 -2.48
C ILE A 326 -24.70 9.74 -3.96
N LYS A 327 -23.81 10.34 -4.74
CA LYS A 327 -23.71 10.10 -6.17
C LYS A 327 -22.26 9.87 -6.54
N ILE A 328 -22.02 8.88 -7.41
CA ILE A 328 -20.67 8.54 -7.86
C ILE A 328 -20.59 8.76 -9.37
N ILE A 329 -19.65 9.60 -9.78
CA ILE A 329 -19.39 9.85 -11.21
C ILE A 329 -18.25 8.90 -11.59
N ALA A 330 -18.62 7.71 -12.06
CA ALA A 330 -17.68 6.70 -12.54
C ALA A 330 -17.98 6.44 -14.01
N PRO A 331 -17.56 7.33 -14.91
CA PRO A 331 -17.92 7.19 -16.31
C PRO A 331 -17.11 6.09 -16.98
N PRO A 332 -17.47 5.69 -18.19
CA PRO A 332 -16.52 5.04 -19.11
C PRO A 332 -15.24 5.86 -19.32
N GLU A 333 -14.18 5.16 -19.76
CA GLU A 333 -12.85 5.72 -19.96
C GLU A 333 -12.28 6.41 -18.72
N ARG A 334 -12.86 6.15 -17.54
CA ARG A 334 -12.29 6.68 -16.30
C ARG A 334 -10.88 6.17 -16.05
N LYS A 335 -10.47 5.11 -16.74
CA LYS A 335 -9.07 4.68 -16.75
C LYS A 335 -8.14 5.74 -17.32
N TYR A 336 -8.57 6.46 -18.35
CA TYR A 336 -7.76 7.51 -18.97
C TYR A 336 -8.07 8.92 -18.50
N SER A 337 -8.92 9.08 -17.49
CA SER A 337 -9.37 10.42 -17.11
C SER A 337 -8.23 11.31 -16.61
N VAL A 338 -7.20 10.75 -15.99
CA VAL A 338 -6.08 11.59 -15.58
C VAL A 338 -5.34 12.15 -16.79
N TRP A 339 -5.13 11.32 -17.81
CA TRP A 339 -4.52 11.85 -19.04
C TRP A 339 -5.44 12.82 -19.75
N ILE A 340 -6.73 12.51 -19.87
CA ILE A 340 -7.66 13.44 -20.53
C ILE A 340 -7.70 14.78 -19.82
N GLY A 341 -7.63 14.76 -18.48
CA GLY A 341 -7.52 16.01 -17.74
C GLY A 341 -6.24 16.76 -17.99
N GLY A 342 -5.13 16.03 -18.15
CA GLY A 342 -3.90 16.70 -18.55
C GLY A 342 -3.95 17.25 -19.97
N SER A 343 -4.62 16.53 -20.87
CA SER A 343 -4.81 17.00 -22.24
C SER A 343 -5.63 18.28 -22.30
N ILE A 344 -6.66 18.37 -21.44
CA ILE A 344 -7.39 19.63 -21.28
C ILE A 344 -6.49 20.72 -20.73
N LEU A 345 -5.92 20.49 -19.54
CA LEU A 345 -5.19 21.54 -18.85
C LEU A 345 -4.01 22.07 -19.69
N ALA A 346 -3.21 21.18 -20.25
CA ALA A 346 -2.05 21.58 -21.04
C ALA A 346 -2.43 22.38 -22.29
N SER A 347 -3.67 22.24 -22.77
CA SER A 347 -4.10 22.97 -23.96
C SER A 347 -5.00 24.16 -23.62
N LEU A 348 -5.21 24.40 -22.33
CA LEU A 348 -6.02 25.52 -21.88
C LEU A 348 -5.25 26.83 -22.05
N SER A 349 -5.95 27.86 -22.53
CA SER A 349 -5.28 29.12 -22.90
C SER A 349 -4.62 29.79 -21.69
N THR A 350 -5.27 29.72 -20.53
CA THR A 350 -4.76 30.39 -19.34
C THR A 350 -3.62 29.64 -18.67
N PHE A 351 -3.48 28.35 -18.94
CA PHE A 351 -2.43 27.55 -18.32
C PHE A 351 -1.04 27.88 -18.87
N GLN A 352 -0.94 28.54 -20.02
CA GLN A 352 0.35 28.84 -20.61
C GLN A 352 1.19 29.78 -19.76
N GLN A 353 0.59 30.42 -18.74
CA GLN A 353 1.36 31.14 -17.74
C GLN A 353 2.08 30.20 -16.78
N MET A 354 1.57 28.99 -16.61
CA MET A 354 1.90 28.13 -15.48
C MET A 354 3.15 27.29 -15.69
N TRP A 355 3.62 27.13 -16.93
CA TRP A 355 4.77 26.29 -17.22
C TRP A 355 6.00 26.75 -16.43
N ILE A 356 6.77 25.80 -15.95
CA ILE A 356 8.16 26.02 -15.55
C ILE A 356 8.99 26.24 -16.81
N THR A 357 9.39 27.48 -17.08
CA THR A 357 10.27 27.68 -18.21
C THR A 357 11.69 27.27 -17.86
N LYS A 358 12.47 26.93 -18.89
CA LYS A 358 13.86 26.56 -18.67
C LYS A 358 14.68 27.72 -18.11
N GLN A 359 14.30 28.96 -18.42
CA GLN A 359 14.92 30.10 -17.77
C GLN A 359 14.70 30.10 -16.26
N GLU A 360 13.49 29.76 -15.82
CA GLU A 360 13.24 29.63 -14.39
C GLU A 360 14.01 28.49 -13.76
N TYR A 361 14.22 27.39 -14.48
CA TYR A 361 15.05 26.32 -13.95
C TYR A 361 16.53 26.73 -13.86
N ASP A 362 17.03 27.42 -14.88
CA ASP A 362 18.40 27.95 -14.83
C ASP A 362 18.57 28.98 -13.72
N GLU A 363 17.50 29.68 -13.34
CA GLU A 363 17.58 30.61 -12.22
C GLU A 363 17.43 29.93 -10.85
N ALA A 364 16.61 28.90 -10.72
CA ALA A 364 16.20 28.43 -9.40
C ALA A 364 16.45 26.95 -9.10
N GLY A 365 16.99 26.17 -10.03
CA GLY A 365 17.25 24.78 -9.80
C GLY A 365 16.00 23.98 -9.53
N PRO A 366 16.15 22.72 -9.12
CA PRO A 366 14.99 21.86 -8.85
C PRO A 366 13.98 22.44 -7.86
N SER A 367 14.43 23.32 -6.97
CA SER A 367 13.54 23.91 -5.97
C SER A 367 12.39 24.71 -6.56
N ILE A 368 12.48 25.14 -7.83
CA ILE A 368 11.43 25.97 -8.42
C ILE A 368 10.09 25.23 -8.45
N VAL A 369 10.10 23.91 -8.61
CA VAL A 369 8.87 23.17 -8.84
C VAL A 369 8.05 22.97 -7.58
N HIS A 370 8.60 23.32 -6.42
CA HIS A 370 7.80 23.44 -5.21
C HIS A 370 7.15 24.81 -5.09
N ARG A 371 7.72 25.83 -5.73
CA ARG A 371 7.20 27.19 -5.62
C ARG A 371 6.00 27.41 -6.55
N LYS A 372 6.10 26.96 -7.80
CA LYS A 372 5.05 27.20 -8.78
C LYS A 372 3.95 26.13 -8.73
N CYS A 373 4.32 24.86 -8.87
CA CYS A 373 3.32 23.82 -8.92
C CYS A 373 2.68 23.61 -7.56
N PHE A 374 1.40 23.26 -7.56
CA PHE A 374 0.66 23.03 -6.32
C PHE A 374 1.12 21.75 -5.64
N ALA B 17 -24.66 8.40 -19.14
CA ALA B 17 -24.48 9.73 -19.73
C ALA B 17 -23.60 9.66 -20.97
N PRO B 18 -23.87 10.51 -21.94
CA PRO B 18 -23.09 10.49 -23.18
C PRO B 18 -21.71 11.10 -22.97
N ARG B 19 -20.80 10.72 -23.87
CA ARG B 19 -19.46 11.31 -23.86
C ARG B 19 -19.51 12.76 -24.31
N ARG B 20 -18.45 13.49 -23.99
CA ARG B 20 -18.13 14.75 -24.64
C ARG B 20 -16.62 14.86 -24.83
N SER B 21 -16.23 15.46 -25.95
CA SER B 21 -14.84 15.53 -26.35
C SER B 21 -14.04 16.46 -25.43
N VAL B 22 -12.72 16.33 -25.56
CA VAL B 22 -11.78 17.28 -24.96
C VAL B 22 -12.03 18.70 -25.43
N GLY B 23 -12.45 18.88 -26.69
CA GLY B 23 -12.82 20.21 -27.15
C GLY B 23 -13.95 20.84 -26.34
N GLU B 24 -15.02 20.09 -26.13
CA GLU B 24 -16.14 20.60 -25.34
C GLU B 24 -15.75 20.83 -23.88
N LEU B 25 -14.94 19.93 -23.31
CA LEU B 25 -14.51 20.14 -21.93
C LEU B 25 -13.62 21.35 -21.81
N ARG B 26 -12.70 21.55 -22.76
CA ARG B 26 -11.92 22.77 -22.78
C ARG B 26 -12.82 24.00 -22.86
N LEU B 27 -13.84 23.94 -23.73
CA LEU B 27 -14.77 25.07 -23.85
C LEU B 27 -15.48 25.37 -22.53
N LEU B 28 -15.72 24.34 -21.71
CA LEU B 28 -16.28 24.57 -20.39
C LEU B 28 -15.37 25.41 -19.51
N PHE B 29 -14.09 25.05 -19.42
CA PHE B 29 -13.17 25.76 -18.55
C PHE B 29 -12.78 27.12 -19.13
N GLU B 30 -12.74 27.24 -20.45
CA GLU B 30 -12.59 28.55 -21.09
C GLU B 30 -13.75 29.48 -20.73
N ALA B 31 -14.99 28.99 -20.86
CA ALA B 31 -16.14 29.82 -20.53
C ALA B 31 -16.17 30.18 -19.03
N ARG B 32 -15.83 29.24 -18.16
CA ARG B 32 -15.75 29.54 -16.73
C ARG B 32 -14.66 30.57 -16.41
N CYS B 33 -13.48 30.42 -17.02
CA CYS B 33 -12.39 31.37 -16.76
C CYS B 33 -12.71 32.75 -17.32
N ALA B 34 -13.37 32.81 -18.49
CA ALA B 34 -13.88 34.09 -18.98
C ALA B 34 -14.91 34.69 -18.02
N ALA B 35 -15.81 33.86 -17.49
CA ALA B 35 -16.82 34.34 -16.56
C ALA B 35 -16.20 34.94 -15.29
N VAL B 36 -15.20 34.25 -14.72
CA VAL B 36 -14.52 34.81 -13.56
C VAL B 36 -13.67 36.03 -13.91
N ALA B 37 -13.07 36.07 -15.11
CA ALA B 37 -12.33 37.25 -15.53
C ALA B 37 -13.23 38.46 -15.73
N ALA B 38 -14.46 38.24 -16.17
CA ALA B 38 -15.45 39.31 -16.21
C ALA B 38 -15.93 39.68 -14.81
N ALA B 39 -16.04 38.70 -13.92
CA ALA B 39 -16.48 38.99 -12.56
C ALA B 39 -15.39 39.70 -11.76
N ALA B 40 -14.13 39.42 -12.06
CA ALA B 40 -13.01 40.02 -11.35
C ALA B 40 -13.02 41.54 -11.48
N THR C 4 41.65 -16.61 -43.29
CA THR C 4 41.49 -17.89 -43.98
C THR C 4 40.12 -18.49 -43.65
N THR C 5 39.56 -19.22 -44.61
CA THR C 5 38.23 -19.78 -44.44
C THR C 5 38.21 -20.78 -43.29
N ALA C 6 37.22 -20.66 -42.42
CA ALA C 6 37.17 -21.50 -41.22
C ALA C 6 36.88 -22.95 -41.60
N LEU C 7 37.06 -23.83 -40.63
CA LEU C 7 36.91 -25.26 -40.82
C LEU C 7 35.96 -25.82 -39.76
N VAL C 8 35.01 -26.64 -40.19
CA VAL C 8 33.98 -27.17 -39.30
C VAL C 8 34.13 -28.68 -39.28
N CYS C 9 34.31 -29.25 -38.08
CA CYS C 9 34.59 -30.67 -37.91
C CYS C 9 33.69 -31.19 -36.80
N ASP C 10 32.53 -31.74 -37.17
CA ASP C 10 31.58 -32.30 -36.21
C ASP C 10 32.02 -33.70 -35.83
N ASN C 11 32.94 -33.78 -34.88
CA ASN C 11 33.24 -35.03 -34.18
C ASN C 11 32.11 -35.43 -33.25
N GLY C 12 30.91 -35.62 -33.78
CA GLY C 12 29.91 -36.41 -33.11
C GLY C 12 30.32 -37.87 -33.01
N SER C 13 29.43 -38.65 -32.41
CA SER C 13 29.64 -40.09 -32.34
C SER C 13 29.24 -40.77 -33.64
N GLY C 14 29.90 -41.88 -33.93
CA GLY C 14 29.53 -42.73 -35.04
C GLY C 14 30.00 -42.25 -36.40
N LEU C 15 29.63 -41.04 -36.80
CA LEU C 15 30.12 -40.44 -38.04
C LEU C 15 30.83 -39.13 -37.73
N VAL C 16 32.02 -38.95 -38.28
CA VAL C 16 32.60 -37.63 -38.45
C VAL C 16 31.93 -36.92 -39.62
N LYS C 17 31.48 -35.69 -39.40
CA LYS C 17 31.11 -34.77 -40.47
C LYS C 17 32.09 -33.60 -40.43
N ALA C 18 32.79 -33.38 -41.54
CA ALA C 18 33.78 -32.31 -41.61
C ALA C 18 33.76 -31.64 -42.97
N GLY C 19 34.17 -30.38 -42.99
CA GLY C 19 34.23 -29.61 -44.21
C GLY C 19 34.46 -28.15 -43.91
N PHE C 20 34.76 -27.40 -44.97
CA PHE C 20 35.01 -25.97 -44.81
C PHE C 20 33.73 -25.22 -44.50
N ALA C 21 33.87 -24.12 -43.77
CA ALA C 21 32.72 -23.29 -43.46
C ALA C 21 32.24 -22.57 -44.73
N GLY C 22 30.93 -22.38 -44.82
CA GLY C 22 30.32 -21.80 -45.99
C GLY C 22 29.91 -22.79 -47.06
N ASP C 23 30.41 -24.03 -47.00
CA ASP C 23 29.90 -25.09 -47.86
C ASP C 23 28.51 -25.52 -47.40
N ASP C 24 27.71 -25.95 -48.38
CA ASP C 24 26.34 -26.38 -48.09
C ASP C 24 26.27 -27.76 -47.46
N ALA C 25 27.32 -28.57 -47.57
CA ALA C 25 27.28 -29.93 -47.04
C ALA C 25 28.68 -30.38 -46.70
N PRO C 26 28.85 -31.24 -45.70
CA PRO C 26 30.18 -31.69 -45.29
C PRO C 26 30.81 -32.55 -46.40
N ARG C 27 32.00 -32.16 -46.84
CA ARG C 27 32.65 -32.87 -47.93
C ARG C 27 33.41 -34.11 -47.46
N ALA C 28 33.57 -34.31 -46.16
CA ALA C 28 34.06 -35.57 -45.60
C ALA C 28 33.05 -36.08 -44.58
N VAL C 29 32.36 -37.17 -44.92
CA VAL C 29 31.54 -37.92 -43.98
C VAL C 29 32.00 -39.37 -43.99
N PHE C 30 32.45 -39.85 -42.82
CA PHE C 30 33.00 -41.19 -42.72
C PHE C 30 32.82 -41.66 -41.28
N PRO C 31 32.82 -42.98 -41.05
CA PRO C 31 32.57 -43.48 -39.69
C PRO C 31 33.73 -43.22 -38.75
N SER C 32 33.39 -42.87 -37.51
CA SER C 32 34.39 -42.57 -36.49
C SER C 32 34.95 -43.86 -35.88
N ILE C 33 35.54 -44.69 -36.74
CA ILE C 33 36.00 -46.02 -36.37
C ILE C 33 37.51 -46.09 -36.53
N VAL C 34 38.16 -46.73 -35.57
CA VAL C 34 39.54 -47.21 -35.72
C VAL C 34 39.52 -48.73 -35.67
N GLY C 35 40.13 -49.36 -36.67
CA GLY C 35 40.22 -50.80 -36.73
C GLY C 35 41.67 -51.27 -36.72
N ARG C 36 41.94 -52.32 -35.95
CA ARG C 36 43.27 -52.88 -35.85
C ARG C 36 43.22 -54.36 -36.20
N PRO C 37 44.20 -54.86 -36.97
CA PRO C 37 44.14 -56.25 -37.44
C PRO C 37 43.89 -57.25 -36.32
N ARG C 38 42.92 -58.13 -36.53
CA ARG C 38 42.53 -59.10 -35.52
C ARG C 38 43.38 -60.35 -35.55
N HIS C 39 43.87 -60.74 -36.72
CA HIS C 39 44.48 -62.06 -36.93
C HIS C 39 45.99 -61.94 -37.12
N GLN C 40 46.60 -63.09 -37.39
CA GLN C 40 48.02 -63.21 -37.69
C GLN C 40 48.39 -62.37 -38.91
N GLY C 41 49.70 -62.20 -39.09
CA GLY C 41 50.29 -61.36 -40.12
C GLY C 41 50.94 -62.19 -41.21
N VAL C 42 50.22 -63.25 -41.61
CA VAL C 42 50.83 -64.38 -42.32
C VAL C 42 51.57 -63.93 -43.57
N MET C 43 51.02 -62.96 -44.30
CA MET C 43 51.42 -62.71 -45.68
C MET C 43 52.27 -61.43 -45.74
N VAL C 44 53.59 -61.63 -45.74
CA VAL C 44 54.56 -60.55 -45.91
C VAL C 44 54.53 -60.05 -47.34
N GLY C 45 55.31 -59.03 -47.64
CA GLY C 45 55.18 -58.31 -48.89
C GLY C 45 54.09 -57.29 -48.91
N MET C 46 53.52 -56.95 -47.76
CA MET C 46 52.54 -55.89 -47.63
C MET C 46 52.85 -55.10 -46.37
N GLY C 47 52.37 -53.85 -46.33
CA GLY C 47 52.56 -53.04 -45.13
C GLY C 47 51.83 -53.58 -43.93
N GLN C 48 50.68 -54.21 -44.12
CA GLN C 48 49.89 -54.79 -43.04
C GLN C 48 49.68 -53.79 -41.90
N LYS C 49 49.49 -52.53 -42.26
CA LYS C 49 49.74 -51.41 -41.34
C LYS C 49 48.91 -51.56 -40.07
N ASP C 50 49.45 -51.00 -38.98
CA ASP C 50 48.94 -51.27 -37.64
C ASP C 50 47.50 -50.80 -37.44
N SER C 51 47.04 -49.82 -38.19
CA SER C 51 45.73 -49.24 -37.90
C SER C 51 45.08 -48.72 -39.18
N TYR C 52 43.74 -48.82 -39.20
CA TYR C 52 42.91 -48.34 -40.29
C TYR C 52 41.77 -47.54 -39.70
N VAL C 53 41.40 -46.44 -40.35
CA VAL C 53 40.36 -45.56 -39.84
C VAL C 53 39.38 -45.22 -40.96
N GLY C 54 38.13 -44.97 -40.56
CA GLY C 54 37.08 -44.59 -41.50
C GLY C 54 36.76 -45.64 -42.55
N ASP C 55 36.64 -45.17 -43.80
CA ASP C 55 36.34 -46.07 -44.91
C ASP C 55 37.43 -47.12 -45.08
N GLU C 56 38.66 -46.83 -44.66
CA GLU C 56 39.68 -47.88 -44.63
C GLU C 56 39.21 -49.04 -43.77
N ALA C 57 38.70 -48.72 -42.58
CA ALA C 57 38.28 -49.74 -41.63
C ALA C 57 37.02 -50.46 -42.11
N GLN C 58 36.12 -49.74 -42.77
CA GLN C 58 34.96 -50.40 -43.38
C GLN C 58 35.37 -51.32 -44.52
N SER C 59 36.33 -50.91 -45.34
CA SER C 59 36.80 -51.76 -46.43
C SER C 59 37.51 -53.02 -45.94
N LYS C 60 37.97 -53.04 -44.69
CA LYS C 60 38.65 -54.19 -44.11
C LYS C 60 37.86 -54.79 -42.95
N ARG C 61 36.59 -54.40 -42.81
CA ARG C 61 35.79 -54.65 -41.62
C ARG C 61 35.96 -56.04 -41.02
N GLY C 62 35.89 -57.07 -41.85
CA GLY C 62 35.87 -58.43 -41.36
C GLY C 62 37.18 -59.03 -40.91
N ILE C 63 38.27 -58.25 -40.88
CA ILE C 63 39.52 -58.70 -40.27
C ILE C 63 39.99 -57.76 -39.17
N LEU C 64 39.17 -56.77 -38.81
CA LEU C 64 39.55 -55.77 -37.82
C LEU C 64 38.63 -55.87 -36.61
N THR C 65 39.19 -55.67 -35.43
CA THR C 65 38.41 -55.37 -34.24
C THR C 65 38.06 -53.89 -34.25
N LEU C 66 36.89 -53.56 -34.80
CA LEU C 66 36.46 -52.18 -34.84
C LEU C 66 36.15 -51.67 -33.44
N LYS C 67 36.53 -50.41 -33.18
CA LYS C 67 36.20 -49.74 -31.93
C LYS C 67 35.83 -48.29 -32.22
N TYR C 68 34.89 -47.77 -31.44
CA TYR C 68 34.56 -46.35 -31.50
C TYR C 68 35.22 -45.64 -30.33
N PRO C 69 36.06 -44.63 -30.56
CA PRO C 69 36.76 -43.97 -29.46
C PRO C 69 35.94 -42.91 -28.76
N ILE C 70 34.74 -42.60 -29.24
CA ILE C 70 33.82 -41.70 -28.58
C ILE C 70 32.55 -42.48 -28.26
N GLU C 71 32.21 -42.54 -26.97
CA GLU C 71 31.14 -43.41 -26.50
C GLU C 71 30.23 -42.63 -25.55
N GLY C 73 28.82 -39.90 -26.38
CA GLY C 73 29.26 -38.53 -26.59
C GLY C 73 30.54 -38.16 -25.86
N ILE C 74 31.12 -39.12 -25.16
CA ILE C 74 32.36 -38.91 -24.40
C ILE C 74 33.49 -39.59 -25.14
N ILE C 75 34.57 -38.86 -25.38
CA ILE C 75 35.77 -39.43 -25.98
C ILE C 75 36.50 -40.27 -24.95
N THR C 76 36.50 -41.59 -25.15
CA THR C 76 37.11 -42.53 -24.21
C THR C 76 38.55 -42.86 -24.56
N ASN C 77 39.02 -42.54 -25.76
CA ASN C 77 40.25 -43.14 -26.30
C ASN C 77 40.96 -42.06 -27.13
N TRP C 78 41.64 -41.16 -26.43
CA TRP C 78 42.25 -40.00 -27.07
C TRP C 78 43.34 -40.39 -28.05
N ASP C 79 44.05 -41.49 -27.80
CA ASP C 79 45.09 -41.94 -28.72
C ASP C 79 44.52 -42.30 -30.09
N ASP C 80 43.31 -42.85 -30.13
CA ASP C 80 42.65 -43.15 -31.40
C ASP C 80 41.84 -41.99 -31.95
N MET C 81 41.24 -41.17 -31.07
CA MET C 81 40.57 -39.97 -31.55
C MET C 81 41.55 -39.03 -32.25
N GLU C 82 42.77 -38.90 -31.72
CA GLU C 82 43.78 -38.10 -32.39
C GLU C 82 44.16 -38.68 -33.74
N LYS C 83 44.00 -39.99 -33.91
CA LYS C 83 44.15 -40.61 -35.24
C LYS C 83 42.98 -40.24 -36.15
N ILE C 84 41.77 -40.17 -35.58
CA ILE C 84 40.61 -39.80 -36.38
C ILE C 84 40.71 -38.35 -36.84
N TRP C 85 41.15 -37.45 -35.96
CA TRP C 85 41.41 -36.07 -36.36
C TRP C 85 42.54 -35.97 -37.39
N HIS C 86 43.64 -36.70 -37.19
CA HIS C 86 44.70 -36.72 -38.20
C HIS C 86 44.16 -37.18 -39.55
N HIS C 87 43.38 -38.26 -39.57
CA HIS C 87 42.79 -38.72 -40.82
C HIS C 87 41.88 -37.68 -41.43
N THR C 88 41.04 -37.04 -40.61
CA THR C 88 40.13 -36.01 -41.07
C THR C 88 40.88 -34.89 -41.77
N PHE C 89 41.93 -34.37 -41.14
CA PHE C 89 42.61 -33.22 -41.72
C PHE C 89 43.50 -33.61 -42.89
N TYR C 90 44.38 -34.60 -42.71
CA TYR C 90 45.39 -34.87 -43.73
C TYR C 90 44.94 -35.81 -44.85
N ASN C 91 44.07 -36.77 -44.59
CA ASN C 91 43.70 -37.74 -45.62
C ASN C 91 42.36 -37.43 -46.28
N GLU C 92 41.36 -37.02 -45.50
CA GLU C 92 40.04 -36.72 -46.06
C GLU C 92 39.96 -35.29 -46.57
N LEU C 93 40.13 -34.31 -45.67
CA LEU C 93 40.08 -32.92 -46.10
C LEU C 93 41.35 -32.44 -46.78
N ARG C 94 42.47 -33.14 -46.57
CA ARG C 94 43.74 -32.83 -47.25
C ARG C 94 44.16 -31.38 -47.03
N VAL C 95 44.24 -30.98 -45.76
CA VAL C 95 44.45 -29.59 -45.38
C VAL C 95 45.32 -29.55 -44.13
N ALA C 96 46.13 -28.49 -44.02
CA ALA C 96 47.03 -28.32 -42.89
C ALA C 96 46.31 -27.48 -41.84
N PRO C 97 46.02 -28.03 -40.66
CA PRO C 97 45.16 -27.31 -39.70
C PRO C 97 45.75 -26.00 -39.20
N GLU C 98 47.07 -25.81 -39.28
CA GLU C 98 47.70 -24.58 -38.83
C GLU C 98 47.31 -23.35 -39.64
N GLU C 99 46.46 -23.48 -40.67
CA GLU C 99 45.91 -22.32 -41.35
C GLU C 99 44.43 -22.09 -41.11
N HIS C 100 43.73 -23.05 -40.53
CA HIS C 100 42.26 -23.03 -40.51
C HIS C 100 41.69 -23.07 -39.10
N PRO C 101 41.07 -22.00 -38.62
CA PRO C 101 40.44 -22.06 -37.29
C PRO C 101 39.28 -23.05 -37.32
N THR C 102 39.24 -23.92 -36.33
CA THR C 102 38.38 -25.10 -36.35
C THR C 102 37.27 -24.94 -35.33
N LEU C 103 36.03 -24.97 -35.82
CA LEU C 103 34.85 -25.05 -34.95
C LEU C 103 34.57 -26.52 -34.67
N LEU C 104 34.96 -26.98 -33.49
CA LEU C 104 34.48 -28.25 -32.98
C LEU C 104 33.08 -28.08 -32.39
N THR C 105 32.46 -29.19 -32.06
CA THR C 105 31.20 -29.16 -31.34
C THR C 105 31.04 -30.44 -30.52
N GLU C 106 30.27 -30.34 -29.44
CA GLU C 106 30.03 -31.47 -28.56
C GLU C 106 28.64 -31.35 -27.96
N ALA C 107 28.16 -32.47 -27.40
CA ALA C 107 26.88 -32.48 -26.71
C ALA C 107 26.95 -31.70 -25.40
N PRO C 108 25.82 -31.21 -24.92
CA PRO C 108 25.78 -30.54 -23.62
C PRO C 108 25.82 -31.55 -22.48
N LEU C 109 26.03 -31.02 -21.27
CA LEU C 109 26.13 -31.84 -20.06
C LEU C 109 27.16 -32.96 -20.23
N ASN C 110 28.39 -32.55 -20.53
CA ASN C 110 29.45 -33.45 -20.96
C ASN C 110 30.71 -33.13 -20.18
N PRO C 111 31.49 -34.15 -19.79
CA PRO C 111 32.63 -33.91 -18.90
C PRO C 111 33.57 -32.82 -19.42
N LYS C 112 33.91 -31.88 -18.54
CA LYS C 112 34.80 -30.79 -18.90
C LYS C 112 36.20 -31.26 -19.29
N ALA C 113 36.59 -32.46 -18.83
CA ALA C 113 37.82 -33.08 -19.30
C ALA C 113 37.85 -33.28 -20.81
N ASN C 114 36.69 -33.55 -21.41
CA ASN C 114 36.68 -33.72 -22.87
C ASN C 114 36.97 -32.41 -23.58
N ARG C 115 36.21 -31.36 -23.25
CA ARG C 115 36.42 -30.05 -23.84
C ARG C 115 37.85 -29.53 -23.63
N GLU C 116 38.43 -29.82 -22.46
CA GLU C 116 39.83 -29.49 -22.22
C GLU C 116 40.81 -30.31 -23.06
N LYS C 117 40.60 -31.62 -23.17
CA LYS C 117 41.53 -32.40 -23.97
C LYS C 117 41.42 -32.09 -25.46
N MET C 118 40.20 -31.86 -25.96
CA MET C 118 40.03 -31.34 -27.31
C MET C 118 40.78 -30.03 -27.53
N THR C 119 40.73 -29.13 -26.54
CA THR C 119 41.48 -27.88 -26.65
C THR C 119 42.98 -28.12 -26.71
N GLN C 120 43.49 -28.91 -25.77
CA GLN C 120 44.91 -29.27 -25.76
C GLN C 120 45.34 -29.86 -27.10
N ILE C 121 44.57 -30.82 -27.62
CA ILE C 121 44.94 -31.51 -28.84
C ILE C 121 44.93 -30.56 -30.03
N MET C 122 43.88 -29.74 -30.15
CA MET C 122 43.79 -28.81 -31.27
C MET C 122 44.92 -27.79 -31.24
N PHE C 123 45.22 -27.22 -30.08
CA PHE C 123 46.25 -26.19 -30.01
C PHE C 123 47.69 -26.70 -29.96
N GLU C 124 47.93 -27.93 -29.51
CA GLU C 124 49.29 -28.42 -29.36
C GLU C 124 49.69 -29.54 -30.32
N THR C 125 48.75 -30.37 -30.76
CA THR C 125 49.05 -31.31 -31.83
C THR C 125 48.88 -30.68 -33.21
N PHE C 126 47.76 -30.01 -33.46
CA PHE C 126 47.45 -29.48 -34.78
C PHE C 126 47.80 -28.01 -34.92
N ASN C 127 48.24 -27.36 -33.84
CA ASN C 127 48.72 -25.98 -33.88
C ASN C 127 47.71 -25.00 -34.49
N VAL C 128 46.42 -25.35 -34.44
CA VAL C 128 45.42 -24.58 -35.20
C VAL C 128 45.41 -23.14 -34.71
N PRO C 129 45.18 -22.16 -35.60
CA PRO C 129 45.20 -20.76 -35.17
C PRO C 129 44.16 -20.42 -34.12
N ALA C 130 42.98 -21.03 -34.21
CA ALA C 130 41.91 -20.76 -33.24
C ALA C 130 40.91 -21.92 -33.29
N MET C 131 40.05 -21.96 -32.28
CA MET C 131 39.18 -23.11 -32.05
C MET C 131 37.93 -22.61 -31.33
N TYR C 132 36.84 -23.38 -31.46
CA TYR C 132 35.65 -23.12 -30.67
C TYR C 132 34.87 -24.42 -30.51
N VAL C 133 34.03 -24.49 -29.46
CA VAL C 133 33.31 -25.72 -29.15
C VAL C 133 31.82 -25.42 -28.93
N ALA C 134 31.08 -25.30 -30.03
CA ALA C 134 29.65 -25.00 -29.95
C ALA C 134 28.84 -26.22 -29.50
N ILE C 135 27.74 -25.96 -28.79
CA ILE C 135 26.79 -27.01 -28.46
C ILE C 135 26.03 -27.44 -29.71
N GLN C 136 25.98 -28.75 -29.95
CA GLN C 136 25.44 -29.29 -31.20
C GLN C 136 24.00 -28.83 -31.43
N ALA C 137 23.18 -28.82 -30.38
CA ALA C 137 21.80 -28.40 -30.53
C ALA C 137 21.67 -26.93 -30.87
N VAL C 138 22.57 -26.09 -30.36
CA VAL C 138 22.52 -24.68 -30.73
C VAL C 138 22.83 -24.52 -32.21
N LEU C 139 23.79 -25.29 -32.72
CA LEU C 139 24.07 -25.32 -34.15
C LEU C 139 22.85 -25.77 -34.96
N SER C 140 22.11 -26.75 -34.44
CA SER C 140 20.97 -27.27 -35.18
C SER C 140 19.87 -26.24 -35.43
N LEU C 141 19.77 -25.19 -34.63
CA LEU C 141 18.85 -24.09 -34.96
C LEU C 141 19.27 -23.35 -36.23
N TYR C 142 20.55 -22.98 -36.32
CA TYR C 142 21.02 -22.22 -37.48
C TYR C 142 20.67 -22.89 -38.79
N ALA C 143 20.82 -24.22 -38.87
CA ALA C 143 20.48 -24.92 -40.10
C ALA C 143 19.00 -24.83 -40.44
N SER C 144 18.14 -24.60 -39.45
CA SER C 144 16.72 -24.40 -39.73
C SER C 144 16.35 -22.94 -39.95
N GLY C 145 17.15 -22.00 -39.45
CA GLY C 145 16.81 -20.60 -39.48
C GLY C 145 15.97 -20.11 -38.32
N ARG C 146 15.66 -20.98 -37.36
CA ARG C 146 14.94 -20.56 -36.17
C ARG C 146 15.83 -19.69 -35.28
N THR C 147 15.19 -18.87 -34.46
CA THR C 147 15.80 -18.33 -33.26
C THR C 147 15.20 -18.90 -31.98
N THR C 148 14.06 -19.59 -32.08
CA THR C 148 13.31 -20.07 -30.93
C THR C 148 12.85 -21.49 -31.24
N GLY C 149 12.98 -22.38 -30.26
CA GLY C 149 12.51 -23.73 -30.46
C GLY C 149 13.08 -24.69 -29.45
N ILE C 150 12.39 -25.83 -29.31
CA ILE C 150 13.04 -27.04 -28.83
C ILE C 150 13.90 -27.59 -29.95
N VAL C 151 15.14 -27.94 -29.63
CA VAL C 151 15.93 -28.82 -30.48
C VAL C 151 15.97 -30.21 -29.87
N LEU C 152 15.64 -31.21 -30.68
CA LEU C 152 15.88 -32.60 -30.32
C LEU C 152 17.00 -33.10 -31.22
N ASP C 153 18.19 -33.27 -30.65
CA ASP C 153 19.29 -33.94 -31.34
C ASP C 153 19.37 -35.38 -30.86
N SER C 154 19.44 -36.31 -31.79
CA SER C 154 19.48 -37.74 -31.47
C SER C 154 20.57 -38.37 -32.35
N GLY C 155 21.73 -38.61 -31.77
CA GLY C 155 22.90 -39.00 -32.54
C GLY C 155 23.12 -40.50 -32.57
N ASP C 156 24.39 -40.89 -32.65
CA ASP C 156 24.78 -42.28 -32.45
C ASP C 156 24.96 -42.62 -30.97
N GLY C 157 25.46 -41.67 -30.19
CA GLY C 157 25.79 -41.95 -28.81
C GLY C 157 24.93 -41.27 -27.75
N VAL C 158 24.40 -40.09 -28.06
CA VAL C 158 23.60 -39.33 -27.11
C VAL C 158 22.42 -38.68 -27.79
N THR C 159 21.39 -38.41 -26.99
CA THR C 159 20.22 -37.66 -27.39
C THR C 159 20.04 -36.54 -26.37
N HIS C 160 19.77 -35.32 -26.84
CA HIS C 160 19.63 -34.21 -25.92
C HIS C 160 18.61 -33.19 -26.42
N ASN C 161 17.93 -32.56 -25.47
CA ASN C 161 16.95 -31.52 -25.70
C ASN C 161 17.49 -30.19 -25.20
N VAL C 162 17.46 -29.17 -26.03
CA VAL C 162 17.88 -27.82 -25.63
C VAL C 162 16.84 -26.79 -26.08
N PRO C 163 16.06 -26.25 -25.14
CA PRO C 163 15.13 -25.16 -25.48
C PRO C 163 15.82 -23.80 -25.56
N ILE C 164 15.40 -23.03 -26.56
CA ILE C 164 16.02 -21.75 -26.90
C ILE C 164 14.89 -20.78 -27.28
N TYR C 165 15.05 -19.50 -26.90
CA TYR C 165 14.02 -18.49 -27.13
C TYR C 165 14.66 -17.15 -27.51
N GLU C 166 14.60 -16.82 -28.80
CA GLU C 166 15.21 -15.60 -29.35
C GLU C 166 16.69 -15.52 -29.03
N GLY C 167 17.34 -16.66 -28.93
CA GLY C 167 18.59 -16.76 -28.19
C GLY C 167 18.33 -17.43 -26.86
N TYR C 168 19.18 -17.16 -25.88
CA TYR C 168 18.90 -17.44 -24.48
C TYR C 168 18.45 -18.89 -24.29
N ALA C 169 19.35 -19.82 -24.61
CA ALA C 169 19.15 -21.21 -24.21
C ALA C 169 18.94 -21.32 -22.71
N LEU C 170 17.93 -22.09 -22.30
CA LEU C 170 17.59 -22.28 -20.89
C LEU C 170 18.36 -23.45 -20.29
N PRO C 171 19.49 -23.22 -19.63
CA PRO C 171 20.42 -24.33 -19.34
C PRO C 171 19.87 -25.32 -18.32
N HIS C 172 18.98 -24.89 -17.44
CA HIS C 172 18.32 -25.78 -16.49
C HIS C 172 17.34 -26.73 -17.15
N ALA C 173 16.79 -26.36 -18.31
CA ALA C 173 15.84 -27.19 -19.02
C ALA C 173 16.47 -28.14 -20.03
N ILE C 174 17.79 -28.02 -20.26
CA ILE C 174 18.49 -29.01 -21.07
C ILE C 174 18.36 -30.39 -20.43
N MET C 175 18.15 -31.41 -21.27
CA MET C 175 18.14 -32.80 -20.85
C MET C 175 18.95 -33.63 -21.83
N ARG C 176 19.68 -34.62 -21.31
CA ARG C 176 20.45 -35.56 -22.12
C ARG C 176 20.17 -36.99 -21.68
N LEU C 177 20.01 -37.89 -22.65
CA LEU C 177 19.36 -39.17 -22.41
C LEU C 177 20.30 -40.37 -22.43
N ASP C 178 21.49 -40.25 -23.02
CA ASP C 178 22.42 -41.38 -23.18
C ASP C 178 21.81 -42.56 -23.93
N LEU C 179 20.71 -42.35 -24.66
CA LEU C 179 20.09 -43.39 -25.48
C LEU C 179 20.07 -42.94 -26.93
N ALA C 180 20.69 -43.72 -27.81
CA ALA C 180 20.75 -43.33 -29.22
C ALA C 180 21.05 -44.56 -30.08
N GLY C 181 21.49 -44.30 -31.32
CA GLY C 181 21.64 -45.33 -32.33
C GLY C 181 22.46 -46.56 -31.99
N ARG C 182 23.43 -46.43 -31.09
CA ARG C 182 24.13 -47.64 -30.66
C ARG C 182 23.25 -48.53 -29.78
N ASP C 183 22.48 -47.95 -28.87
CA ASP C 183 21.56 -48.74 -28.07
C ASP C 183 20.46 -49.37 -28.93
N LEU C 184 20.04 -48.66 -29.99
CA LEU C 184 19.12 -49.21 -30.98
C LEU C 184 19.75 -50.36 -31.77
N THR C 185 21.01 -50.22 -32.16
CA THR C 185 21.71 -51.30 -32.85
C THR C 185 21.82 -52.55 -31.97
N ASP C 186 22.27 -52.36 -30.72
CA ASP C 186 22.43 -53.50 -29.82
C ASP C 186 21.11 -54.17 -29.47
N TYR C 187 20.03 -53.39 -29.31
CA TYR C 187 18.73 -54.01 -29.11
C TYR C 187 18.22 -54.71 -30.37
N LEU C 188 18.48 -54.14 -31.55
CA LEU C 188 18.14 -54.84 -32.78
C LEU C 188 18.90 -56.17 -32.90
N MET C 189 20.17 -56.20 -32.51
CA MET C 189 20.90 -57.46 -32.47
C MET C 189 20.28 -58.46 -31.50
N LYS C 190 19.90 -57.98 -30.32
CA LYS C 190 19.27 -58.83 -29.32
C LYS C 190 17.94 -59.42 -29.80
N ILE C 191 17.13 -58.62 -30.49
CA ILE C 191 15.87 -59.15 -30.99
C ILE C 191 16.03 -59.96 -32.29
N LEU C 192 17.01 -59.63 -33.13
CA LEU C 192 17.28 -60.50 -34.27
C LEU C 192 17.79 -61.87 -33.83
N THR C 193 18.37 -61.96 -32.62
CA THR C 193 18.67 -63.26 -32.04
C THR C 193 17.41 -64.10 -31.81
N GLU C 194 16.25 -63.47 -31.65
CA GLU C 194 15.01 -64.21 -31.42
C GLU C 194 14.61 -65.13 -32.57
N ARG C 195 15.08 -64.88 -33.79
CA ARG C 195 14.91 -65.87 -34.87
C ARG C 195 16.25 -66.38 -35.42
N GLY C 196 17.32 -66.22 -34.66
CA GLY C 196 18.55 -66.96 -34.89
C GLY C 196 19.59 -66.34 -35.79
N TYR C 197 19.47 -65.07 -36.15
CA TYR C 197 20.57 -64.38 -36.82
C TYR C 197 21.54 -63.93 -35.74
N SER C 198 22.46 -64.82 -35.36
CA SER C 198 23.44 -64.51 -34.34
C SER C 198 24.49 -63.55 -34.88
N PHE C 199 24.42 -62.30 -34.43
CA PHE C 199 25.42 -61.29 -34.70
C PHE C 199 26.13 -60.94 -33.40
N VAL C 200 27.46 -61.04 -33.39
CA VAL C 200 28.22 -60.92 -32.15
C VAL C 200 29.51 -60.14 -32.37
N THR C 201 30.13 -60.30 -33.54
CA THR C 201 31.31 -59.51 -33.84
C THR C 201 30.93 -58.04 -34.07
N THR C 202 31.93 -57.18 -34.00
CA THR C 202 31.73 -55.76 -34.30
C THR C 202 31.46 -55.54 -35.79
N ALA C 203 32.03 -56.37 -36.65
CA ALA C 203 31.63 -56.39 -38.06
C ALA C 203 30.14 -56.67 -38.22
N GLU C 204 29.62 -57.61 -37.43
CA GLU C 204 28.19 -57.87 -37.49
C GLU C 204 27.38 -56.75 -36.85
N ARG C 205 27.89 -56.15 -35.77
CA ARG C 205 27.26 -54.95 -35.25
C ARG C 205 27.16 -53.86 -36.33
N GLU C 206 28.21 -53.73 -37.15
CA GLU C 206 28.24 -52.77 -38.25
C GLU C 206 27.33 -53.16 -39.40
N ILE C 207 26.97 -54.44 -39.51
CA ILE C 207 25.97 -54.85 -40.49
C ILE C 207 24.56 -54.61 -39.95
N VAL C 208 24.33 -54.89 -38.67
CA VAL C 208 23.03 -54.60 -38.07
C VAL C 208 22.76 -53.10 -38.01
N ARG C 209 23.78 -52.27 -37.94
CA ARG C 209 23.56 -50.83 -38.16
C ARG C 209 22.99 -50.54 -39.54
N ASP C 210 23.44 -51.27 -40.56
CA ASP C 210 22.89 -51.07 -41.90
C ASP C 210 21.47 -51.60 -42.00
N ILE C 211 21.23 -52.76 -41.39
CA ILE C 211 19.86 -53.30 -41.34
C ILE C 211 18.91 -52.31 -40.67
N LYS C 212 19.35 -51.73 -39.55
CA LYS C 212 18.60 -50.69 -38.86
C LYS C 212 18.30 -49.50 -39.77
N GLU C 213 19.31 -49.02 -40.50
CA GLU C 213 19.08 -47.86 -41.35
C GLU C 213 18.20 -48.18 -42.55
N LYS C 214 18.35 -49.36 -43.15
CA LYS C 214 17.60 -49.71 -44.35
C LYS C 214 16.15 -50.09 -44.08
N LEU C 215 15.92 -50.95 -43.08
CA LEU C 215 14.60 -51.55 -42.91
C LEU C 215 13.73 -50.90 -41.85
N CYS C 216 14.31 -50.45 -40.73
CA CYS C 216 13.49 -50.09 -39.58
C CYS C 216 12.67 -48.82 -39.83
N TYR C 217 11.55 -48.74 -39.12
CA TYR C 217 10.69 -47.56 -39.13
C TYR C 217 9.98 -47.49 -37.78
N VAL C 218 9.44 -46.32 -37.47
CA VAL C 218 8.76 -46.08 -36.21
C VAL C 218 7.25 -46.26 -36.41
N ALA C 219 6.67 -47.16 -35.61
CA ALA C 219 5.23 -47.40 -35.67
C ALA C 219 4.45 -46.19 -35.19
N LEU C 220 3.35 -45.87 -35.89
CA LEU C 220 2.49 -44.77 -35.46
C LEU C 220 1.67 -45.16 -34.23
N ASP C 221 1.35 -46.45 -34.08
CA ASP C 221 0.47 -46.96 -33.02
C ASP C 221 0.95 -48.36 -32.68
N PHE C 222 1.95 -48.41 -31.78
CA PHE C 222 2.81 -49.59 -31.65
C PHE C 222 2.02 -50.86 -31.38
N GLU C 223 1.00 -50.79 -30.51
CA GLU C 223 0.19 -51.97 -30.22
C GLU C 223 -0.52 -52.51 -31.46
N ASN C 224 -1.07 -51.62 -32.28
CA ASN C 224 -1.76 -52.06 -33.48
C ASN C 224 -0.81 -52.50 -34.58
N GLU C 225 0.37 -51.89 -34.68
CA GLU C 225 1.36 -52.40 -35.62
C GLU C 225 1.89 -53.76 -35.21
N MET C 226 2.13 -53.96 -33.91
CA MET C 226 2.51 -55.27 -33.39
C MET C 226 1.44 -56.32 -33.68
N ALA C 227 0.17 -55.98 -33.47
CA ALA C 227 -0.90 -56.91 -33.81
C ALA C 227 -0.99 -57.17 -35.31
N THR C 228 -0.72 -56.17 -36.14
CA THR C 228 -0.73 -56.38 -37.59
C THR C 228 0.41 -57.28 -38.04
N ALA C 229 1.61 -57.04 -37.52
CA ALA C 229 2.75 -57.93 -37.80
C ALA C 229 2.52 -59.34 -37.25
N ALA C 230 1.73 -59.47 -36.20
CA ALA C 230 1.37 -60.80 -35.70
C ALA C 230 0.34 -61.48 -36.59
N SER C 231 -0.60 -60.72 -37.14
CA SER C 231 -1.66 -61.30 -37.96
C SER C 231 -1.28 -61.49 -39.42
N SER C 232 -0.34 -60.71 -39.95
CA SER C 232 -0.01 -60.83 -41.37
C SER C 232 1.47 -60.57 -41.60
N SER C 233 1.99 -61.21 -42.65
CA SER C 233 3.38 -61.08 -43.08
C SER C 233 3.63 -59.84 -43.92
N SER C 234 2.61 -59.00 -44.13
CA SER C 234 2.74 -57.85 -45.02
C SER C 234 3.83 -56.89 -44.55
N LEU C 235 4.08 -56.82 -43.25
CA LEU C 235 5.13 -55.97 -42.71
C LEU C 235 6.51 -56.60 -42.76
N GLU C 236 6.62 -57.88 -43.13
CA GLU C 236 7.93 -58.51 -43.20
C GLU C 236 8.70 -58.02 -44.42
N LYS C 237 10.01 -57.86 -44.24
CA LYS C 237 10.93 -57.46 -45.29
C LYS C 237 12.13 -58.39 -45.30
N SER C 238 12.67 -58.63 -46.49
CA SER C 238 13.85 -59.47 -46.65
C SER C 238 15.07 -58.62 -46.97
N TYR C 239 16.21 -59.00 -46.41
CA TYR C 239 17.46 -58.28 -46.57
C TYR C 239 18.55 -59.28 -46.90
N GLU C 240 19.56 -58.83 -47.64
CA GLU C 240 20.61 -59.70 -48.14
C GLU C 240 21.94 -59.34 -47.49
N LEU C 241 22.48 -60.26 -46.71
CA LEU C 241 23.73 -60.06 -46.01
C LEU C 241 24.89 -59.96 -46.99
N PRO C 242 26.04 -59.45 -46.56
CA PRO C 242 27.18 -59.29 -47.48
C PRO C 242 27.59 -60.57 -48.19
N ASP C 243 27.30 -61.73 -47.60
CA ASP C 243 27.60 -63.01 -48.23
C ASP C 243 26.42 -63.59 -49.01
N GLY C 244 25.37 -62.80 -49.24
CA GLY C 244 24.21 -63.27 -49.97
C GLY C 244 23.23 -64.10 -49.19
N GLN C 245 23.47 -64.37 -47.91
CA GLN C 245 22.44 -64.99 -47.07
C GLN C 245 21.28 -64.01 -46.89
N VAL C 246 20.09 -64.44 -47.28
CA VAL C 246 18.87 -63.67 -47.04
C VAL C 246 18.42 -63.86 -45.60
N ILE C 247 18.03 -62.75 -44.96
CA ILE C 247 17.35 -62.76 -43.68
C ILE C 247 15.96 -62.13 -43.87
N THR C 248 15.02 -62.51 -43.02
CA THR C 248 13.70 -61.90 -43.02
C THR C 248 13.36 -61.38 -41.62
N ILE C 249 12.75 -60.21 -41.59
CA ILE C 249 12.55 -59.41 -40.39
C ILE C 249 11.10 -58.95 -40.34
N GLY C 250 10.51 -58.93 -39.14
CA GLY C 250 9.10 -58.65 -39.01
C GLY C 250 8.79 -57.61 -37.96
N ASN C 251 8.18 -58.01 -36.84
CA ASN C 251 7.92 -57.03 -35.78
C ASN C 251 9.18 -56.42 -35.19
N GLU C 252 10.34 -57.06 -35.38
CA GLU C 252 11.60 -56.44 -35.00
C GLU C 252 11.84 -55.12 -35.71
N ARG C 253 11.24 -54.96 -36.89
CA ARG C 253 11.47 -53.80 -37.75
C ARG C 253 11.02 -52.51 -37.09
N PHE C 254 9.97 -52.56 -36.28
CA PHE C 254 9.53 -51.38 -35.55
C PHE C 254 9.71 -51.50 -34.05
N ARG C 255 9.83 -52.72 -33.52
CA ARG C 255 10.22 -52.86 -32.12
C ARG C 255 11.59 -52.25 -31.84
N CYS C 256 12.50 -52.26 -32.83
CA CYS C 256 13.81 -51.63 -32.62
C CYS C 256 13.72 -50.14 -32.35
N PRO C 257 13.23 -49.29 -33.25
CA PRO C 257 13.19 -47.84 -32.95
C PRO C 257 12.12 -47.42 -31.96
N GLU C 258 11.13 -48.28 -31.68
CA GLU C 258 10.18 -48.01 -30.60
C GLU C 258 10.87 -47.79 -29.26
N THR C 259 12.04 -48.39 -29.04
CA THR C 259 12.76 -48.21 -27.78
C THR C 259 13.14 -46.76 -27.50
N LEU C 260 13.17 -45.90 -28.53
CA LEU C 260 13.32 -44.47 -28.27
C LEU C 260 12.14 -43.94 -27.46
N PHE C 261 10.93 -44.41 -27.78
CA PHE C 261 9.73 -44.00 -27.06
C PHE C 261 9.45 -44.85 -25.82
N GLN C 262 10.02 -46.05 -25.74
CA GLN C 262 9.87 -46.92 -24.58
C GLN C 262 11.22 -47.46 -24.15
N PRO C 263 12.04 -46.61 -23.51
CA PRO C 263 13.40 -47.03 -23.12
C PRO C 263 13.44 -48.26 -22.23
N SER C 264 12.35 -48.57 -21.52
CA SER C 264 12.28 -49.76 -20.69
C SER C 264 12.49 -51.04 -21.50
N PHE C 265 12.36 -51.00 -22.82
CA PHE C 265 12.69 -52.17 -23.63
C PHE C 265 14.15 -52.56 -23.50
N ILE C 266 15.04 -51.58 -23.36
CA ILE C 266 16.45 -51.85 -23.12
C ILE C 266 16.79 -51.78 -21.64
N GLY C 267 15.79 -51.79 -20.77
CA GLY C 267 15.98 -51.65 -19.35
C GLY C 267 16.35 -50.25 -18.89
N MET C 268 16.45 -49.28 -19.80
CA MET C 268 16.64 -47.90 -19.40
C MET C 268 15.39 -47.39 -18.69
N GLU C 269 15.58 -46.82 -17.51
CA GLU C 269 14.45 -46.37 -16.71
C GLU C 269 13.85 -45.05 -17.20
N SER C 270 14.62 -44.24 -17.90
CA SER C 270 14.22 -42.87 -18.20
C SER C 270 12.90 -42.81 -18.97
N ALA C 271 12.24 -41.67 -18.86
CA ALA C 271 11.13 -41.31 -19.73
C ALA C 271 11.56 -41.32 -21.19
N GLY C 272 10.61 -41.56 -22.09
CA GLY C 272 10.89 -41.61 -23.50
C GLY C 272 11.27 -40.24 -24.05
N ILE C 273 11.59 -40.22 -25.34
CA ILE C 273 12.02 -38.97 -25.97
C ILE C 273 10.86 -37.98 -26.12
N HIS C 274 9.63 -38.48 -26.29
CA HIS C 274 8.47 -37.60 -26.27
C HIS C 274 8.22 -37.05 -24.87
N GLU C 275 8.33 -37.91 -23.86
CA GLU C 275 8.15 -37.46 -22.49
C GLU C 275 9.26 -36.51 -22.05
N THR C 276 10.51 -36.80 -22.40
CA THR C 276 11.58 -35.86 -22.06
C THR C 276 11.51 -34.56 -22.85
N THR C 277 10.96 -34.59 -24.06
CA THR C 277 10.66 -33.35 -24.78
C THR C 277 9.61 -32.52 -24.05
N TYR C 278 8.51 -33.16 -23.66
CA TYR C 278 7.47 -32.46 -22.91
C TYR C 278 7.99 -31.94 -21.58
N ASN C 279 8.70 -32.78 -20.81
CA ASN C 279 9.27 -32.35 -19.53
C ASN C 279 10.28 -31.22 -19.69
N SER C 280 11.00 -31.17 -20.83
CA SER C 280 11.87 -30.04 -21.10
C SER C 280 11.08 -28.76 -21.36
N ILE C 281 9.99 -28.85 -22.13
CA ILE C 281 9.11 -27.70 -22.25
C ILE C 281 8.50 -27.29 -20.92
N MET C 282 8.14 -28.27 -20.07
CA MET C 282 7.64 -28.00 -18.74
C MET C 282 8.67 -27.41 -17.78
N LYS C 283 9.97 -27.57 -18.05
CA LYS C 283 10.93 -26.81 -17.27
C LYS C 283 11.02 -25.35 -17.68
N CYS C 284 10.53 -25.01 -18.86
CA CYS C 284 10.54 -23.63 -19.34
C CYS C 284 9.43 -22.79 -18.73
N ASP C 285 9.69 -21.49 -18.64
CA ASP C 285 8.71 -20.53 -18.12
C ASP C 285 7.47 -20.49 -19.00
N ILE C 286 6.30 -20.34 -18.36
CA ILE C 286 5.04 -20.70 -19.00
C ILE C 286 4.72 -19.80 -20.20
N ASP C 287 5.34 -18.63 -20.30
CA ASP C 287 5.07 -17.75 -21.43
C ASP C 287 5.63 -18.29 -22.75
N ILE C 288 6.78 -18.96 -22.70
CA ILE C 288 7.48 -19.34 -23.94
C ILE C 288 7.06 -20.71 -24.45
N ARG C 289 6.36 -21.51 -23.65
CA ARG C 289 6.02 -22.89 -24.01
C ARG C 289 5.24 -22.97 -25.32
N LYS C 290 4.34 -22.02 -25.58
CA LYS C 290 3.58 -22.03 -26.84
C LYS C 290 4.46 -21.96 -28.07
N ASP C 291 5.58 -21.23 -28.01
CA ASP C 291 6.48 -21.16 -29.14
C ASP C 291 7.41 -22.36 -29.22
N LEU C 292 7.68 -23.01 -28.09
CA LEU C 292 8.42 -24.26 -28.15
C LEU C 292 7.54 -25.35 -28.77
N TYR C 293 6.27 -25.43 -28.34
CA TYR C 293 5.36 -26.36 -29.01
C TYR C 293 5.26 -26.06 -30.49
N ALA C 294 5.27 -24.78 -30.86
CA ALA C 294 5.20 -24.43 -32.27
C ALA C 294 6.53 -24.59 -32.99
N ASN C 295 7.61 -24.96 -32.31
CA ASN C 295 8.93 -25.00 -32.93
C ASN C 295 9.78 -26.14 -32.37
N ASN C 296 9.26 -27.36 -32.38
CA ASN C 296 10.11 -28.52 -32.15
C ASN C 296 10.96 -28.80 -33.38
N VAL C 297 12.28 -28.71 -33.23
CA VAL C 297 13.24 -29.01 -34.29
C VAL C 297 13.89 -30.36 -34.01
N MET C 298 13.84 -31.25 -34.99
CA MET C 298 14.44 -32.58 -34.87
C MET C 298 15.72 -32.63 -35.70
N SER C 299 16.76 -33.23 -35.11
CA SER C 299 18.03 -33.37 -35.81
C SER C 299 18.72 -34.64 -35.34
N GLY C 300 19.74 -35.04 -36.10
CA GLY C 300 20.51 -36.25 -35.84
C GLY C 300 19.97 -37.47 -36.55
N GLY C 301 20.89 -38.38 -36.88
CA GLY C 301 20.57 -39.48 -37.77
C GLY C 301 19.44 -40.37 -37.30
N THR C 302 19.34 -40.61 -35.99
CA THR C 302 18.26 -41.44 -35.47
C THR C 302 16.90 -40.73 -35.46
N THR C 303 16.80 -39.51 -35.96
CA THR C 303 15.51 -38.92 -36.28
C THR C 303 15.08 -39.18 -37.73
N MET C 304 15.85 -39.97 -38.48
CA MET C 304 15.54 -40.21 -39.88
C MET C 304 14.50 -41.30 -40.09
N TYR C 305 14.15 -42.06 -39.05
CA TYR C 305 13.20 -43.16 -39.20
C TYR C 305 11.90 -42.66 -39.81
N PRO C 306 11.37 -43.33 -40.83
CA PRO C 306 10.03 -43.02 -41.33
C PRO C 306 8.98 -43.02 -40.23
N GLY C 307 8.13 -41.99 -40.23
CA GLY C 307 7.07 -41.90 -39.27
C GLY C 307 7.43 -41.38 -37.89
N ILE C 308 8.71 -41.09 -37.64
CA ILE C 308 9.10 -40.63 -36.30
C ILE C 308 8.51 -39.26 -36.01
N ALA C 309 8.42 -38.39 -37.02
CA ALA C 309 7.79 -37.09 -36.82
C ALA C 309 6.30 -37.21 -36.52
N ASP C 310 5.61 -38.10 -37.24
CA ASP C 310 4.19 -38.35 -36.99
C ASP C 310 3.95 -38.92 -35.59
N ARG C 311 4.74 -39.94 -35.21
CA ARG C 311 4.63 -40.49 -33.86
C ARG C 311 4.93 -39.45 -32.79
N MET C 312 6.00 -38.67 -32.97
CA MET C 312 6.34 -37.64 -32.01
C MET C 312 5.24 -36.59 -31.88
N GLN C 313 4.62 -36.20 -33.01
CA GLN C 313 3.53 -35.24 -32.97
C GLN C 313 2.30 -35.82 -32.27
N LYS C 314 1.96 -37.07 -32.56
CA LYS C 314 0.87 -37.73 -31.84
C LYS C 314 1.13 -37.76 -30.34
N GLU C 315 2.32 -38.17 -29.93
CA GLU C 315 2.61 -38.33 -28.51
C GLU C 315 2.66 -37.00 -27.78
N ILE C 316 3.28 -35.97 -28.37
CA ILE C 316 3.25 -34.67 -27.70
C ILE C 316 1.88 -34.04 -27.73
N THR C 317 1.09 -34.23 -28.81
CA THR C 317 -0.27 -33.72 -28.82
C THR C 317 -1.13 -34.42 -27.78
N ALA C 318 -0.77 -35.66 -27.41
CA ALA C 318 -1.46 -36.31 -26.30
C ALA C 318 -0.97 -35.77 -24.96
N LEU C 319 0.30 -35.40 -24.88
CA LEU C 319 0.85 -34.84 -23.64
C LEU C 319 0.46 -33.37 -23.46
N ALA C 320 0.64 -32.56 -24.49
CA ALA C 320 0.46 -31.11 -24.39
C ALA C 320 -1.02 -30.72 -24.37
N PRO C 321 -1.33 -29.56 -23.79
CA PRO C 321 -2.71 -29.09 -23.73
C PRO C 321 -3.37 -28.98 -25.11
N SER C 322 -4.66 -29.30 -25.14
CA SER C 322 -5.38 -29.56 -26.39
C SER C 322 -5.32 -28.39 -27.36
N THR C 323 -5.18 -27.16 -26.86
CA THR C 323 -5.14 -26.01 -27.75
C THR C 323 -3.81 -25.84 -28.47
N MET C 324 -2.71 -26.34 -27.89
CA MET C 324 -1.39 -26.01 -28.41
C MET C 324 -1.19 -26.61 -29.79
N LYS C 325 -0.74 -25.77 -30.73
CA LYS C 325 -0.44 -26.17 -32.10
C LYS C 325 0.92 -26.85 -32.16
N ILE C 326 0.95 -28.12 -31.77
CA ILE C 326 2.19 -28.89 -31.77
C ILE C 326 2.67 -29.04 -33.21
N LYS C 327 3.88 -28.55 -33.47
CA LYS C 327 4.49 -28.61 -34.79
C LYS C 327 5.92 -29.10 -34.67
N ILE C 328 6.32 -29.98 -35.56
CA ILE C 328 7.66 -30.55 -35.57
C ILE C 328 8.35 -30.18 -36.87
N ILE C 329 9.50 -29.50 -36.75
CA ILE C 329 10.32 -29.13 -37.91
C ILE C 329 11.36 -30.25 -38.05
N ALA C 330 11.01 -31.26 -38.84
CA ALA C 330 11.91 -32.38 -39.15
C ALA C 330 12.15 -32.39 -40.65
N PRO C 331 13.01 -31.49 -41.15
CA PRO C 331 13.21 -31.38 -42.59
C PRO C 331 14.04 -32.53 -43.12
N PRO C 332 14.11 -32.68 -44.45
CA PRO C 332 15.23 -33.39 -45.08
C PRO C 332 16.59 -32.85 -44.66
N GLU C 333 17.63 -33.66 -44.84
CA GLU C 333 19.01 -33.42 -44.46
C GLU C 333 19.19 -33.09 -42.98
N ARG C 334 18.17 -33.31 -42.15
CA ARG C 334 18.30 -33.07 -40.72
C ARG C 334 19.39 -33.92 -40.09
N LYS C 335 19.84 -34.96 -40.78
CA LYS C 335 21.05 -35.68 -40.38
C LYS C 335 22.29 -34.79 -40.38
N TYR C 336 22.40 -33.88 -41.34
CA TYR C 336 23.54 -32.97 -41.43
C TYR C 336 23.28 -31.58 -40.84
N SER C 337 22.14 -31.36 -40.20
CA SER C 337 21.79 -30.00 -39.76
C SER C 337 22.76 -29.44 -38.72
N VAL C 338 23.36 -30.29 -37.89
CA VAL C 338 24.35 -29.80 -36.93
C VAL C 338 25.59 -29.29 -37.65
N TRP C 339 26.05 -30.00 -38.68
CA TRP C 339 27.17 -29.51 -39.46
C TRP C 339 26.80 -28.26 -40.25
N ILE C 340 25.63 -28.24 -40.88
CA ILE C 340 25.22 -27.05 -41.63
C ILE C 340 25.10 -25.83 -40.71
N GLY C 341 24.61 -26.04 -39.48
CA GLY C 341 24.62 -24.96 -38.50
C GLY C 341 26.01 -24.49 -38.13
N GLY C 342 26.96 -25.42 -38.03
CA GLY C 342 28.34 -25.01 -37.83
C GLY C 342 28.94 -24.29 -39.02
N SER C 343 28.57 -24.71 -40.24
CA SER C 343 29.03 -24.05 -41.46
C SER C 343 28.50 -22.62 -41.56
N ILE C 344 27.26 -22.41 -41.10
CA ILE C 344 26.74 -21.05 -40.96
C ILE C 344 27.52 -20.29 -39.89
N LEU C 345 27.52 -20.79 -38.66
CA LEU C 345 28.08 -20.04 -37.52
C LEU C 345 29.55 -19.68 -37.74
N ALA C 346 30.36 -20.65 -38.19
CA ALA C 346 31.78 -20.38 -38.41
C ALA C 346 32.04 -19.35 -39.50
N SER C 347 31.08 -19.13 -40.39
CA SER C 347 31.23 -18.15 -41.45
C SER C 347 30.45 -16.88 -41.17
N LEU C 348 29.75 -16.83 -40.05
CA LEU C 348 29.05 -15.62 -39.64
C LEU C 348 30.04 -14.58 -39.19
N SER C 349 29.87 -13.34 -39.67
CA SER C 349 30.85 -12.29 -39.39
C SER C 349 30.83 -11.87 -37.93
N THR C 350 29.68 -12.01 -37.26
CA THR C 350 29.60 -11.74 -35.84
C THR C 350 30.37 -12.76 -35.00
N PHE C 351 30.54 -13.97 -35.52
CA PHE C 351 31.20 -15.02 -34.75
C PHE C 351 32.72 -14.88 -34.70
N GLN C 352 33.32 -14.11 -35.61
CA GLN C 352 34.77 -14.02 -35.67
C GLN C 352 35.37 -13.36 -34.43
N GLN C 353 34.55 -12.74 -33.58
CA GLN C 353 34.98 -12.30 -32.26
C GLN C 353 35.16 -13.47 -31.30
N MET C 354 34.43 -14.56 -31.51
CA MET C 354 34.22 -15.58 -30.50
C MET C 354 35.31 -16.63 -30.43
N TRP C 355 36.14 -16.77 -31.46
CA TRP C 355 37.16 -17.81 -31.46
C TRP C 355 38.06 -17.71 -30.23
N ILE C 356 38.43 -18.87 -29.69
CA ILE C 356 39.57 -19.01 -28.80
C ILE C 356 40.84 -18.86 -29.64
N THR C 357 41.53 -17.74 -29.52
CA THR C 357 42.80 -17.62 -30.24
C THR C 357 43.89 -18.40 -29.51
N LYS C 358 44.92 -18.79 -30.26
CA LYS C 358 46.04 -19.50 -29.66
C LYS C 358 46.78 -18.64 -28.65
N GLN C 359 46.76 -17.31 -28.82
CA GLN C 359 47.29 -16.42 -27.79
C GLN C 359 46.53 -16.58 -26.47
N GLU C 360 45.21 -16.68 -26.54
CA GLU C 360 44.42 -16.92 -25.34
C GLU C 360 44.70 -18.29 -24.72
N TYR C 361 44.97 -19.30 -25.54
CA TYR C 361 45.35 -20.60 -24.98
C TYR C 361 46.73 -20.55 -24.33
N ASP C 362 47.69 -19.87 -24.95
CA ASP C 362 49.01 -19.69 -24.34
C ASP C 362 48.92 -18.87 -23.05
N GLU C 363 47.92 -18.00 -22.92
CA GLU C 363 47.74 -17.27 -21.68
C GLU C 363 46.98 -18.05 -20.61
N ALA C 364 45.99 -18.87 -20.97
CA ALA C 364 45.04 -19.38 -19.99
C ALA C 364 44.90 -20.90 -19.93
N GLY C 365 45.60 -21.66 -20.76
CA GLY C 365 45.52 -23.11 -20.75
C GLY C 365 44.12 -23.62 -21.08
N PRO C 366 43.92 -24.92 -20.91
CA PRO C 366 42.61 -25.52 -21.21
C PRO C 366 41.42 -24.87 -20.51
N SER C 367 41.63 -24.23 -19.36
CA SER C 367 40.54 -23.61 -18.63
C SER C 367 39.84 -22.49 -19.39
N ILE C 368 40.46 -21.93 -20.42
CA ILE C 368 39.84 -20.82 -21.14
C ILE C 368 38.52 -21.23 -21.79
N VAL C 369 38.40 -22.48 -22.22
CA VAL C 369 37.24 -22.89 -23.02
C VAL C 369 35.99 -23.08 -22.19
N HIS C 370 36.10 -23.06 -20.87
CA HIS C 370 34.93 -22.95 -20.01
C HIS C 370 34.50 -21.51 -19.79
N ARG C 371 35.41 -20.55 -19.93
CA ARG C 371 35.08 -19.15 -19.68
C ARG C 371 34.38 -18.51 -20.87
N LYS C 372 34.89 -18.73 -22.08
CA LYS C 372 34.35 -18.09 -23.28
C LYS C 372 33.19 -18.88 -23.89
N CYS C 373 33.40 -20.15 -24.20
CA CYS C 373 32.38 -20.93 -24.87
C CYS C 373 31.23 -21.26 -23.92
N PHE C 374 30.03 -21.36 -24.48
CA PHE C 374 28.86 -21.77 -23.72
C PHE C 374 28.92 -23.26 -23.40
N THR D 4 -34.58 63.20 -9.04
CA THR D 4 -34.43 61.76 -9.10
C THR D 4 -34.81 61.14 -7.77
N THR D 5 -35.37 59.93 -7.81
CA THR D 5 -35.84 59.26 -6.60
C THR D 5 -34.68 58.99 -5.66
N ALA D 6 -34.87 59.31 -4.38
CA ALA D 6 -33.79 59.18 -3.41
C ALA D 6 -33.49 57.70 -3.16
N LEU D 7 -32.38 57.46 -2.48
CA LEU D 7 -31.90 56.10 -2.25
C LEU D 7 -31.63 55.92 -0.76
N VAL D 8 -32.11 54.81 -0.20
CA VAL D 8 -32.00 54.53 1.22
C VAL D 8 -31.17 53.26 1.38
N CYS D 9 -30.08 53.35 2.13
CA CYS D 9 -29.13 52.24 2.26
C CYS D 9 -28.81 52.08 3.75
N ASP D 10 -29.52 51.18 4.41
CA ASP D 10 -29.31 50.91 5.83
C ASP D 10 -28.15 49.94 5.98
N ASN D 11 -26.94 50.50 5.96
CA ASN D 11 -25.75 49.78 6.41
C ASN D 11 -25.73 49.59 7.92
N GLY D 12 -26.75 48.95 8.46
CA GLY D 12 -26.62 48.33 9.77
C GLY D 12 -25.61 47.20 9.75
N SER D 13 -25.44 46.59 10.92
CA SER D 13 -24.60 45.42 11.04
C SER D 13 -25.33 44.18 10.56
N GLY D 14 -24.57 43.22 10.05
CA GLY D 14 -25.09 41.91 9.70
C GLY D 14 -25.83 41.85 8.39
N LEU D 15 -26.88 42.64 8.20
CA LEU D 15 -27.58 42.73 6.93
C LEU D 15 -27.57 44.16 6.42
N VAL D 16 -27.20 44.35 5.16
CA VAL D 16 -27.55 45.55 4.41
C VAL D 16 -29.02 45.48 4.00
N LYS D 17 -29.76 46.55 4.28
CA LYS D 17 -31.07 46.79 3.68
C LYS D 17 -30.96 48.03 2.80
N ALA D 18 -31.27 47.88 1.51
CA ALA D 18 -31.16 49.00 0.58
C ALA D 18 -32.28 48.97 -0.43
N GLY D 19 -32.63 50.14 -0.93
CA GLY D 19 -33.68 50.28 -1.92
C GLY D 19 -34.03 51.73 -2.12
N PHE D 20 -34.81 51.99 -3.16
CA PHE D 20 -35.22 53.35 -3.47
C PHE D 20 -36.25 53.85 -2.46
N ALA D 21 -36.24 55.16 -2.24
CA ALA D 21 -37.21 55.76 -1.34
C ALA D 21 -38.61 55.71 -1.95
N GLY D 22 -39.61 55.54 -1.09
CA GLY D 22 -40.98 55.38 -1.52
C GLY D 22 -41.40 53.94 -1.77
N ASP D 23 -40.45 53.02 -1.90
CA ASP D 23 -40.80 51.61 -1.93
C ASP D 23 -41.20 51.12 -0.55
N ASP D 24 -42.10 50.13 -0.52
CA ASP D 24 -42.59 49.58 0.73
C ASP D 24 -41.60 48.67 1.43
N ALA D 25 -40.60 48.14 0.72
CA ALA D 25 -39.68 47.19 1.32
C ALA D 25 -38.35 47.24 0.60
N PRO D 26 -37.24 46.98 1.30
CA PRO D 26 -35.92 47.04 0.66
C PRO D 26 -35.77 45.93 -0.37
N ARG D 27 -35.45 46.32 -1.61
CA ARG D 27 -35.33 45.34 -2.68
C ARG D 27 -33.99 44.63 -2.73
N ALA D 28 -33.01 45.08 -1.95
CA ALA D 28 -31.77 44.33 -1.72
C ALA D 28 -31.57 44.13 -0.23
N VAL D 29 -31.70 42.89 0.23
CA VAL D 29 -31.32 42.49 1.58
C VAL D 29 -30.33 41.34 1.49
N PHE D 30 -29.13 41.56 2.01
CA PHE D 30 -28.06 40.57 1.90
C PHE D 30 -27.10 40.79 3.06
N PRO D 31 -26.33 39.77 3.45
CA PRO D 31 -25.45 39.93 4.61
C PRO D 31 -24.27 40.84 4.33
N SER D 32 -23.93 41.64 5.34
CA SER D 32 -22.82 42.59 5.24
C SER D 32 -21.48 41.88 5.46
N ILE D 33 -21.22 40.89 4.60
CA ILE D 33 -20.08 39.99 4.74
C ILE D 33 -19.15 40.19 3.55
N VAL D 34 -17.86 40.24 3.82
CA VAL D 34 -16.83 40.03 2.79
C VAL D 34 -16.08 38.76 3.13
N GLY D 35 -16.00 37.85 2.16
CA GLY D 35 -15.29 36.60 2.35
C GLY D 35 -14.11 36.44 1.42
N ARG D 36 -12.97 36.02 1.97
CA ARG D 36 -11.77 35.81 1.18
C ARG D 36 -11.34 34.36 1.24
N PRO D 37 -10.88 33.79 0.12
CA PRO D 37 -10.59 32.35 0.07
C PRO D 37 -9.61 31.93 1.16
N ARG D 38 -9.91 30.80 1.78
CA ARG D 38 -9.07 30.26 2.85
C ARG D 38 -8.03 29.26 2.37
N HIS D 39 -8.16 28.72 1.16
CA HIS D 39 -7.44 27.50 0.79
C HIS D 39 -6.63 27.70 -0.48
N GLN D 40 -5.80 26.71 -0.77
CA GLN D 40 -4.95 26.70 -1.95
C GLN D 40 -5.76 26.48 -3.22
N GLY D 41 -5.77 27.50 -4.09
CA GLY D 41 -6.48 27.44 -5.36
C GLY D 41 -5.72 26.67 -6.42
N VAL D 42 -6.06 25.39 -6.59
CA VAL D 42 -5.30 24.51 -7.49
C VAL D 42 -5.82 24.58 -8.92
N MET D 43 -7.13 24.72 -9.12
CA MET D 43 -7.65 24.67 -10.48
C MET D 43 -7.54 26.03 -11.17
N VAL D 44 -7.52 25.98 -12.50
CA VAL D 44 -7.81 27.13 -13.33
C VAL D 44 -9.27 27.53 -13.20
N GLY D 45 -9.56 28.82 -13.36
CA GLY D 45 -10.90 29.32 -13.23
C GLY D 45 -11.22 29.79 -11.83
N MET D 46 -10.22 30.31 -11.12
CA MET D 46 -10.42 30.94 -9.82
C MET D 46 -9.27 31.90 -9.58
N GLY D 47 -9.41 32.68 -8.50
CA GLY D 47 -8.33 33.51 -7.98
C GLY D 47 -8.20 34.83 -8.70
N GLN D 48 -8.63 34.87 -9.97
CA GLN D 48 -8.88 36.15 -10.62
C GLN D 48 -9.89 36.96 -9.82
N LYS D 49 -10.87 36.28 -9.23
CA LYS D 49 -11.78 36.83 -8.25
C LYS D 49 -11.42 36.28 -6.88
N ASP D 50 -11.18 37.19 -5.92
CA ASP D 50 -10.45 36.88 -4.71
C ASP D 50 -11.16 37.41 -3.47
N SER D 51 -12.40 37.87 -3.60
CA SER D 51 -13.16 38.44 -2.50
C SER D 51 -14.64 38.35 -2.86
N TYR D 52 -15.43 37.72 -1.99
CA TYR D 52 -16.85 37.51 -2.22
C TYR D 52 -17.66 38.30 -1.21
N VAL D 53 -18.79 38.85 -1.68
CA VAL D 53 -19.59 39.78 -0.91
C VAL D 53 -21.03 39.28 -0.85
N GLY D 54 -21.64 39.43 0.33
CA GLY D 54 -23.07 39.19 0.48
C GLY D 54 -23.51 37.74 0.31
N ASP D 55 -24.60 37.56 -0.45
CA ASP D 55 -25.10 36.22 -0.75
C ASP D 55 -24.09 35.34 -1.47
N GLU D 56 -23.15 35.93 -2.22
CA GLU D 56 -22.11 35.10 -2.82
C GLU D 56 -21.22 34.47 -1.76
N ALA D 57 -20.92 35.23 -0.70
CA ALA D 57 -20.11 34.70 0.39
C ALA D 57 -20.85 33.60 1.15
N GLN D 58 -22.17 33.70 1.26
CA GLN D 58 -22.96 32.60 1.80
C GLN D 58 -22.98 31.39 0.89
N SER D 59 -23.09 31.60 -0.43
CA SER D 59 -23.08 30.49 -1.37
C SER D 59 -21.75 29.75 -1.41
N LYS D 60 -20.66 30.38 -0.94
CA LYS D 60 -19.35 29.76 -0.91
C LYS D 60 -18.81 29.68 0.51
N ARG D 61 -19.73 29.74 1.48
CA ARG D 61 -19.41 29.90 2.90
C ARG D 61 -18.28 28.99 3.36
N GLY D 62 -18.32 27.72 2.98
CA GLY D 62 -17.39 26.75 3.51
C GLY D 62 -15.98 26.78 2.99
N ILE D 63 -15.62 27.71 2.10
CA ILE D 63 -14.24 27.88 1.67
C ILE D 63 -13.71 29.27 1.97
N LEU D 64 -14.49 30.09 2.68
CA LEU D 64 -14.15 31.49 2.89
C LEU D 64 -13.98 31.78 4.37
N THR D 65 -12.99 32.61 4.69
CA THR D 65 -12.93 33.31 5.97
C THR D 65 -13.88 34.50 5.90
N LEU D 66 -15.12 34.28 6.33
CA LEU D 66 -16.08 35.38 6.40
C LEU D 66 -15.66 36.38 7.46
N LYS D 67 -15.84 37.66 7.16
CA LYS D 67 -15.60 38.74 8.12
C LYS D 67 -16.68 39.80 7.96
N TYR D 68 -17.06 40.42 9.08
CA TYR D 68 -17.96 41.56 9.04
C TYR D 68 -17.16 42.83 9.21
N PRO D 69 -17.23 43.78 8.28
CA PRO D 69 -16.42 45.00 8.39
C PRO D 69 -17.05 46.07 9.27
N ILE D 70 -18.27 45.86 9.76
CA ILE D 70 -18.91 46.75 10.72
C ILE D 70 -19.20 45.95 11.98
N GLU D 71 -18.65 46.40 13.10
CA GLU D 71 -18.67 45.63 14.34
C GLU D 71 -19.08 46.52 15.50
N GLY D 73 -21.82 48.19 15.52
CA GLY D 73 -22.29 49.38 14.84
C GLY D 73 -21.20 50.31 14.35
N ILE D 74 -19.94 49.93 14.59
CA ILE D 74 -18.78 50.73 14.20
C ILE D 74 -18.15 50.04 13.00
N ILE D 75 -17.90 50.80 11.95
CA ILE D 75 -17.20 50.28 10.78
C ILE D 75 -15.71 50.18 11.11
N THR D 76 -15.21 48.95 11.21
CA THR D 76 -13.82 48.69 11.56
C THR D 76 -12.91 48.55 10.36
N ASN D 77 -13.47 48.37 9.15
CA ASN D 77 -12.71 47.86 8.01
C ASN D 77 -13.25 48.57 6.76
N TRP D 78 -12.81 49.82 6.58
CA TRP D 78 -13.34 50.67 5.52
C TRP D 78 -13.04 50.11 4.13
N ASP D 79 -11.91 49.42 3.96
CA ASP D 79 -11.59 48.83 2.67
C ASP D 79 -12.61 47.79 2.24
N ASP D 80 -13.18 47.04 3.18
CA ASP D 80 -14.22 46.07 2.87
C ASP D 80 -15.63 46.68 2.89
N MET D 81 -15.87 47.64 3.78
CA MET D 81 -17.16 48.33 3.74
C MET D 81 -17.36 49.04 2.41
N GLU D 82 -16.30 49.65 1.86
CA GLU D 82 -16.40 50.26 0.55
C GLU D 82 -16.69 49.24 -0.55
N LYS D 83 -16.30 47.98 -0.33
CA LYS D 83 -16.70 46.90 -1.22
C LYS D 83 -18.18 46.57 -1.05
N ILE D 84 -18.68 46.60 0.18
CA ILE D 84 -20.08 46.32 0.42
C ILE D 84 -20.97 47.41 -0.18
N TRP D 85 -20.57 48.67 -0.06
CA TRP D 85 -21.27 49.75 -0.75
C TRP D 85 -21.19 49.64 -2.27
N HIS D 86 -20.00 49.32 -2.81
CA HIS D 86 -19.90 49.09 -4.25
C HIS D 86 -20.85 47.99 -4.70
N HIS D 87 -20.86 46.86 -3.99
CA HIS D 87 -21.77 45.77 -4.33
C HIS D 87 -23.23 46.22 -4.23
N THR D 88 -23.57 46.94 -3.18
CA THR D 88 -24.94 47.42 -2.98
C THR D 88 -25.41 48.26 -4.16
N PHE D 89 -24.59 49.23 -4.56
CA PHE D 89 -25.02 50.14 -5.62
C PHE D 89 -24.94 49.50 -7.00
N TYR D 90 -23.80 48.91 -7.37
CA TYR D 90 -23.60 48.48 -8.74
C TYR D 90 -24.11 47.07 -9.05
N ASN D 91 -24.10 46.13 -8.10
CA ASN D 91 -24.49 44.76 -8.38
C ASN D 91 -25.90 44.43 -7.94
N GLU D 92 -26.31 44.91 -6.76
CA GLU D 92 -27.65 44.61 -6.26
C GLU D 92 -28.69 45.60 -6.79
N LEU D 93 -28.53 46.89 -6.47
CA LEU D 93 -29.46 47.88 -6.97
C LEU D 93 -29.23 48.25 -8.42
N ARG D 94 -28.03 47.98 -8.95
CA ARG D 94 -27.70 48.20 -10.36
C ARG D 94 -27.98 49.65 -10.78
N VAL D 95 -27.39 50.59 -10.03
CA VAL D 95 -27.66 52.02 -10.17
C VAL D 95 -26.36 52.77 -9.93
N ALA D 96 -26.23 53.92 -10.60
CA ALA D 96 -25.03 54.74 -10.47
C ALA D 96 -25.29 55.77 -9.38
N PRO D 97 -24.57 55.73 -8.26
CA PRO D 97 -24.92 56.59 -7.12
C PRO D 97 -24.82 58.08 -7.40
N GLU D 98 -24.04 58.48 -8.42
CA GLU D 98 -23.91 59.89 -8.76
C GLU D 98 -25.20 60.53 -9.26
N GLU D 99 -26.31 59.77 -9.36
CA GLU D 99 -27.60 60.37 -9.65
C GLU D 99 -28.57 60.34 -8.49
N HIS D 100 -28.26 59.60 -7.43
CA HIS D 100 -29.23 59.29 -6.37
C HIS D 100 -28.73 59.72 -5.01
N PRO D 101 -29.35 60.73 -4.38
CA PRO D 101 -28.94 61.11 -3.03
C PRO D 101 -29.24 59.99 -2.05
N THR D 102 -28.25 59.66 -1.22
CA THR D 102 -28.27 58.43 -0.42
C THR D 102 -28.46 58.78 1.04
N LEU D 103 -29.54 58.28 1.63
CA LEU D 103 -29.77 58.34 3.08
C LEU D 103 -29.10 57.14 3.72
N LEU D 104 -27.92 57.35 4.31
CA LEU D 104 -27.35 56.39 5.23
C LEU D 104 -28.00 56.52 6.60
N THR D 105 -27.69 55.57 7.48
CA THR D 105 -28.11 55.67 8.86
C THR D 105 -27.14 54.91 9.76
N GLU D 106 -27.05 55.34 11.02
CA GLU D 106 -26.16 54.70 11.98
C GLU D 106 -26.79 54.79 13.36
N ALA D 107 -26.26 53.98 14.28
CA ALA D 107 -26.68 54.02 15.67
C ALA D 107 -26.23 55.30 16.35
N PRO D 108 -26.91 55.71 17.42
CA PRO D 108 -26.48 56.86 18.19
C PRO D 108 -25.31 56.51 19.11
N LEU D 109 -24.70 57.55 19.68
CA LEU D 109 -23.54 57.42 20.57
C LEU D 109 -22.45 56.59 19.90
N ASN D 110 -21.99 57.07 18.75
CA ASN D 110 -21.14 56.33 17.85
C ASN D 110 -19.99 57.24 17.42
N PRO D 111 -18.78 56.71 17.29
CA PRO D 111 -17.62 57.58 17.02
C PRO D 111 -17.83 58.48 15.82
N LYS D 112 -17.55 59.77 16.01
CA LYS D 112 -17.71 60.76 14.95
C LYS D 112 -16.80 60.47 13.76
N ALA D 113 -15.71 59.74 13.97
CA ALA D 113 -14.88 59.28 12.87
C ALA D 113 -15.65 58.40 11.89
N ASN D 114 -16.62 57.63 12.36
CA ASN D 114 -17.40 56.81 11.43
C ASN D 114 -18.26 57.68 10.52
N ARG D 115 -19.08 58.56 11.10
CA ARG D 115 -19.91 59.46 10.32
C ARG D 115 -19.10 60.32 9.35
N GLU D 116 -17.91 60.74 9.76
CA GLU D 116 -17.00 61.45 8.86
C GLU D 116 -16.46 60.58 7.73
N LYS D 117 -16.02 59.36 8.03
CA LYS D 117 -15.49 58.52 6.97
C LYS D 117 -16.57 58.08 6.00
N MET D 118 -17.77 57.77 6.49
CA MET D 118 -18.92 57.54 5.62
C MET D 118 -19.19 58.73 4.71
N THR D 119 -19.08 59.95 5.25
CA THR D 119 -19.26 61.13 4.42
C THR D 119 -18.20 61.25 3.34
N GLN D 120 -16.92 61.11 3.73
CA GLN D 120 -15.83 61.13 2.76
C GLN D 120 -16.03 60.10 1.66
N ILE D 121 -16.39 58.87 2.04
CA ILE D 121 -16.52 57.80 1.05
C ILE D 121 -17.68 58.06 0.11
N MET D 122 -18.84 58.47 0.66
CA MET D 122 -19.99 58.73 -0.18
C MET D 122 -19.74 59.87 -1.16
N PHE D 123 -19.14 60.97 -0.69
CA PHE D 123 -18.94 62.12 -1.57
C PHE D 123 -17.73 62.02 -2.48
N GLU D 124 -16.70 61.24 -2.16
CA GLU D 124 -15.50 61.20 -2.97
C GLU D 124 -15.26 59.89 -3.71
N THR D 125 -15.71 58.75 -3.17
CA THR D 125 -15.68 57.52 -3.95
C THR D 125 -16.91 57.39 -4.83
N PHE D 126 -18.10 57.59 -4.29
CA PHE D 126 -19.33 57.36 -5.03
C PHE D 126 -19.92 58.63 -5.63
N ASN D 127 -19.32 59.79 -5.36
CA ASN D 127 -19.71 61.07 -5.96
C ASN D 127 -21.20 61.40 -5.80
N VAL D 128 -21.86 60.85 -4.78
CA VAL D 128 -23.31 60.96 -4.69
C VAL D 128 -23.72 62.42 -4.63
N PRO D 129 -24.86 62.80 -5.23
CA PRO D 129 -25.26 64.22 -5.22
C PRO D 129 -25.48 64.78 -3.83
N ALA D 130 -26.02 63.97 -2.91
CA ALA D 130 -26.27 64.41 -1.55
C ALA D 130 -26.40 63.19 -0.66
N MET D 131 -26.36 63.43 0.64
CA MET D 131 -26.25 62.34 1.61
C MET D 131 -26.87 62.81 2.91
N TYR D 132 -27.29 61.85 3.74
CA TYR D 132 -27.71 62.16 5.10
C TYR D 132 -27.50 60.93 5.98
N VAL D 133 -27.38 61.17 7.29
CA VAL D 133 -27.09 60.08 8.23
C VAL D 133 -28.07 60.13 9.40
N ALA D 134 -29.26 59.60 9.20
CA ALA D 134 -30.28 59.60 10.24
C ALA D 134 -29.97 58.59 11.32
N ILE D 135 -30.38 58.90 12.56
CA ILE D 135 -30.32 57.93 13.65
C ILE D 135 -31.36 56.85 13.43
N GLN D 136 -30.93 55.59 13.53
CA GLN D 136 -31.80 54.47 13.18
C GLN D 136 -33.09 54.46 14.00
N ALA D 137 -32.99 54.77 15.29
CA ALA D 137 -34.19 54.79 16.12
C ALA D 137 -35.15 55.90 15.74
N VAL D 138 -34.64 57.05 15.28
CA VAL D 138 -35.55 58.10 14.83
C VAL D 138 -36.29 57.65 13.59
N LEU D 139 -35.60 56.95 12.69
CA LEU D 139 -36.25 56.34 11.53
C LEU D 139 -37.32 55.34 11.94
N SER D 140 -37.06 54.56 12.98
CA SER D 140 -38.02 53.52 13.38
C SER D 140 -39.36 54.08 13.82
N LEU D 141 -39.44 55.35 14.25
CA LEU D 141 -40.75 55.95 14.50
C LEU D 141 -41.55 56.13 13.23
N TYR D 142 -40.93 56.68 12.18
CA TYR D 142 -41.65 56.92 10.93
C TYR D 142 -42.35 55.67 10.41
N ALA D 143 -41.68 54.52 10.48
CA ALA D 143 -42.30 53.28 10.01
C ALA D 143 -43.52 52.88 10.83
N SER D 144 -43.62 53.34 12.08
CA SER D 144 -44.82 53.08 12.88
C SER D 144 -45.88 54.16 12.75
N GLY D 145 -45.51 55.37 12.35
CA GLY D 145 -46.43 56.48 12.35
C GLY D 145 -46.51 57.24 13.66
N ARG D 146 -45.73 56.85 14.65
CA ARG D 146 -45.70 57.60 15.91
C ARG D 146 -45.00 58.94 15.72
N THR D 147 -45.34 59.88 16.61
CA THR D 147 -44.49 61.03 16.87
C THR D 147 -43.86 60.97 18.26
N THR D 148 -44.33 60.06 19.12
CA THR D 148 -43.91 59.98 20.51
C THR D 148 -43.71 58.52 20.86
N GLY D 149 -42.64 58.22 21.57
CA GLY D 149 -42.42 56.84 21.98
C GLY D 149 -41.00 56.59 22.41
N ILE D 150 -40.83 55.52 23.18
CA ILE D 150 -39.55 54.81 23.23
C ILE D 150 -39.39 54.02 21.95
N VAL D 151 -38.22 54.13 21.33
CA VAL D 151 -37.79 53.17 20.33
C VAL D 151 -36.75 52.24 20.95
N LEU D 152 -36.96 50.94 20.82
CA LEU D 152 -35.96 49.95 21.13
C LEU D 152 -35.50 49.35 19.80
N ASP D 153 -34.30 49.70 19.36
CA ASP D 153 -33.68 49.06 18.22
C ASP D 153 -32.67 48.04 18.72
N SER D 154 -32.73 46.82 18.19
CA SER D 154 -31.86 45.74 18.62
C SER D 154 -31.37 45.04 17.36
N GLY D 155 -30.14 45.32 16.95
CA GLY D 155 -29.64 44.89 15.66
C GLY D 155 -28.83 43.62 15.73
N ASP D 156 -27.85 43.52 14.83
CA ASP D 156 -26.84 42.48 14.90
C ASP D 156 -25.69 42.85 15.83
N GLY D 157 -25.31 44.13 15.86
CA GLY D 157 -24.15 44.54 16.61
C GLY D 157 -24.42 45.40 17.83
N VAL D 158 -25.49 46.20 17.81
CA VAL D 158 -25.81 47.10 18.91
C VAL D 158 -27.30 47.11 19.18
N THR D 159 -27.64 47.47 20.41
CA THR D 159 -29.01 47.72 20.84
C THR D 159 -29.04 49.10 21.48
N HIS D 160 -30.05 49.90 21.14
CA HIS D 160 -30.11 51.25 21.69
C HIS D 160 -31.54 51.70 21.89
N ASN D 161 -31.73 52.52 22.92
CA ASN D 161 -33.00 53.12 23.29
C ASN D 161 -32.95 54.62 23.02
N VAL D 162 -33.93 55.15 22.30
CA VAL D 162 -34.03 56.58 22.05
C VAL D 162 -35.45 57.06 22.31
N PRO D 163 -35.69 57.76 23.42
CA PRO D 163 -37.00 58.36 23.67
C PRO D 163 -37.23 59.65 22.90
N ILE D 164 -38.45 59.80 22.39
CA ILE D 164 -38.83 60.90 21.52
C ILE D 164 -40.24 61.33 21.92
N TYR D 165 -40.51 62.63 21.87
CA TYR D 165 -41.81 63.18 22.28
C TYR D 165 -42.24 64.32 21.36
N GLU D 166 -43.18 64.05 20.47
CA GLU D 166 -43.67 65.01 19.48
C GLU D 166 -42.54 65.57 18.63
N GLY D 167 -41.51 64.77 18.40
CA GLY D 167 -40.21 65.30 18.04
C GLY D 167 -39.27 65.22 19.22
N TYR D 168 -38.26 66.09 19.24
CA TYR D 168 -37.48 66.37 20.45
C TYR D 168 -36.99 65.09 21.11
N ALA D 169 -36.14 64.36 20.39
CA ALA D 169 -35.40 63.27 21.01
C ALA D 169 -34.62 63.80 22.21
N LEU D 170 -34.69 63.06 23.32
CA LEU D 170 -34.02 63.44 24.55
C LEU D 170 -32.60 62.88 24.62
N PRO D 171 -31.58 63.66 24.23
CA PRO D 171 -30.27 63.06 23.95
C PRO D 171 -29.58 62.51 25.20
N HIS D 172 -29.88 63.07 26.37
CA HIS D 172 -29.33 62.56 27.62
C HIS D 172 -29.94 61.21 28.01
N ALA D 173 -31.14 60.91 27.54
CA ALA D 173 -31.80 59.65 27.86
C ALA D 173 -31.53 58.54 26.84
N ILE D 174 -30.86 58.85 25.73
CA ILE D 174 -30.41 57.79 24.84
C ILE D 174 -29.47 56.85 25.59
N MET D 175 -29.63 55.55 25.33
CA MET D 175 -28.74 54.52 25.86
C MET D 175 -28.38 53.54 24.75
N ARG D 176 -27.14 53.07 24.74
CA ARG D 176 -26.67 52.06 23.80
C ARG D 176 -25.93 50.96 24.54
N LEU D 177 -26.19 49.70 24.15
CA LEU D 177 -25.89 48.57 25.01
C LEU D 177 -24.72 47.71 24.52
N ASP D 178 -24.34 47.80 23.25
CA ASP D 178 -23.30 46.94 22.66
C ASP D 178 -23.59 45.45 22.79
N LEU D 179 -24.84 45.08 23.05
CA LEU D 179 -25.26 43.69 23.13
C LEU D 179 -26.34 43.44 22.09
N ALA D 180 -26.08 42.50 21.17
CA ALA D 180 -27.05 42.24 20.12
C ALA D 180 -26.81 40.85 19.51
N GLY D 181 -27.37 40.63 18.32
CA GLY D 181 -27.40 39.31 17.70
C GLY D 181 -26.09 38.57 17.55
N ARG D 182 -24.97 39.29 17.45
CA ARG D 182 -23.68 38.58 17.43
C ARG D 182 -23.34 37.99 18.80
N ASP D 183 -23.58 38.74 19.87
CA ASP D 183 -23.36 38.20 21.21
C ASP D 183 -24.30 37.04 21.51
N LEU D 184 -25.53 37.10 20.98
CA LEU D 184 -26.46 35.99 21.08
C LEU D 184 -25.99 34.77 20.28
N THR D 185 -25.47 34.99 19.08
CA THR D 185 -24.92 33.88 18.29
C THR D 185 -23.73 33.23 18.99
N ASP D 186 -22.79 34.04 19.48
CA ASP D 186 -21.61 33.50 20.14
C ASP D 186 -21.96 32.78 21.45
N TYR D 187 -22.92 33.30 22.21
CA TYR D 187 -23.37 32.56 23.39
C TYR D 187 -24.10 31.28 23.03
N LEU D 188 -24.91 31.30 21.96
CA LEU D 188 -25.52 30.07 21.49
C LEU D 188 -24.48 29.03 21.08
N MET D 189 -23.40 29.46 20.43
CA MET D 189 -22.29 28.54 20.13
C MET D 189 -21.67 27.99 21.41
N LYS D 190 -21.45 28.84 22.39
CA LYS D 190 -20.86 28.42 23.66
C LYS D 190 -21.74 27.41 24.39
N ILE D 191 -23.06 27.61 24.37
CA ILE D 191 -23.93 26.64 25.05
C ILE D 191 -24.20 25.40 24.19
N LEU D 192 -24.20 25.50 22.86
CA LEU D 192 -24.28 24.29 22.04
C LEU D 192 -23.05 23.42 22.21
N THR D 193 -21.92 24.02 22.62
CA THR D 193 -20.77 23.22 23.02
C THR D 193 -21.07 22.33 24.22
N GLU D 194 -22.03 22.72 25.06
CA GLU D 194 -22.37 21.92 26.24
C GLU D 194 -22.91 20.53 25.93
N ARG D 195 -23.44 20.28 24.72
CA ARG D 195 -23.74 18.92 24.31
C ARG D 195 -22.96 18.48 23.07
N GLY D 196 -21.88 19.18 22.74
CA GLY D 196 -20.86 18.69 21.84
C GLY D 196 -21.00 19.03 20.38
N TYR D 197 -21.90 19.94 20.00
CA TYR D 197 -21.90 20.47 18.64
C TYR D 197 -20.84 21.56 18.59
N SER D 198 -19.60 21.16 18.33
CA SER D 198 -18.49 22.11 18.26
C SER D 198 -18.58 22.92 16.97
N PHE D 199 -18.95 24.19 17.10
CA PHE D 199 -18.92 25.17 16.03
C PHE D 199 -17.84 26.20 16.33
N VAL D 200 -16.92 26.40 15.39
CA VAL D 200 -15.73 27.21 15.66
C VAL D 200 -15.37 28.08 14.45
N THR D 201 -15.59 27.55 13.25
CA THR D 201 -15.36 28.35 12.05
C THR D 201 -16.42 29.43 11.91
N THR D 202 -16.12 30.43 11.07
CA THR D 202 -17.09 31.47 10.78
C THR D 202 -18.25 30.93 9.95
N ALA D 203 -17.99 29.94 9.10
CA ALA D 203 -19.09 29.20 8.46
C ALA D 203 -20.02 28.58 9.50
N GLU D 204 -19.45 28.01 10.56
CA GLU D 204 -20.29 27.45 11.62
C GLU D 204 -20.96 28.54 12.44
N ARG D 205 -20.26 29.65 12.68
CA ARG D 205 -20.93 30.81 13.28
C ARG D 205 -22.16 31.22 12.47
N GLU D 206 -22.02 31.19 11.14
CA GLU D 206 -23.11 31.53 10.22
C GLU D 206 -24.20 30.47 10.18
N ILE D 207 -23.89 29.25 10.59
CA ILE D 207 -24.92 28.23 10.74
C ILE D 207 -25.64 28.37 12.08
N VAL D 208 -24.90 28.68 13.15
CA VAL D 208 -25.53 28.93 14.43
C VAL D 208 -26.40 30.18 14.41
N ARG D 209 -26.08 31.15 13.55
CA ARG D 209 -27.02 32.24 13.30
C ARG D 209 -28.35 31.73 12.75
N ASP D 210 -28.30 30.73 11.88
CA ASP D 210 -29.54 30.17 11.34
C ASP D 210 -30.28 29.35 12.39
N ILE D 211 -29.54 28.60 13.20
CA ILE D 211 -30.16 27.86 14.30
C ILE D 211 -30.86 28.82 15.25
N LYS D 212 -30.20 29.93 15.58
CA LYS D 212 -30.78 31.00 16.39
C LYS D 212 -32.07 31.54 15.79
N GLU D 213 -32.06 31.82 14.48
CA GLU D 213 -33.26 32.37 13.85
C GLU D 213 -34.39 31.35 13.75
N LYS D 214 -34.07 30.09 13.49
CA LYS D 214 -35.12 29.09 13.28
C LYS D 214 -35.73 28.60 14.59
N LEU D 215 -34.91 28.29 15.59
CA LEU D 215 -35.40 27.58 16.77
C LEU D 215 -35.64 28.48 17.98
N CYS D 216 -34.81 29.49 18.22
CA CYS D 216 -34.83 30.17 19.51
C CYS D 216 -36.10 30.99 19.70
N TYR D 217 -36.48 31.16 20.96
CA TYR D 217 -37.59 32.00 21.38
C TYR D 217 -37.28 32.52 22.78
N VAL D 218 -37.99 33.56 23.19
CA VAL D 218 -37.78 34.16 24.51
C VAL D 218 -38.80 33.60 25.50
N ALA D 219 -38.30 33.02 26.59
CA ALA D 219 -39.15 32.47 27.62
C ALA D 219 -39.95 33.57 28.31
N LEU D 220 -41.23 33.29 28.59
CA LEU D 220 -42.06 34.23 29.32
C LEU D 220 -41.70 34.26 30.81
N ASP D 221 -41.22 33.13 31.35
CA ASP D 221 -40.95 32.97 32.78
C ASP D 221 -39.76 32.02 32.91
N PHE D 222 -38.55 32.59 32.81
CA PHE D 222 -37.36 31.81 32.49
C PHE D 222 -37.13 30.66 33.47
N GLU D 223 -37.34 30.90 34.76
CA GLU D 223 -37.15 29.84 35.74
C GLU D 223 -38.09 28.66 35.52
N ASN D 224 -39.36 28.94 35.21
CA ASN D 224 -40.32 27.87 34.96
C ASN D 224 -40.13 27.20 33.60
N GLU D 225 -39.70 27.94 32.59
CA GLU D 225 -39.36 27.31 31.32
C GLU D 225 -38.12 26.43 31.45
N MET D 226 -37.11 26.89 32.19
CA MET D 226 -35.94 26.08 32.47
C MET D 226 -36.30 24.81 33.23
N ALA D 227 -37.18 24.92 34.23
CA ALA D 227 -37.64 23.72 34.93
C ALA D 227 -38.45 22.79 34.03
N THR D 228 -39.25 23.35 33.12
CA THR D 228 -40.01 22.51 32.19
C THR D 228 -39.10 21.78 31.21
N ALA D 229 -38.13 22.49 30.64
CA ALA D 229 -37.13 21.85 29.78
C ALA D 229 -36.28 20.83 30.54
N ALA D 230 -36.10 21.01 31.84
CA ALA D 230 -35.40 20.00 32.64
C ALA D 230 -36.28 18.78 32.90
N SER D 231 -37.58 18.99 33.10
CA SER D 231 -38.48 17.89 33.42
C SER D 231 -39.02 17.15 32.21
N SER D 232 -39.09 17.79 31.04
CA SER D 232 -39.67 17.12 29.88
C SER D 232 -38.97 17.54 28.60
N SER D 233 -38.96 16.63 27.63
CA SER D 233 -38.37 16.83 26.31
C SER D 233 -39.30 17.58 25.35
N SER D 234 -40.48 18.01 25.81
CA SER D 234 -41.46 18.64 24.94
C SER D 234 -40.92 19.90 24.28
N LEU D 235 -40.00 20.58 24.93
CA LEU D 235 -39.39 21.79 24.38
C LEU D 235 -38.24 21.51 23.42
N GLU D 236 -37.79 20.27 23.30
CA GLU D 236 -36.68 19.99 22.38
C GLU D 236 -37.15 20.05 20.93
N LYS D 237 -36.29 20.57 20.08
CA LYS D 237 -36.50 20.68 18.64
C LYS D 237 -35.28 20.15 17.91
N SER D 238 -35.50 19.56 16.74
CA SER D 238 -34.43 19.05 15.91
C SER D 238 -34.22 19.92 14.69
N TYR D 239 -32.96 20.10 14.31
CA TYR D 239 -32.55 20.95 13.20
C TYR D 239 -31.55 20.15 12.37
N GLU D 240 -31.50 20.43 11.07
CA GLU D 240 -30.68 19.67 10.15
C GLU D 240 -29.56 20.53 9.58
N LEU D 241 -28.33 20.16 9.89
CA LEU D 241 -27.15 20.89 9.44
C LEU D 241 -26.98 20.76 7.93
N PRO D 242 -26.17 21.62 7.31
CA PRO D 242 -26.01 21.57 5.85
C PRO D 242 -25.60 20.21 5.31
N ASP D 243 -24.94 19.38 6.11
CA ASP D 243 -24.57 18.03 5.69
C ASP D 243 -25.58 16.96 6.10
N GLY D 244 -26.76 17.36 6.55
CA GLY D 244 -27.79 16.41 6.95
C GLY D 244 -27.62 15.81 8.33
N GLN D 245 -26.57 16.16 9.07
CA GLN D 245 -26.50 15.77 10.47
C GLN D 245 -27.60 16.48 11.26
N VAL D 246 -28.46 15.70 11.92
CA VAL D 246 -29.47 16.26 12.81
C VAL D 246 -28.83 16.61 14.15
N ILE D 247 -29.20 17.77 14.68
CA ILE D 247 -28.90 18.17 16.05
C ILE D 247 -30.22 18.37 16.80
N THR D 248 -30.18 18.21 18.11
CA THR D 248 -31.34 18.47 18.94
C THR D 248 -30.97 19.45 20.05
N ILE D 249 -31.89 20.38 20.32
CA ILE D 249 -31.67 21.56 21.15
C ILE D 249 -32.81 21.67 22.15
N GLY D 250 -32.49 22.09 23.37
CA GLY D 250 -33.47 22.10 24.44
C GLY D 250 -33.50 23.41 25.20
N ASN D 251 -33.04 23.44 26.44
CA ASN D 251 -33.02 24.70 27.18
C ASN D 251 -32.12 25.75 26.55
N GLU D 252 -31.19 25.35 25.67
CA GLU D 252 -30.42 26.33 24.91
C GLU D 252 -31.32 27.22 24.06
N ARG D 253 -32.49 26.70 23.70
CA ARG D 253 -33.42 27.37 22.78
C ARG D 253 -33.90 28.69 23.34
N PHE D 254 -34.06 28.79 24.65
CA PHE D 254 -34.44 30.05 25.26
C PHE D 254 -33.36 30.65 26.14
N ARG D 255 -32.38 29.85 26.59
CA ARG D 255 -31.21 30.42 27.23
C ARG D 255 -30.44 31.37 26.31
N CYS D 256 -30.44 31.13 25.00
CA CYS D 256 -29.77 32.05 24.09
C CYS D 256 -30.36 33.45 24.13
N PRO D 257 -31.62 33.69 23.76
CA PRO D 257 -32.15 35.06 23.78
C PRO D 257 -32.44 35.61 25.18
N GLU D 258 -32.52 34.75 26.20
CA GLU D 258 -32.61 35.24 27.58
C GLU D 258 -31.46 36.18 27.95
N THR D 259 -30.29 36.01 27.34
CA THR D 259 -29.16 36.89 27.66
C THR D 259 -29.43 38.35 27.34
N LEU D 260 -30.43 38.66 26.50
CA LEU D 260 -30.87 40.04 26.35
C LEU D 260 -31.41 40.59 27.66
N PHE D 261 -32.15 39.76 28.39
CA PHE D 261 -32.71 40.16 29.68
C PHE D 261 -31.76 39.91 30.85
N GLN D 262 -30.77 39.03 30.67
CA GLN D 262 -29.78 38.73 31.70
C GLN D 262 -28.38 38.76 31.08
N PRO D 263 -27.85 39.95 30.80
CA PRO D 263 -26.54 40.05 30.13
C PRO D 263 -25.42 39.38 30.91
N SER D 264 -25.55 39.20 32.22
CA SER D 264 -24.56 38.49 33.01
C SER D 264 -24.31 37.07 32.52
N PHE D 265 -25.21 36.50 31.72
CA PHE D 265 -24.95 35.19 31.13
C PHE D 265 -23.73 35.23 30.21
N ILE D 266 -23.53 36.34 29.49
CA ILE D 266 -22.33 36.51 28.66
C ILE D 266 -21.26 37.30 29.40
N GLY D 267 -21.39 37.44 30.72
CA GLY D 267 -20.49 38.24 31.51
C GLY D 267 -20.63 39.73 31.35
N MET D 268 -21.53 40.19 30.48
CA MET D 268 -21.78 41.62 30.34
C MET D 268 -22.38 42.16 31.63
N GLU D 269 -21.81 43.26 32.12
CA GLU D 269 -22.19 43.76 33.43
C GLU D 269 -23.56 44.44 33.42
N SER D 270 -23.94 45.04 32.29
CA SER D 270 -25.01 46.03 32.28
C SER D 270 -26.34 45.43 32.73
N ALA D 271 -27.27 46.33 33.07
CA ALA D 271 -28.69 46.00 33.18
C ALA D 271 -29.25 45.48 31.86
N GLY D 272 -30.29 44.67 31.97
CA GLY D 272 -30.91 44.07 30.80
C GLY D 272 -31.63 45.11 29.96
N ILE D 273 -32.19 44.64 28.84
CA ILE D 273 -32.87 45.55 27.91
C ILE D 273 -34.18 46.09 28.48
N HIS D 274 -34.86 45.32 29.32
CA HIS D 274 -36.03 45.85 30.02
C HIS D 274 -35.63 46.90 31.04
N GLU D 275 -34.56 46.63 31.79
CA GLU D 275 -34.08 47.61 32.76
C GLU D 275 -33.54 48.86 32.09
N THR D 276 -32.78 48.71 31.00
CA THR D 276 -32.31 49.92 30.31
C THR D 276 -33.44 50.69 29.61
N THR D 277 -34.50 50.00 29.19
CA THR D 277 -35.69 50.69 28.71
C THR D 277 -36.35 51.50 29.83
N TYR D 278 -36.55 50.87 30.99
CA TYR D 278 -37.12 51.59 32.13
C TYR D 278 -36.23 52.74 32.57
N ASN D 279 -34.92 52.52 32.72
CA ASN D 279 -34.01 53.58 33.10
C ASN D 279 -33.96 54.72 32.08
N SER D 280 -34.17 54.41 30.80
CA SER D 280 -34.29 55.46 29.79
C SER D 280 -35.57 56.28 29.97
N ILE D 281 -36.69 55.62 30.25
CA ILE D 281 -37.89 56.37 30.62
C ILE D 281 -37.69 57.19 31.89
N MET D 282 -36.98 56.63 32.88
CA MET D 282 -36.66 57.36 34.10
C MET D 282 -35.70 58.52 33.90
N LYS D 283 -34.93 58.54 32.81
CA LYS D 283 -34.18 59.76 32.51
C LYS D 283 -35.05 60.85 31.90
N CYS D 284 -36.23 60.50 31.41
CA CYS D 284 -37.16 61.46 30.83
C CYS D 284 -37.92 62.24 31.89
N ASP D 285 -38.32 63.45 31.53
CA ASP D 285 -39.11 64.32 32.40
C ASP D 285 -40.45 63.68 32.73
N ILE D 286 -40.91 63.88 33.97
CA ILE D 286 -41.94 63.01 34.54
C ILE D 286 -43.27 63.14 33.81
N ASP D 287 -43.50 64.24 33.09
CA ASP D 287 -44.76 64.43 32.38
C ASP D 287 -44.90 63.47 31.20
N ILE D 288 -43.80 63.14 30.51
CA ILE D 288 -43.89 62.40 29.26
C ILE D 288 -43.83 60.89 29.46
N ARG D 289 -43.42 60.43 30.64
CA ARG D 289 -43.23 59.00 30.89
C ARG D 289 -44.47 58.18 30.60
N LYS D 290 -45.66 58.69 30.91
CA LYS D 290 -46.90 57.96 30.64
C LYS D 290 -47.08 57.67 29.15
N ASP D 291 -46.66 58.58 28.27
CA ASP D 291 -46.76 58.33 26.84
C ASP D 291 -45.64 57.46 26.30
N LEU D 292 -44.49 57.47 26.96
CA LEU D 292 -43.45 56.52 26.60
C LEU D 292 -43.87 55.12 26.98
N TYR D 293 -44.41 54.93 28.19
CA TYR D 293 -44.96 53.64 28.56
C TYR D 293 -46.06 53.22 27.59
N ALA D 294 -46.87 54.16 27.13
CA ALA D 294 -47.91 53.83 26.18
C ALA D 294 -47.40 53.66 24.75
N ASN D 295 -46.11 53.89 24.50
CA ASN D 295 -45.58 53.86 23.14
C ASN D 295 -44.16 53.31 23.11
N ASN D 296 -43.94 52.13 23.68
CA ASN D 296 -42.69 51.42 23.41
C ASN D 296 -42.73 50.81 22.01
N VAL D 297 -41.81 51.24 21.15
CA VAL D 297 -41.66 50.72 19.80
C VAL D 297 -40.44 49.82 19.74
N MET D 298 -40.62 48.59 19.27
CA MET D 298 -39.55 47.63 19.13
C MET D 298 -39.18 47.49 17.67
N SER D 299 -37.87 47.46 17.39
CA SER D 299 -37.40 47.31 16.02
C SER D 299 -36.08 46.55 16.02
N GLY D 300 -35.68 46.09 14.85
CA GLY D 300 -34.46 45.33 14.66
C GLY D 300 -34.66 43.84 14.79
N GLY D 301 -33.83 43.09 14.05
CA GLY D 301 -34.06 41.66 13.87
C GLY D 301 -34.10 40.87 15.16
N THR D 302 -33.26 41.23 16.13
CA THR D 302 -33.27 40.51 17.41
C THR D 302 -34.48 40.82 18.29
N THR D 303 -35.41 41.65 17.84
CA THR D 303 -36.73 41.74 18.47
C THR D 303 -37.74 40.79 17.84
N MET D 304 -37.32 39.93 16.92
CA MET D 304 -38.24 39.03 16.23
C MET D 304 -38.53 37.76 17.00
N TYR D 305 -37.80 37.49 18.09
CA TYR D 305 -38.00 36.24 18.83
C TYR D 305 -39.45 36.11 19.28
N PRO D 306 -40.09 34.97 19.06
CA PRO D 306 -41.41 34.73 19.63
C PRO D 306 -41.44 34.97 21.14
N GLY D 307 -42.48 35.68 21.59
CA GLY D 307 -42.65 35.94 23.00
C GLY D 307 -41.83 37.07 23.58
N ILE D 308 -40.97 37.71 22.79
CA ILE D 308 -40.13 38.78 23.34
C ILE D 308 -40.98 39.98 23.74
N ALA D 309 -42.05 40.28 22.99
CA ALA D 309 -42.95 41.37 23.36
C ALA D 309 -43.69 41.07 24.66
N ASP D 310 -44.16 39.83 24.82
CA ASP D 310 -44.83 39.43 26.06
C ASP D 310 -43.90 39.49 27.27
N ARG D 311 -42.69 38.95 27.13
CA ARG D 311 -41.70 39.04 28.21
C ARG D 311 -41.33 40.49 28.52
N MET D 312 -41.11 41.32 27.50
CA MET D 312 -40.78 42.71 27.72
C MET D 312 -41.93 43.45 28.43
N GLN D 313 -43.17 43.16 28.05
CA GLN D 313 -44.32 43.78 28.69
C GLN D 313 -44.46 43.34 30.14
N LYS D 314 -44.28 42.04 30.41
CA LYS D 314 -44.27 41.57 31.79
C LYS D 314 -43.20 42.27 32.62
N GLU D 315 -41.98 42.34 32.11
CA GLU D 315 -40.89 42.91 32.89
C GLU D 315 -41.04 44.41 33.12
N ILE D 316 -41.45 45.17 32.10
CA ILE D 316 -41.68 46.59 32.33
C ILE D 316 -42.91 46.84 33.19
N THR D 317 -43.97 46.02 33.05
CA THR D 317 -45.12 46.18 33.94
C THR D 317 -44.76 45.85 35.37
N ALA D 318 -43.74 45.03 35.58
CA ALA D 318 -43.23 44.81 36.93
C ALA D 318 -42.36 45.96 37.40
N LEU D 319 -41.65 46.61 36.49
CA LEU D 319 -40.82 47.75 36.84
C LEU D 319 -41.65 49.03 37.01
N ALA D 320 -42.52 49.32 36.04
CA ALA D 320 -43.23 50.59 36.01
C ALA D 320 -44.37 50.63 37.02
N PRO D 321 -44.77 51.84 37.45
CA PRO D 321 -45.87 51.99 38.41
C PRO D 321 -47.17 51.35 37.94
N SER D 322 -47.90 50.80 38.90
CA SER D 322 -49.01 49.88 38.63
C SER D 322 -50.09 50.49 37.74
N THR D 323 -50.23 51.81 37.77
CA THR D 323 -51.26 52.47 36.96
C THR D 323 -50.87 52.56 35.49
N MET D 324 -49.58 52.59 35.17
CA MET D 324 -49.15 52.92 33.83
C MET D 324 -49.58 51.83 32.84
N LYS D 325 -50.20 52.26 31.75
CA LYS D 325 -50.65 51.35 30.68
C LYS D 325 -49.47 50.99 29.79
N ILE D 326 -48.65 50.05 30.25
CA ILE D 326 -47.49 49.63 29.49
C ILE D 326 -47.96 48.95 28.20
N LYS D 327 -47.54 49.51 27.07
CA LYS D 327 -47.90 48.99 25.76
C LYS D 327 -46.64 48.91 24.90
N ILE D 328 -46.51 47.82 24.15
CA ILE D 328 -45.37 47.60 23.27
C ILE D 328 -45.84 47.50 21.84
N ILE D 329 -45.32 48.38 20.99
CA ILE D 329 -45.62 48.37 19.56
C ILE D 329 -44.52 47.57 18.88
N ALA D 330 -44.74 46.26 18.75
CA ALA D 330 -43.83 45.35 18.07
C ALA D 330 -44.58 44.75 16.88
N PRO D 331 -44.71 45.50 15.80
CA PRO D 331 -45.49 45.03 14.66
C PRO D 331 -44.75 43.97 13.88
N PRO D 332 -45.43 43.28 12.95
CA PRO D 332 -44.74 42.64 11.82
C PRO D 332 -43.85 43.58 11.05
N GLU D 333 -42.89 43.02 10.32
CA GLU D 333 -41.86 43.70 9.52
C GLU D 333 -41.02 44.67 10.35
N ARG D 334 -41.09 44.60 11.69
CA ARG D 334 -40.26 45.46 12.51
C ARG D 334 -38.77 45.23 12.27
N LYS D 335 -38.42 44.11 11.62
CA LYS D 335 -37.06 43.92 11.13
C LYS D 335 -36.68 44.96 10.08
N TYR D 336 -37.61 45.36 9.23
CA TYR D 336 -37.37 46.37 8.20
C TYR D 336 -37.83 47.77 8.57
N SER D 337 -38.27 48.00 9.80
CA SER D 337 -38.86 49.30 10.15
C SER D 337 -37.87 50.45 10.03
N VAL D 338 -36.58 50.21 10.28
CA VAL D 338 -35.60 51.28 10.10
C VAL D 338 -35.47 51.67 8.64
N TRP D 339 -35.47 50.70 7.73
CA TRP D 339 -35.46 51.02 6.32
C TRP D 339 -36.76 51.68 5.88
N ILE D 340 -37.91 51.15 6.31
CA ILE D 340 -39.18 51.77 5.94
C ILE D 340 -39.26 53.21 6.43
N GLY D 341 -38.75 53.47 7.63
CA GLY D 341 -38.65 54.83 8.11
C GLY D 341 -37.76 55.71 7.26
N GLY D 342 -36.65 55.15 6.77
CA GLY D 342 -35.83 55.90 5.83
C GLY D 342 -36.50 56.11 4.49
N SER D 343 -37.28 55.14 4.03
CA SER D 343 -38.03 55.27 2.78
C SER D 343 -39.11 56.35 2.89
N ILE D 344 -39.71 56.48 4.06
CA ILE D 344 -40.59 57.62 4.32
C ILE D 344 -39.81 58.92 4.34
N LEU D 345 -38.82 59.03 5.23
CA LEU D 345 -38.13 60.29 5.44
C LEU D 345 -37.49 60.83 4.16
N ALA D 346 -36.80 59.97 3.41
CA ALA D 346 -36.14 60.39 2.19
C ALA D 346 -37.13 60.87 1.13
N SER D 347 -38.39 60.45 1.21
CA SER D 347 -39.39 60.87 0.24
C SER D 347 -40.32 61.94 0.81
N LEU D 348 -40.11 62.35 2.05
CA LEU D 348 -40.89 63.43 2.64
C LEU D 348 -40.45 64.76 2.03
N SER D 349 -41.43 65.58 1.65
CA SER D 349 -41.13 66.82 0.95
C SER D 349 -40.45 67.84 1.85
N THR D 350 -40.72 67.77 3.15
CA THR D 350 -40.04 68.62 4.13
C THR D 350 -38.57 68.28 4.27
N PHE D 351 -38.19 67.03 4.00
CA PHE D 351 -36.82 66.58 4.19
C PHE D 351 -35.86 67.05 3.10
N GLN D 352 -36.34 67.47 1.94
CA GLN D 352 -35.45 67.84 0.85
C GLN D 352 -34.58 69.06 1.18
N GLN D 353 -34.90 69.78 2.25
CA GLN D 353 -34.00 70.81 2.78
C GLN D 353 -32.79 70.21 3.50
N MET D 354 -32.94 69.00 4.02
CA MET D 354 -32.02 68.47 5.03
C MET D 354 -30.77 67.80 4.45
N TRP D 355 -30.78 67.44 3.17
CA TRP D 355 -29.63 66.75 2.59
C TRP D 355 -28.34 67.55 2.78
N ILE D 356 -27.25 66.84 3.04
CA ILE D 356 -25.90 67.36 2.85
C ILE D 356 -25.65 67.45 1.35
N THR D 357 -25.65 68.66 0.79
CA THR D 357 -25.31 68.75 -0.62
C THR D 357 -23.80 68.65 -0.79
N LYS D 358 -23.39 68.23 -2.00
CA LYS D 358 -21.97 68.14 -2.30
C LYS D 358 -21.28 69.50 -2.27
N GLN D 359 -22.00 70.57 -2.57
CA GLN D 359 -21.45 71.92 -2.38
C GLN D 359 -21.09 72.18 -0.92
N GLU D 360 -21.96 71.79 0.01
CA GLU D 360 -21.65 71.93 1.43
C GLU D 360 -20.47 71.06 1.85
N TYR D 361 -20.32 69.88 1.27
CA TYR D 361 -19.13 69.07 1.58
C TYR D 361 -17.86 69.69 1.01
N ASP D 362 -17.91 70.20 -0.22
CA ASP D 362 -16.76 70.90 -0.78
C ASP D 362 -16.41 72.16 -0.01
N GLU D 363 -17.39 72.77 0.66
CA GLU D 363 -17.10 73.93 1.50
C GLU D 363 -16.60 73.56 2.90
N ALA D 364 -17.10 72.48 3.50
CA ALA D 364 -16.90 72.25 4.93
C ALA D 364 -16.26 70.93 5.33
N GLY D 365 -15.93 70.05 4.39
CA GLY D 365 -15.32 68.78 4.71
C GLY D 365 -16.19 67.90 5.56
N PRO D 366 -15.64 66.79 6.05
CA PRO D 366 -16.42 65.86 6.88
C PRO D 366 -17.09 66.49 8.10
N SER D 367 -16.57 67.60 8.60
CA SER D 367 -17.15 68.25 9.77
C SER D 367 -18.59 68.72 9.55
N ILE D 368 -19.04 68.87 8.30
CA ILE D 368 -20.39 69.37 8.05
C ILE D 368 -21.45 68.44 8.63
N VAL D 369 -21.19 67.14 8.68
CA VAL D 369 -22.24 66.18 9.04
C VAL D 369 -22.51 66.15 10.54
N HIS D 370 -21.69 66.83 11.33
CA HIS D 370 -22.02 67.10 12.72
C HIS D 370 -22.88 68.35 12.89
N ARG D 371 -22.80 69.28 11.93
CA ARG D 371 -23.54 70.52 12.04
C ARG D 371 -25.00 70.36 11.63
N LYS D 372 -25.24 69.68 10.51
CA LYS D 372 -26.59 69.54 9.99
C LYS D 372 -27.34 68.36 10.59
N CYS D 373 -26.77 67.16 10.50
CA CYS D 373 -27.46 65.97 10.98
C CYS D 373 -27.50 65.95 12.50
N PHE D 374 -28.57 65.36 13.04
CA PHE D 374 -28.68 65.19 14.49
C PHE D 374 -27.75 64.08 14.95
N THR E 4 -6.38 -41.17 25.44
CA THR E 4 -5.27 -41.93 24.88
C THR E 4 -4.19 -40.97 24.39
N THR E 5 -2.93 -41.39 24.48
CA THR E 5 -1.82 -40.52 24.11
C THR E 5 -1.88 -40.17 22.62
N ALA E 6 -1.72 -38.89 22.31
CA ALA E 6 -1.85 -38.44 20.95
C ALA E 6 -0.70 -38.96 20.09
N LEU E 7 -0.86 -38.82 18.78
CA LEU E 7 0.09 -39.34 17.81
C LEU E 7 0.49 -38.21 16.85
N VAL E 8 1.78 -38.07 16.61
CA VAL E 8 2.31 -36.99 15.78
C VAL E 8 3.00 -37.63 14.58
N CYS E 9 2.56 -37.26 13.38
CA CYS E 9 3.03 -37.87 12.14
C CYS E 9 3.34 -36.75 11.15
N ASP E 10 4.61 -36.35 11.11
CA ASP E 10 5.06 -35.29 10.20
C ASP E 10 5.30 -35.91 8.81
N ASN E 11 4.21 -36.03 8.05
CA ASN E 11 4.30 -36.28 6.62
C ASN E 11 4.80 -35.06 5.86
N GLY E 12 5.99 -34.58 6.20
CA GLY E 12 6.73 -33.75 5.28
C GLY E 12 7.15 -34.52 4.04
N SER E 13 7.85 -33.82 3.16
CA SER E 13 8.42 -34.44 1.98
C SER E 13 9.70 -35.18 2.32
N GLY E 14 9.98 -36.23 1.56
CA GLY E 14 11.24 -36.93 1.63
C GLY E 14 11.37 -37.89 2.80
N LEU E 15 11.21 -37.41 4.04
CA LEU E 15 11.20 -38.29 5.21
C LEU E 15 9.89 -38.12 5.96
N VAL E 16 9.26 -39.25 6.30
CA VAL E 16 8.27 -39.30 7.37
C VAL E 16 8.97 -39.26 8.72
N LYS E 17 8.54 -38.37 9.59
CA LYS E 17 8.87 -38.41 11.01
C LYS E 17 7.58 -38.67 11.78
N ALA E 18 7.54 -39.76 12.54
CA ALA E 18 6.34 -40.13 13.27
C ALA E 18 6.69 -40.69 14.63
N GLY E 19 5.77 -40.53 15.57
CA GLY E 19 5.94 -41.04 16.92
C GLY E 19 4.85 -40.48 17.82
N PHE E 20 4.79 -41.05 19.02
CA PHE E 20 3.78 -40.61 19.98
C PHE E 20 4.14 -39.24 20.53
N ALA E 21 3.10 -38.48 20.89
CA ALA E 21 3.33 -37.18 21.49
C ALA E 21 3.90 -37.33 22.90
N GLY E 22 4.77 -36.38 23.27
CA GLY E 22 5.47 -36.45 24.52
C GLY E 22 6.81 -37.16 24.48
N ASP E 23 7.07 -37.94 23.42
CA ASP E 23 8.40 -38.48 23.21
C ASP E 23 9.37 -37.39 22.76
N ASP E 24 10.64 -37.56 23.13
CA ASP E 24 11.66 -36.59 22.77
C ASP E 24 12.10 -36.66 21.32
N ALA E 25 11.85 -37.78 20.64
CA ALA E 25 12.30 -37.93 19.26
C ALA E 25 11.39 -38.89 18.53
N PRO E 26 11.22 -38.72 17.22
CA PRO E 26 10.32 -39.60 16.46
C PRO E 26 10.88 -41.01 16.39
N ARG E 27 10.09 -41.99 16.84
CA ARG E 27 10.54 -43.37 16.88
C ARG E 27 10.43 -44.08 15.53
N ALA E 28 9.75 -43.48 14.55
CA ALA E 28 9.78 -43.96 13.18
C ALA E 28 10.23 -42.81 12.27
N VAL E 29 11.44 -42.92 11.72
CA VAL E 29 11.91 -42.03 10.67
C VAL E 29 12.33 -42.88 9.48
N PHE E 30 11.68 -42.66 8.34
CA PHE E 30 11.94 -43.46 7.15
C PHE E 30 11.57 -42.64 5.93
N PRO E 31 12.12 -42.96 4.76
CA PRO E 31 11.85 -42.12 3.58
C PRO E 31 10.43 -42.31 3.07
N SER E 32 9.83 -41.20 2.63
CA SER E 32 8.47 -41.20 2.11
C SER E 32 8.45 -41.67 0.65
N ILE E 33 8.92 -42.90 0.46
CA ILE E 33 9.12 -43.47 -0.86
C ILE E 33 8.21 -44.68 -1.03
N VAL E 34 7.61 -44.80 -2.21
CA VAL E 34 6.99 -46.05 -2.66
C VAL E 34 7.77 -46.55 -3.87
N GLY E 35 8.21 -47.79 -3.83
CA GLY E 35 8.93 -48.41 -4.93
C GLY E 35 8.18 -49.61 -5.48
N ARG E 36 8.15 -49.72 -6.80
CA ARG E 36 7.46 -50.81 -7.46
C ARG E 36 8.44 -51.54 -8.38
N PRO E 37 8.41 -52.87 -8.40
CA PRO E 37 9.41 -53.62 -9.18
C PRO E 37 9.53 -53.16 -10.62
N ARG E 38 10.77 -52.91 -11.04
CA ARG E 38 11.02 -52.39 -12.38
C ARG E 38 11.11 -53.49 -13.42
N HIS E 39 11.59 -54.67 -13.05
CA HIS E 39 11.97 -55.71 -13.99
C HIS E 39 10.99 -56.89 -13.98
N GLN E 40 11.33 -57.89 -14.78
CA GLN E 40 10.59 -59.15 -14.88
C GLN E 40 10.50 -59.86 -13.52
N GLY E 41 9.62 -60.85 -13.47
CA GLY E 41 9.26 -61.61 -12.28
C GLY E 41 9.79 -63.01 -12.33
N VAL E 42 11.06 -63.15 -12.77
CA VAL E 42 11.57 -64.43 -13.28
C VAL E 42 11.40 -65.56 -12.26
N MET E 43 11.60 -65.26 -10.98
CA MET E 43 11.83 -66.30 -9.98
C MET E 43 10.58 -66.46 -9.11
N VAL E 44 9.75 -67.43 -9.47
CA VAL E 44 8.56 -67.82 -8.70
C VAL E 44 9.00 -68.51 -7.42
N GLY E 45 8.04 -68.85 -6.56
CA GLY E 45 8.38 -69.27 -5.22
C GLY E 45 8.63 -68.13 -4.25
N MET E 46 8.29 -66.90 -4.64
CA MET E 46 8.37 -65.75 -3.77
C MET E 46 7.12 -64.89 -3.97
N GLY E 47 6.82 -64.07 -2.95
CA GLY E 47 5.69 -63.17 -3.08
C GLY E 47 5.87 -62.12 -4.15
N GLN E 48 7.11 -61.69 -4.39
CA GLN E 48 7.42 -60.68 -5.41
C GLN E 48 6.51 -59.46 -5.29
N LYS E 49 6.20 -59.08 -4.04
CA LYS E 49 5.02 -58.27 -3.76
C LYS E 49 5.03 -56.97 -4.53
N ASP E 50 3.83 -56.48 -4.82
CA ASP E 50 3.62 -55.39 -5.78
C ASP E 50 4.29 -54.09 -5.37
N SER E 51 4.51 -53.86 -4.08
CA SER E 51 4.98 -52.56 -3.64
C SER E 51 5.83 -52.68 -2.39
N TYR E 52 6.81 -51.78 -2.28
CA TYR E 52 7.71 -51.67 -1.13
C TYR E 52 7.78 -50.21 -0.74
N VAL E 53 7.79 -49.94 0.57
CA VAL E 53 7.79 -48.57 1.07
C VAL E 53 8.86 -48.40 2.14
N GLY E 54 9.38 -47.18 2.22
CA GLY E 54 10.38 -46.84 3.22
C GLY E 54 11.69 -47.59 3.11
N ASP E 55 12.17 -48.06 4.27
CA ASP E 55 13.41 -48.82 4.31
C ASP E 55 13.32 -50.10 3.47
N GLU E 56 12.11 -50.64 3.30
CA GLU E 56 11.96 -51.75 2.36
C GLU E 56 12.42 -51.34 0.98
N ALA E 57 11.98 -50.16 0.53
CA ALA E 57 12.31 -49.68 -0.80
C ALA E 57 13.78 -49.31 -0.92
N GLN E 58 14.36 -48.75 0.15
CA GLN E 58 15.80 -48.50 0.15
C GLN E 58 16.61 -49.80 0.11
N SER E 59 16.18 -50.82 0.85
CA SER E 59 16.88 -52.10 0.85
C SER E 59 16.79 -52.82 -0.50
N LYS E 60 15.84 -52.45 -1.34
CA LYS E 60 15.65 -53.05 -2.66
C LYS E 60 15.88 -52.04 -3.77
N ARG E 61 16.47 -50.89 -3.44
CA ARG E 61 16.52 -49.69 -4.28
C ARG E 61 16.78 -49.98 -5.75
N GLY E 62 17.78 -50.81 -6.05
CA GLY E 62 18.21 -50.99 -7.42
C GLY E 62 17.36 -51.86 -8.30
N ILE E 63 16.21 -52.35 -7.82
CA ILE E 63 15.25 -53.04 -8.68
C ILE E 63 13.88 -52.37 -8.65
N LEU E 64 13.76 -51.22 -8.00
CA LEU E 64 12.48 -50.54 -7.85
C LEU E 64 12.52 -49.20 -8.55
N THR E 65 11.40 -48.83 -9.17
CA THR E 65 11.14 -47.46 -9.58
C THR E 65 10.63 -46.67 -8.37
N LEU E 66 11.55 -46.01 -7.68
CA LEU E 66 11.17 -45.21 -6.53
C LEU E 66 10.36 -44.00 -6.97
N LYS E 67 9.34 -43.66 -6.19
CA LYS E 67 8.55 -42.46 -6.41
C LYS E 67 8.22 -41.79 -5.09
N TYR E 68 8.17 -40.46 -5.08
CA TYR E 68 7.70 -39.73 -3.92
C TYR E 68 6.27 -39.27 -4.16
N PRO E 69 5.31 -39.64 -3.32
CA PRO E 69 3.92 -39.23 -3.57
C PRO E 69 3.58 -37.85 -3.08
N ILE E 70 4.51 -37.18 -2.39
CA ILE E 70 4.36 -35.79 -1.98
C ILE E 70 5.48 -34.98 -2.62
N GLU E 71 5.11 -33.97 -3.40
CA GLU E 71 6.06 -33.24 -4.23
C GLU E 71 5.84 -31.74 -4.08
N GLY E 73 5.85 -30.26 -1.16
CA GLY E 73 4.93 -30.20 -0.04
C GLY E 73 3.48 -30.52 -0.38
N ILE E 74 3.21 -30.83 -1.65
CA ILE E 74 1.88 -31.15 -2.13
C ILE E 74 1.83 -32.65 -2.36
N ILE E 75 0.81 -33.31 -1.82
CA ILE E 75 0.59 -34.73 -2.06
C ILE E 75 0.02 -34.90 -3.46
N THR E 76 0.82 -35.49 -4.36
CA THR E 76 0.43 -35.68 -5.74
C THR E 76 -0.20 -37.04 -6.01
N ASN E 77 -0.08 -37.99 -5.08
CA ASN E 77 -0.32 -39.41 -5.39
C ASN E 77 -0.95 -40.03 -4.13
N TRP E 78 -2.25 -39.79 -3.96
CA TRP E 78 -2.95 -40.21 -2.76
C TRP E 78 -2.98 -41.72 -2.59
N ASP E 79 -3.01 -42.46 -3.69
CA ASP E 79 -3.01 -43.92 -3.61
C ASP E 79 -1.74 -44.45 -2.96
N ASP E 80 -0.61 -43.80 -3.19
CA ASP E 80 0.65 -44.19 -2.54
C ASP E 80 0.86 -43.51 -1.19
N MET E 81 0.39 -42.28 -1.03
CA MET E 81 0.45 -41.65 0.29
C MET E 81 -0.35 -42.45 1.31
N GLU E 82 -1.52 -42.96 0.91
CA GLU E 82 -2.29 -43.81 1.82
C GLU E 82 -1.55 -45.09 2.16
N LYS E 83 -0.66 -45.55 1.28
CA LYS E 83 0.24 -46.65 1.62
C LYS E 83 1.29 -46.22 2.62
N ILE E 84 1.80 -45.00 2.48
CA ILE E 84 2.79 -44.51 3.43
C ILE E 84 2.19 -44.34 4.82
N TRP E 85 0.97 -43.79 4.91
CA TRP E 85 0.27 -43.73 6.19
C TRP E 85 -0.03 -45.11 6.76
N HIS E 86 -0.50 -46.05 5.91
CA HIS E 86 -0.71 -47.41 6.38
C HIS E 86 0.58 -48.01 6.94
N HIS E 87 1.69 -47.87 6.21
CA HIS E 87 2.97 -48.37 6.70
C HIS E 87 3.37 -47.70 8.01
N THR E 88 3.20 -46.38 8.10
CA THR E 88 3.54 -45.64 9.31
C THR E 88 2.80 -46.18 10.52
N PHE E 89 1.48 -46.36 10.39
CA PHE E 89 0.71 -46.78 11.56
C PHE E 89 0.88 -48.27 11.86
N TYR E 90 0.70 -49.13 10.86
CA TYR E 90 0.63 -50.57 11.14
C TYR E 90 1.98 -51.28 11.15
N ASN E 91 2.97 -50.86 10.36
CA ASN E 91 4.23 -51.57 10.29
C ASN E 91 5.33 -50.94 11.12
N GLU E 92 5.44 -49.61 11.12
CA GLU E 92 6.48 -48.93 11.87
C GLU E 92 6.06 -48.67 13.32
N LEU E 93 4.99 -47.91 13.51
CA LEU E 93 4.53 -47.65 14.87
C LEU E 93 3.73 -48.80 15.46
N ARG E 94 3.22 -49.71 14.64
CA ARG E 94 2.52 -50.92 15.11
C ARG E 94 1.37 -50.58 16.05
N VAL E 95 0.47 -49.70 15.58
CA VAL E 95 -0.59 -49.13 16.39
C VAL E 95 -1.82 -48.97 15.53
N ALA E 96 -3.00 -49.10 16.16
CA ALA E 96 -4.27 -48.98 15.45
C ALA E 96 -4.73 -47.53 15.55
N PRO E 97 -4.82 -46.81 14.43
CA PRO E 97 -5.08 -45.37 14.51
C PRO E 97 -6.43 -45.01 15.13
N GLU E 98 -7.39 -45.93 15.14
CA GLU E 98 -8.69 -45.66 15.73
C GLU E 98 -8.65 -45.44 17.25
N GLU E 99 -7.48 -45.51 17.88
CA GLU E 99 -7.35 -45.11 19.28
C GLU E 99 -6.57 -43.83 19.50
N HIS E 100 -5.87 -43.33 18.47
CA HIS E 100 -4.88 -42.27 18.66
C HIS E 100 -5.18 -41.03 17.81
N PRO E 101 -5.54 -39.91 18.42
CA PRO E 101 -5.74 -38.68 17.63
C PRO E 101 -4.42 -38.24 17.02
N THR E 102 -4.46 -37.93 15.73
CA THR E 102 -3.26 -37.76 14.92
C THR E 102 -3.08 -36.29 14.57
N LEU E 103 -1.96 -35.72 15.00
CA LEU E 103 -1.54 -34.39 14.57
C LEU E 103 -0.74 -34.54 13.29
N LEU E 104 -1.38 -34.26 12.16
CA LEU E 104 -0.66 -34.04 10.91
C LEU E 104 -0.08 -32.63 10.87
N THR E 105 0.74 -32.37 9.86
CA THR E 105 1.22 -31.02 9.62
C THR E 105 1.56 -30.86 8.15
N GLU E 106 1.47 -29.61 7.68
CA GLU E 106 1.76 -29.29 6.29
C GLU E 106 2.36 -27.89 6.21
N ALA E 107 2.97 -27.61 5.06
CA ALA E 107 3.51 -26.28 4.79
C ALA E 107 2.39 -25.26 4.61
N PRO E 108 2.67 -23.98 4.83
CA PRO E 108 1.68 -22.94 4.57
C PRO E 108 1.59 -22.65 3.07
N LEU E 109 0.56 -21.88 2.72
CA LEU E 109 0.28 -21.51 1.33
C LEU E 109 0.24 -22.76 0.43
N ASN E 110 -0.65 -23.67 0.78
CA ASN E 110 -0.70 -25.00 0.21
C ASN E 110 -2.14 -25.32 -0.18
N PRO E 111 -2.35 -26.01 -1.30
CA PRO E 111 -3.72 -26.20 -1.80
C PRO E 111 -4.65 -26.79 -0.75
N LYS E 112 -5.81 -26.17 -0.60
CA LYS E 112 -6.81 -26.63 0.38
C LYS E 112 -7.32 -28.03 0.06
N ALA E 113 -7.23 -28.46 -1.19
CA ALA E 113 -7.53 -29.84 -1.54
C ALA E 113 -6.66 -30.84 -0.80
N ASN E 114 -5.41 -30.49 -0.50
CA ASN E 114 -4.56 -31.41 0.26
C ASN E 114 -5.07 -31.59 1.68
N ARG E 115 -5.24 -30.48 2.40
CA ARG E 115 -5.75 -30.54 3.77
C ARG E 115 -7.11 -31.23 3.87
N GLU E 116 -7.97 -31.03 2.87
CA GLU E 116 -9.23 -31.76 2.81
C GLU E 116 -9.06 -33.25 2.53
N LYS E 117 -8.20 -33.64 1.60
CA LYS E 117 -8.04 -35.07 1.33
C LYS E 117 -7.35 -35.78 2.49
N MET E 118 -6.37 -35.14 3.13
CA MET E 118 -5.82 -35.67 4.37
C MET E 118 -6.89 -35.87 5.43
N THR E 119 -7.82 -34.92 5.54
CA THR E 119 -8.92 -35.07 6.50
C THR E 119 -9.81 -36.25 6.15
N GLN E 120 -10.24 -36.33 4.90
CA GLN E 120 -11.05 -37.45 4.43
C GLN E 120 -10.36 -38.78 4.72
N ILE E 121 -9.08 -38.89 4.39
CA ILE E 121 -8.37 -40.16 4.55
C ILE E 121 -8.23 -40.53 6.02
N MET E 122 -7.85 -39.57 6.86
CA MET E 122 -7.69 -39.85 8.29
C MET E 122 -9.01 -40.25 8.94
N PHE E 123 -10.10 -39.54 8.64
CA PHE E 123 -11.38 -39.86 9.28
C PHE E 123 -12.15 -41.02 8.67
N GLU E 124 -11.93 -41.37 7.40
CA GLU E 124 -12.72 -42.41 6.76
C GLU E 124 -11.94 -43.68 6.43
N THR E 125 -10.65 -43.60 6.15
CA THR E 125 -9.83 -44.80 6.04
C THR E 125 -9.33 -45.28 7.40
N PHE E 126 -8.75 -44.39 8.20
CA PHE E 126 -8.13 -44.77 9.45
C PHE E 126 -9.03 -44.56 10.67
N ASN E 127 -10.22 -44.00 10.48
CA ASN E 127 -11.22 -43.85 11.53
C ASN E 127 -10.69 -43.15 12.78
N VAL E 128 -9.65 -42.34 12.64
CA VAL E 128 -8.95 -41.82 13.83
C VAL E 128 -9.92 -41.00 14.68
N PRO E 129 -9.81 -41.02 16.00
CA PRO E 129 -10.76 -40.28 16.84
C PRO E 129 -10.75 -38.78 16.59
N ALA E 130 -9.59 -38.20 16.32
CA ALA E 130 -9.49 -36.77 16.06
C ALA E 130 -8.18 -36.48 15.32
N MET E 131 -8.09 -35.28 14.78
CA MET E 131 -7.02 -34.95 13.85
C MET E 131 -6.76 -33.45 13.94
N TYR E 132 -5.56 -33.04 13.56
CA TYR E 132 -5.25 -31.62 13.42
C TYR E 132 -4.13 -31.44 12.40
N VAL E 133 -4.05 -30.24 11.81
CA VAL E 133 -3.07 -29.99 10.76
C VAL E 133 -2.31 -28.69 11.04
N ALA E 134 -1.30 -28.76 11.90
CA ALA E 134 -0.52 -27.59 12.27
C ALA E 134 0.44 -27.18 11.15
N ILE E 135 0.70 -25.88 11.05
CA ILE E 135 1.74 -25.37 10.15
C ILE E 135 3.11 -25.72 10.70
N GLN E 136 3.96 -26.30 9.84
CA GLN E 136 5.25 -26.83 10.28
C GLN E 136 6.11 -25.77 10.96
N ALA E 137 6.11 -24.55 10.41
CA ALA E 137 6.92 -23.49 11.02
C ALA E 137 6.40 -23.07 12.38
N VAL E 138 5.09 -23.13 12.60
CA VAL E 138 4.58 -22.82 13.92
C VAL E 138 5.03 -23.86 14.93
N LEU E 139 5.04 -25.13 14.52
CA LEU E 139 5.59 -26.19 15.34
C LEU E 139 7.07 -25.96 15.66
N SER E 140 7.83 -25.47 14.68
CA SER E 140 9.26 -25.29 14.89
C SER E 140 9.61 -24.28 15.99
N LEU E 141 8.71 -23.36 16.34
CA LEU E 141 8.95 -22.53 17.52
C LEU E 141 8.91 -23.34 18.81
N TYR E 142 7.88 -24.17 18.99
CA TYR E 142 7.75 -24.94 20.22
C TYR E 142 9.01 -25.75 20.54
N ALA E 143 9.62 -26.36 19.54
CA ALA E 143 10.84 -27.12 19.79
C ALA E 143 12.00 -26.24 20.26
N SER E 144 11.97 -24.94 19.97
CA SER E 144 12.99 -24.05 20.48
C SER E 144 12.62 -23.42 21.82
N GLY E 145 11.34 -23.35 22.15
CA GLY E 145 10.90 -22.63 23.32
C GLY E 145 10.63 -21.17 23.11
N ARG E 146 10.77 -20.67 21.89
CA ARG E 146 10.45 -19.29 21.58
C ARG E 146 8.93 -19.08 21.64
N THR E 147 8.54 -17.83 21.87
CA THR E 147 7.21 -17.38 21.50
C THR E 147 7.22 -16.39 20.36
N THR E 148 8.39 -15.87 19.99
CA THR E 148 8.50 -14.80 19.00
C THR E 148 9.67 -15.11 18.09
N GLY E 149 9.47 -14.95 16.79
CA GLY E 149 10.56 -15.15 15.86
C GLY E 149 10.05 -15.32 14.44
N ILE E 150 10.95 -15.08 13.49
CA ILE E 150 10.84 -15.70 12.18
C ILE E 150 11.25 -17.16 12.32
N VAL E 151 10.46 -18.05 11.74
CA VAL E 151 10.90 -19.41 11.47
C VAL E 151 11.24 -19.57 9.99
N LEU E 152 12.42 -20.10 9.73
CA LEU E 152 12.81 -20.56 8.40
C LEU E 152 12.84 -22.09 8.44
N ASP E 153 11.85 -22.72 7.82
CA ASP E 153 11.84 -24.15 7.60
C ASP E 153 12.27 -24.44 6.17
N SER E 154 13.20 -25.38 6.02
CA SER E 154 13.75 -25.73 4.71
C SER E 154 13.80 -27.25 4.63
N GLY E 155 12.84 -27.84 3.94
CA GLY E 155 12.63 -29.27 3.95
C GLY E 155 13.27 -29.98 2.77
N ASP E 156 12.63 -31.08 2.35
CA ASP E 156 12.98 -31.75 1.11
C ASP E 156 12.28 -31.10 -0.09
N GLY E 157 11.04 -30.66 0.07
CA GLY E 157 10.28 -30.18 -1.05
C GLY E 157 9.98 -28.69 -1.07
N VAL E 158 9.88 -28.06 0.10
CA VAL E 158 9.55 -26.65 0.18
C VAL E 158 10.37 -25.98 1.27
N THR E 159 10.53 -24.66 1.11
CA THR E 159 11.14 -23.80 2.11
C THR E 159 10.18 -22.65 2.35
N HIS E 160 9.96 -22.31 3.63
CA HIS E 160 9.01 -21.24 3.94
C HIS E 160 9.45 -20.47 5.17
N ASN E 161 9.12 -19.18 5.16
CA ASN E 161 9.40 -18.26 6.26
C ASN E 161 8.08 -17.84 6.91
N VAL E 162 8.02 -17.96 8.24
CA VAL E 162 6.83 -17.52 8.98
C VAL E 162 7.25 -16.69 10.19
N PRO E 163 7.06 -15.37 10.14
CA PRO E 163 7.32 -14.53 11.32
C PRO E 163 6.18 -14.57 12.33
N ILE E 164 6.55 -14.61 13.60
CA ILE E 164 5.62 -14.77 14.72
C ILE E 164 6.08 -13.86 15.85
N TYR E 165 5.12 -13.27 16.57
CA TYR E 165 5.41 -12.32 17.65
C TYR E 165 4.44 -12.52 18.82
N GLU E 166 4.94 -13.15 19.88
CA GLU E 166 4.16 -13.47 21.07
C GLU E 166 2.92 -14.29 20.73
N GLY E 167 3.02 -15.10 19.70
CA GLY E 167 1.84 -15.57 19.00
C GLY E 167 1.70 -14.82 17.69
N TYR E 168 0.48 -14.72 17.18
CA TYR E 168 0.12 -13.78 16.13
C TYR E 168 1.09 -13.86 14.94
N ALA E 169 1.11 -15.02 14.31
CA ALA E 169 1.77 -15.14 13.01
C ALA E 169 1.21 -14.11 12.04
N LEU E 170 2.10 -13.43 11.31
CA LEU E 170 1.71 -12.41 10.36
C LEU E 170 1.48 -13.01 8.97
N PRO E 171 0.24 -13.33 8.60
CA PRO E 171 0.02 -14.21 7.45
C PRO E 171 0.39 -13.57 6.12
N HIS E 172 0.35 -12.24 6.04
CA HIS E 172 0.78 -11.54 4.84
C HIS E 172 2.30 -11.59 4.65
N ALA E 173 3.05 -11.78 5.72
CA ALA E 173 4.51 -11.84 5.64
C ALA E 173 5.04 -13.25 5.46
N ILE E 174 4.20 -14.29 5.53
CA ILE E 174 4.62 -15.63 5.17
C ILE E 174 5.10 -15.65 3.72
N MET E 175 6.20 -16.38 3.48
CA MET E 175 6.71 -16.62 2.14
C MET E 175 7.07 -18.10 2.00
N ARG E 176 6.83 -18.66 0.83
CA ARG E 176 7.19 -20.05 0.51
C ARG E 176 7.89 -20.10 -0.83
N LEU E 177 8.97 -20.89 -0.91
CA LEU E 177 9.95 -20.74 -1.97
C LEU E 177 9.95 -21.86 -3.01
N ASP E 178 9.37 -23.02 -2.70
CA ASP E 178 9.41 -24.19 -3.58
C ASP E 178 10.82 -24.63 -3.98
N LEU E 179 11.84 -24.20 -3.23
CA LEU E 179 13.21 -24.62 -3.46
C LEU E 179 13.73 -25.32 -2.21
N ALA E 180 14.16 -26.57 -2.35
CA ALA E 180 14.64 -27.32 -1.19
C ALA E 180 15.50 -28.50 -1.65
N GLY E 181 15.68 -29.45 -0.74
CA GLY E 181 16.64 -30.54 -0.93
C GLY E 181 16.53 -31.36 -2.21
N ARG E 182 15.33 -31.46 -2.79
CA ARG E 182 15.26 -32.13 -4.09
C ARG E 182 15.88 -31.30 -5.21
N ASP E 183 15.65 -30.00 -5.21
CA ASP E 183 16.30 -29.14 -6.20
C ASP E 183 17.81 -29.10 -6.00
N LEU E 184 18.26 -29.18 -4.75
CA LEU E 184 19.69 -29.32 -4.46
C LEU E 184 20.25 -30.65 -4.94
N THR E 185 19.52 -31.74 -4.75
CA THR E 185 19.96 -33.04 -5.26
C THR E 185 20.05 -33.03 -6.79
N ASP E 186 19.02 -32.53 -7.46
CA ASP E 186 19.02 -32.52 -8.92
C ASP E 186 20.11 -31.60 -9.49
N TYR E 187 20.37 -30.45 -8.85
CA TYR E 187 21.49 -29.63 -9.28
C TYR E 187 22.83 -30.29 -9.00
N LEU E 188 22.96 -30.98 -7.87
CA LEU E 188 24.18 -31.74 -7.62
C LEU E 188 24.39 -32.82 -8.68
N MET E 189 23.33 -33.49 -9.11
CA MET E 189 23.43 -34.43 -10.23
C MET E 189 23.89 -33.74 -11.52
N LYS E 190 23.31 -32.57 -11.80
CA LYS E 190 23.70 -31.82 -13.01
C LYS E 190 25.16 -31.39 -12.98
N ILE E 191 25.66 -30.96 -11.83
CA ILE E 191 27.07 -30.58 -11.77
C ILE E 191 28.02 -31.77 -11.63
N LEU E 192 27.60 -32.86 -10.99
CA LEU E 192 28.43 -34.06 -11.01
C LEU E 192 28.55 -34.64 -12.41
N THR E 193 27.58 -34.36 -13.29
CA THR E 193 27.74 -34.69 -14.70
C THR E 193 28.93 -33.94 -15.34
N GLU E 194 29.30 -32.79 -14.79
CA GLU E 194 30.42 -32.02 -15.34
C GLU E 194 31.76 -32.73 -15.28
N ARG E 195 31.94 -33.72 -14.39
CA ARG E 195 33.13 -34.57 -14.47
C ARG E 195 32.78 -36.04 -14.70
N GLY E 196 31.58 -36.33 -15.17
CA GLY E 196 31.24 -37.60 -15.77
C GLY E 196 30.69 -38.68 -14.86
N TYR E 197 30.30 -38.35 -13.62
CA TYR E 197 29.54 -39.30 -12.81
C TYR E 197 28.09 -39.19 -13.23
N SER E 198 27.72 -39.94 -14.27
CA SER E 198 26.35 -39.92 -14.77
C SER E 198 25.42 -40.66 -13.83
N PHE E 199 24.59 -39.91 -13.11
CA PHE E 199 23.53 -40.43 -12.28
C PHE E 199 22.19 -40.02 -12.90
N VAL E 200 21.32 -41.00 -13.16
CA VAL E 200 20.10 -40.73 -13.93
C VAL E 200 18.91 -41.51 -13.36
N THR E 201 19.14 -42.71 -12.85
CA THR E 201 18.07 -43.46 -12.22
C THR E 201 17.70 -42.83 -10.87
N THR E 202 16.50 -43.16 -10.40
CA THR E 202 16.07 -42.70 -9.09
C THR E 202 16.90 -43.34 -7.97
N ALA E 203 17.36 -44.57 -8.17
CA ALA E 203 18.37 -45.14 -7.26
C ALA E 203 19.62 -44.28 -7.21
N GLU E 204 20.06 -43.77 -8.36
CA GLU E 204 21.23 -42.90 -8.36
C GLU E 204 20.88 -41.53 -7.79
N ARG E 205 19.68 -41.02 -8.04
CA ARG E 205 19.23 -39.82 -7.35
C ARG E 205 19.30 -40.00 -5.83
N GLU E 206 18.93 -41.19 -5.35
CA GLU E 206 18.98 -41.53 -3.93
C GLU E 206 20.40 -41.70 -3.43
N ILE E 207 21.35 -41.97 -4.32
CA ILE E 207 22.76 -41.99 -3.92
C ILE E 207 23.33 -40.57 -3.89
N VAL E 208 22.96 -39.74 -4.86
CA VAL E 208 23.39 -38.34 -4.85
C VAL E 208 22.80 -37.58 -3.67
N ARG E 209 21.63 -37.99 -3.18
CA ARG E 209 21.16 -37.47 -1.90
C ARG E 209 22.13 -37.78 -0.75
N ASP E 210 22.71 -38.98 -0.77
CA ASP E 210 23.69 -39.31 0.26
C ASP E 210 24.98 -38.54 0.09
N ILE E 211 25.43 -38.38 -1.16
CA ILE E 211 26.61 -37.56 -1.43
C ILE E 211 26.40 -36.14 -0.94
N LYS E 212 25.22 -35.58 -1.21
CA LYS E 212 24.84 -34.26 -0.71
C LYS E 212 24.90 -34.18 0.80
N GLU E 213 24.35 -35.18 1.50
CA GLU E 213 24.35 -35.13 2.96
C GLU E 213 25.75 -35.32 3.54
N LYS E 214 26.56 -36.20 2.95
CA LYS E 214 27.87 -36.49 3.52
C LYS E 214 28.90 -35.41 3.23
N LEU E 215 28.99 -34.93 1.99
CA LEU E 215 30.10 -34.08 1.60
C LEU E 215 29.79 -32.59 1.58
N CYS E 216 28.59 -32.19 1.17
CA CYS E 216 28.36 -30.79 0.85
C CYS E 216 28.38 -29.90 2.10
N TYR E 217 28.75 -28.64 1.89
CA TYR E 217 28.73 -27.61 2.92
C TYR E 217 28.50 -26.27 2.24
N VAL E 218 28.10 -25.27 3.03
CA VAL E 218 27.81 -23.94 2.50
C VAL E 218 29.04 -23.05 2.69
N ALA E 219 29.53 -22.49 1.59
CA ALA E 219 30.67 -21.59 1.63
C ALA E 219 30.34 -20.31 2.38
N LEU E 220 31.29 -19.84 3.19
CA LEU E 220 31.10 -18.58 3.89
C LEU E 220 31.27 -17.39 2.95
N ASP E 221 32.08 -17.54 1.90
CA ASP E 221 32.44 -16.45 0.98
C ASP E 221 32.65 -17.09 -0.39
N PHE E 222 31.55 -17.26 -1.12
CA PHE E 222 31.50 -18.20 -2.24
C PHE E 222 32.57 -17.93 -3.29
N GLU E 223 32.81 -16.65 -3.61
CA GLU E 223 33.83 -16.33 -4.60
C GLU E 223 35.22 -16.78 -4.17
N ASN E 224 35.57 -16.58 -2.91
CA ASN E 224 36.88 -17.00 -2.43
C ASN E 224 37.00 -18.50 -2.22
N GLU E 225 35.92 -19.17 -1.84
CA GLU E 225 35.95 -20.63 -1.80
C GLU E 225 36.06 -21.23 -3.19
N MET E 226 35.34 -20.67 -4.16
CA MET E 226 35.47 -21.10 -5.56
C MET E 226 36.90 -20.89 -6.08
N ALA E 227 37.51 -19.74 -5.77
CA ALA E 227 38.90 -19.52 -6.16
C ALA E 227 39.86 -20.47 -5.45
N THR E 228 39.59 -20.81 -4.19
CA THR E 228 40.44 -21.76 -3.48
C THR E 228 40.33 -23.16 -4.06
N ALA E 229 39.11 -23.62 -4.35
CA ALA E 229 38.92 -24.91 -5.02
C ALA E 229 39.49 -24.92 -6.42
N ALA E 230 39.57 -23.76 -7.07
CA ALA E 230 40.23 -23.70 -8.37
C ALA E 230 41.75 -23.75 -8.24
N SER E 231 42.30 -23.12 -7.20
CA SER E 231 43.74 -23.06 -7.03
C SER E 231 44.33 -24.27 -6.31
N SER E 232 43.56 -24.98 -5.49
CA SER E 232 44.12 -26.09 -4.74
C SER E 232 43.10 -27.21 -4.57
N SER E 233 43.62 -28.43 -4.46
CA SER E 233 42.83 -29.65 -4.26
C SER E 233 42.44 -29.87 -2.80
N SER E 234 42.80 -28.95 -1.91
CA SER E 234 42.58 -29.14 -0.47
C SER E 234 41.11 -29.32 -0.14
N LEU E 235 40.22 -28.73 -0.94
CA LEU E 235 38.77 -28.86 -0.74
C LEU E 235 38.19 -30.14 -1.34
N GLU E 236 38.96 -30.91 -2.09
CA GLU E 236 38.43 -32.14 -2.67
C GLU E 236 38.27 -33.22 -1.61
N LYS E 237 37.19 -33.99 -1.74
CA LYS E 237 36.87 -35.12 -0.89
C LYS E 237 36.52 -36.31 -1.76
N SER E 238 36.86 -37.51 -1.27
CA SER E 238 36.55 -38.74 -1.98
C SER E 238 35.42 -39.49 -1.28
N TYR E 239 34.55 -40.10 -2.08
CA TYR E 239 33.39 -40.84 -1.60
C TYR E 239 33.34 -42.16 -2.35
N GLU E 240 32.80 -43.18 -1.70
CA GLU E 240 32.78 -44.53 -2.25
C GLU E 240 31.35 -44.97 -2.55
N LEU E 241 31.07 -45.18 -3.83
CA LEU E 241 29.75 -45.58 -4.27
C LEU E 241 29.42 -46.99 -3.77
N PRO E 242 28.13 -47.38 -3.80
CA PRO E 242 27.75 -48.70 -3.29
C PRO E 242 28.50 -49.86 -3.94
N ASP E 243 29.00 -49.69 -5.16
CA ASP E 243 29.78 -50.73 -5.83
C ASP E 243 31.29 -50.56 -5.63
N GLY E 244 31.71 -49.69 -4.73
CA GLY E 244 33.12 -49.46 -4.47
C GLY E 244 33.84 -48.56 -5.47
N GLN E 245 33.17 -48.04 -6.48
CA GLN E 245 33.76 -47.01 -7.32
C GLN E 245 33.95 -45.74 -6.49
N VAL E 246 35.19 -45.27 -6.41
CA VAL E 246 35.50 -44.00 -5.77
C VAL E 246 35.18 -42.86 -6.73
N ILE E 247 34.56 -41.80 -6.20
CA ILE E 247 34.39 -40.54 -6.89
C ILE E 247 35.10 -39.45 -6.09
N THR E 248 35.53 -38.40 -6.77
CA THR E 248 36.12 -37.24 -6.12
C THR E 248 35.39 -35.98 -6.53
N ILE E 249 35.17 -35.10 -5.55
CA ILE E 249 34.28 -33.95 -5.66
C ILE E 249 35.02 -32.72 -5.15
N GLY E 250 34.81 -31.58 -5.80
CA GLY E 250 35.57 -30.38 -5.47
C GLY E 250 34.70 -29.16 -5.29
N ASN E 251 34.73 -28.21 -6.22
CA ASN E 251 33.87 -27.04 -6.09
C ASN E 251 32.38 -27.37 -6.14
N GLU E 252 32.02 -28.56 -6.64
CA GLU E 252 30.64 -29.01 -6.56
C GLU E 252 30.16 -29.12 -5.11
N ARG E 253 31.09 -29.32 -4.19
CA ARG E 253 30.80 -29.55 -2.78
C ARG E 253 30.09 -28.37 -2.14
N PHE E 254 30.42 -27.15 -2.56
CA PHE E 254 29.72 -25.98 -2.05
C PHE E 254 28.91 -25.27 -3.11
N ARG E 255 29.17 -25.49 -4.39
CA ARG E 255 28.27 -25.01 -5.42
C ARG E 255 26.87 -25.60 -5.29
N CYS E 256 26.75 -26.84 -4.81
CA CYS E 256 25.41 -27.41 -4.62
C CYS E 256 24.56 -26.63 -3.63
N PRO E 257 24.91 -26.52 -2.34
CA PRO E 257 24.02 -25.77 -1.41
C PRO E 257 24.06 -24.26 -1.58
N GLU E 258 25.05 -23.71 -2.28
CA GLU E 258 25.02 -22.29 -2.62
C GLU E 258 23.76 -21.89 -3.38
N THR E 259 23.16 -22.81 -4.13
CA THR E 259 21.93 -22.49 -4.88
C THR E 259 20.78 -22.07 -3.97
N LEU E 260 20.83 -22.40 -2.68
CA LEU E 260 19.86 -21.83 -1.75
C LEU E 260 20.00 -20.32 -1.68
N PHE E 261 21.23 -19.81 -1.69
CA PHE E 261 21.49 -18.39 -1.67
C PHE E 261 21.50 -17.74 -3.05
N GLN E 262 21.68 -18.54 -4.11
CA GLN E 262 21.66 -18.05 -5.49
C GLN E 262 20.77 -18.97 -6.33
N PRO E 263 19.45 -18.85 -6.18
CA PRO E 263 18.53 -19.74 -6.90
C PRO E 263 18.68 -19.70 -8.42
N SER E 264 19.21 -18.60 -8.97
CA SER E 264 19.45 -18.50 -10.40
C SER E 264 20.36 -19.60 -10.93
N PHE E 265 21.12 -20.28 -10.07
CA PHE E 265 21.90 -21.43 -10.53
C PHE E 265 21.01 -22.54 -11.09
N ILE E 266 19.84 -22.74 -10.50
CA ILE E 266 18.87 -23.71 -11.03
C ILE E 266 17.84 -23.04 -11.91
N GLY E 267 18.09 -21.81 -12.34
CA GLY E 267 17.15 -21.03 -13.12
C GLY E 267 15.95 -20.51 -12.36
N MET E 268 15.85 -20.79 -11.06
CA MET E 268 14.80 -20.21 -10.24
C MET E 268 15.03 -18.70 -10.12
N GLU E 269 13.97 -17.93 -10.40
CA GLU E 269 14.11 -16.47 -10.43
C GLU E 269 14.13 -15.86 -9.04
N SER E 270 13.49 -16.50 -8.07
CA SER E 270 13.23 -15.87 -6.78
C SER E 270 14.51 -15.42 -6.08
N ALA E 271 14.34 -14.44 -5.19
CA ALA E 271 15.38 -14.04 -4.24
C ALA E 271 15.84 -15.24 -3.41
N GLY E 272 17.08 -15.17 -2.93
CA GLY E 272 17.63 -16.24 -2.14
C GLY E 272 16.95 -16.34 -0.79
N ILE E 273 17.38 -17.34 -0.02
CA ILE E 273 16.75 -17.58 1.28
C ILE E 273 17.11 -16.49 2.29
N HIS E 274 18.29 -15.88 2.18
CA HIS E 274 18.62 -14.73 3.02
C HIS E 274 17.78 -13.52 2.62
N GLU E 275 17.65 -13.28 1.31
CA GLU E 275 16.84 -12.17 0.85
C GLU E 275 15.36 -12.36 1.16
N THR E 276 14.83 -13.58 0.98
CA THR E 276 13.43 -13.80 1.35
C THR E 276 13.21 -13.75 2.86
N THR E 277 14.21 -14.11 3.66
CA THR E 277 14.13 -13.89 5.10
C THR E 277 14.07 -12.40 5.44
N TYR E 278 14.95 -11.61 4.84
CA TYR E 278 14.92 -10.17 5.06
C TYR E 278 13.62 -9.54 4.57
N ASN E 279 13.18 -9.89 3.36
CA ASN E 279 11.92 -9.36 2.84
C ASN E 279 10.72 -9.78 3.68
N SER E 280 10.77 -10.95 4.32
CA SER E 280 9.72 -11.33 5.25
C SER E 280 9.74 -10.47 6.50
N ILE E 281 10.92 -10.19 7.04
CA ILE E 281 11.00 -9.22 8.14
C ILE E 281 10.53 -7.84 7.70
N MET E 282 10.86 -7.43 6.47
CA MET E 282 10.39 -6.15 5.92
C MET E 282 8.90 -6.10 5.66
N LYS E 283 8.21 -7.23 5.54
CA LYS E 283 6.76 -7.17 5.52
C LYS E 283 6.15 -6.96 6.89
N CYS E 284 6.92 -7.20 7.95
CA CYS E 284 6.44 -7.01 9.32
C CYS E 284 6.48 -5.54 9.75
N ASP E 285 5.59 -5.20 10.68
CA ASP E 285 5.51 -3.86 11.23
C ASP E 285 6.81 -3.49 11.96
N ILE E 286 7.20 -2.21 11.84
CA ILE E 286 8.58 -1.83 12.11
C ILE E 286 8.96 -2.03 13.57
N ASP E 287 7.99 -2.12 14.48
CA ASP E 287 8.31 -2.31 15.89
C ASP E 287 8.86 -3.70 16.18
N ILE E 288 8.38 -4.73 15.47
CA ILE E 288 8.72 -6.10 15.82
C ILE E 288 9.96 -6.60 15.11
N ARG E 289 10.44 -5.89 14.08
CA ARG E 289 11.57 -6.35 13.27
C ARG E 289 12.82 -6.63 14.11
N LYS E 290 13.08 -5.80 15.12
CA LYS E 290 14.23 -6.02 15.99
C LYS E 290 14.20 -7.37 16.70
N ASP E 291 13.02 -7.85 17.07
CA ASP E 291 12.93 -9.15 17.73
C ASP E 291 12.95 -10.29 16.73
N LEU E 292 12.53 -10.04 15.49
CA LEU E 292 12.71 -11.06 14.47
C LEU E 292 14.19 -11.21 14.13
N TYR E 293 14.90 -10.10 13.96
CA TYR E 293 16.34 -10.17 13.78
C TYR E 293 17.01 -10.88 14.95
N ALA E 294 16.52 -10.63 16.17
CA ALA E 294 17.07 -11.30 17.34
C ALA E 294 16.60 -12.73 17.51
N ASN E 295 15.72 -13.22 16.63
CA ASN E 295 15.13 -14.55 16.81
C ASN E 295 14.88 -15.22 15.46
N ASN E 296 15.92 -15.32 14.62
CA ASN E 296 15.84 -16.19 13.46
C ASN E 296 15.98 -17.64 13.90
N VAL E 297 14.93 -18.44 13.67
CA VAL E 297 14.94 -19.87 13.96
C VAL E 297 15.07 -20.65 12.66
N MET E 298 16.06 -21.54 12.59
CA MET E 298 16.28 -22.37 11.42
C MET E 298 15.83 -23.79 11.72
N SER E 299 15.13 -24.40 10.76
CA SER E 299 14.67 -25.77 10.93
C SER E 299 14.63 -26.46 9.58
N GLY E 300 14.50 -27.78 9.62
CA GLY E 300 14.46 -28.61 8.42
C GLY E 300 15.83 -29.09 7.98
N GLY E 301 15.84 -30.27 7.36
CA GLY E 301 17.08 -30.97 7.10
C GLY E 301 18.08 -30.19 6.26
N THR E 302 17.60 -29.43 5.27
CA THR E 302 18.51 -28.64 4.46
C THR E 302 19.07 -27.41 5.16
N THR E 303 18.77 -27.20 6.43
CA THR E 303 19.52 -26.26 7.25
C THR E 303 20.68 -26.91 8.01
N MET E 304 20.95 -28.19 7.75
CA MET E 304 22.00 -28.91 8.47
C MET E 304 23.38 -28.70 7.87
N TYR E 305 23.49 -28.08 6.70
CA TYR E 305 24.79 -27.93 6.05
C TYR E 305 25.74 -27.18 6.98
N PRO E 306 26.98 -27.68 7.15
CA PRO E 306 27.99 -26.91 7.88
C PRO E 306 28.16 -25.50 7.33
N GLY E 307 28.23 -24.53 8.24
CA GLY E 307 28.43 -23.15 7.84
C GLY E 307 27.22 -22.40 7.36
N ILE E 308 26.06 -23.06 7.26
CA ILE E 308 24.87 -22.37 6.75
C ILE E 308 24.42 -21.27 7.71
N ALA E 309 24.56 -21.49 9.02
CA ALA E 309 24.20 -20.45 9.98
C ALA E 309 25.14 -19.26 9.89
N ASP E 310 26.44 -19.51 9.73
CA ASP E 310 27.41 -18.42 9.56
C ASP E 310 27.16 -17.62 8.28
N ARG E 311 26.95 -18.32 7.16
CA ARG E 311 26.61 -17.63 5.92
C ARG E 311 25.31 -16.85 6.02
N MET E 312 24.27 -17.44 6.62
CA MET E 312 23.00 -16.74 6.78
C MET E 312 23.15 -15.50 7.65
N GLN E 313 23.95 -15.60 8.72
CA GLN E 313 24.18 -14.45 9.60
C GLN E 313 24.96 -13.36 8.88
N LYS E 314 26.00 -13.73 8.13
CA LYS E 314 26.72 -12.75 7.32
C LYS E 314 25.79 -12.04 6.34
N GLU E 315 24.98 -12.81 5.61
CA GLU E 315 24.13 -12.22 4.58
C GLU E 315 23.03 -11.33 5.16
N ILE E 316 22.38 -11.77 6.23
CA ILE E 316 21.37 -10.89 6.84
C ILE E 316 22.01 -9.69 7.53
N THR E 317 23.19 -9.86 8.14
CA THR E 317 23.88 -8.71 8.71
C THR E 317 24.31 -7.71 7.65
N ALA E 318 24.52 -8.18 6.41
CA ALA E 318 24.77 -7.26 5.32
C ALA E 318 23.48 -6.60 4.83
N LEU E 319 22.36 -7.32 4.91
CA LEU E 319 21.08 -6.77 4.52
C LEU E 319 20.49 -5.84 5.58
N ALA E 320 20.47 -6.30 6.84
CA ALA E 320 19.79 -5.58 7.91
C ALA E 320 20.58 -4.37 8.40
N PRO E 321 19.89 -3.38 8.97
CA PRO E 321 20.57 -2.19 9.48
C PRO E 321 21.65 -2.51 10.51
N SER E 322 22.72 -1.71 10.47
CA SER E 322 23.99 -2.04 11.13
C SER E 322 23.82 -2.24 12.64
N THR E 323 22.82 -1.62 13.24
CA THR E 323 22.62 -1.74 14.68
C THR E 323 21.99 -3.08 15.07
N MET E 324 21.23 -3.70 14.17
CA MET E 324 20.40 -4.83 14.55
C MET E 324 21.27 -6.03 14.93
N LYS E 325 20.97 -6.61 16.10
CA LYS E 325 21.67 -7.79 16.62
C LYS E 325 21.15 -9.05 15.93
N ILE E 326 21.62 -9.28 14.71
CA ILE E 326 21.19 -10.45 13.95
C ILE E 326 21.66 -11.71 14.67
N LYS E 327 20.71 -12.56 15.04
CA LYS E 327 21.00 -13.81 15.73
C LYS E 327 20.23 -14.93 15.07
N ILE E 328 20.87 -16.08 14.90
CA ILE E 328 20.25 -17.24 14.28
C ILE E 328 20.24 -18.39 15.28
N ILE E 329 19.04 -18.90 15.56
CA ILE E 329 18.87 -20.04 16.45
C ILE E 329 18.80 -21.27 15.54
N ALA E 330 19.97 -21.87 15.29
CA ALA E 330 20.09 -23.10 14.51
C ALA E 330 20.69 -24.17 15.40
N PRO E 331 19.88 -24.76 16.29
CA PRO E 331 20.41 -25.72 17.25
C PRO E 331 20.72 -27.05 16.59
N PRO E 332 21.42 -27.94 17.30
CA PRO E 332 21.33 -29.38 16.99
C PRO E 332 19.90 -29.90 16.97
N GLU E 333 19.70 -31.04 16.32
CA GLU E 333 18.42 -31.71 16.09
C GLU E 333 17.38 -30.83 15.41
N ARG E 334 17.79 -29.69 14.86
CA ARG E 334 16.85 -28.83 14.13
C ARG E 334 16.22 -29.56 12.95
N LYS E 335 16.80 -30.68 12.53
CA LYS E 335 16.15 -31.57 11.57
C LYS E 335 14.83 -32.12 12.11
N TYR E 336 14.76 -32.43 13.40
CA TYR E 336 13.56 -32.95 14.03
C TYR E 336 12.71 -31.92 14.75
N SER E 337 13.05 -30.63 14.65
CA SER E 337 12.36 -29.62 15.45
C SER E 337 10.88 -29.50 15.12
N VAL E 338 10.48 -29.75 13.87
CA VAL E 338 9.06 -29.72 13.54
C VAL E 338 8.30 -30.85 14.23
N TRP E 339 8.90 -32.05 14.27
CA TRP E 339 8.27 -33.13 15.00
C TRP E 339 8.27 -32.87 16.51
N ILE E 340 9.39 -32.41 17.05
CA ILE E 340 9.44 -32.11 18.49
C ILE E 340 8.41 -31.06 18.86
N GLY E 341 8.23 -30.05 18.00
CA GLY E 341 7.17 -29.07 18.22
C GLY E 341 5.78 -29.68 18.18
N GLY E 342 5.56 -30.64 17.29
CA GLY E 342 4.30 -31.36 17.31
C GLY E 342 4.12 -32.23 18.55
N SER E 343 5.21 -32.84 19.02
CA SER E 343 5.18 -33.64 20.24
C SER E 343 4.86 -32.80 21.47
N ILE E 344 5.35 -31.57 21.49
CA ILE E 344 4.92 -30.60 22.51
C ILE E 344 3.45 -30.25 22.34
N LEU E 345 3.09 -29.71 21.18
CA LEU E 345 1.74 -29.18 20.98
C LEU E 345 0.65 -30.22 21.22
N ALA E 346 0.82 -31.42 20.67
CA ALA E 346 -0.18 -32.47 20.84
C ALA E 346 -0.34 -32.92 22.29
N SER E 347 0.66 -32.68 23.14
CA SER E 347 0.57 -33.06 24.53
C SER E 347 0.30 -31.87 25.44
N LEU E 348 0.17 -30.68 24.86
CA LEU E 348 -0.18 -29.49 25.62
C LEU E 348 -1.65 -29.55 26.03
N SER E 349 -1.92 -29.26 27.30
CA SER E 349 -3.27 -29.41 27.83
C SER E 349 -4.23 -28.38 27.25
N THR E 350 -3.71 -27.21 26.86
CA THR E 350 -4.53 -26.22 26.18
C THR E 350 -4.96 -26.67 24.79
N PHE E 351 -4.17 -27.55 24.15
CA PHE E 351 -4.46 -27.97 22.79
C PHE E 351 -5.59 -28.99 22.70
N GLN E 352 -5.95 -29.67 23.79
CA GLN E 352 -6.97 -30.71 23.71
C GLN E 352 -8.35 -30.16 23.37
N GLN E 353 -8.54 -28.84 23.41
CA GLN E 353 -9.73 -28.21 22.85
C GLN E 353 -9.71 -28.19 21.33
N MET E 354 -8.53 -28.21 20.73
CA MET E 354 -8.35 -27.83 19.34
C MET E 354 -8.59 -28.96 18.34
N TRP E 355 -8.58 -30.22 18.78
CA TRP E 355 -8.75 -31.34 17.86
C TRP E 355 -10.02 -31.20 17.04
N ILE E 356 -9.94 -31.57 15.77
CA ILE E 356 -11.12 -31.89 14.95
C ILE E 356 -11.68 -33.23 15.42
N THR E 357 -12.81 -33.21 16.12
CA THR E 357 -13.40 -34.49 16.47
C THR E 357 -14.13 -35.07 15.26
N LYS E 358 -14.28 -36.40 15.27
CA LYS E 358 -15.00 -37.05 14.17
C LYS E 358 -16.47 -36.62 14.12
N GLN E 359 -17.05 -36.25 15.26
CA GLN E 359 -18.38 -35.65 15.27
C GLN E 359 -18.43 -34.36 14.46
N GLU E 360 -17.41 -33.50 14.61
CA GLU E 360 -17.34 -32.29 13.81
C GLU E 360 -17.16 -32.56 12.33
N TYR E 361 -16.44 -33.62 11.97
CA TYR E 361 -16.32 -33.99 10.56
C TYR E 361 -17.65 -34.53 10.01
N ASP E 362 -18.34 -35.36 10.81
CA ASP E 362 -19.67 -35.83 10.41
C ASP E 362 -20.68 -34.70 10.33
N GLU E 363 -20.49 -33.62 11.07
CA GLU E 363 -21.38 -32.46 10.95
C GLU E 363 -21.00 -31.55 9.78
N ALA E 364 -19.71 -31.37 9.50
CA ALA E 364 -19.27 -30.30 8.62
C ALA E 364 -18.42 -30.77 7.44
N GLY E 365 -18.14 -32.06 7.34
CA GLY E 365 -17.35 -32.60 6.25
C GLY E 365 -15.95 -32.04 6.20
N PRO E 366 -15.22 -32.33 5.13
CA PRO E 366 -13.84 -31.85 4.99
C PRO E 366 -13.68 -30.34 5.15
N SER E 367 -14.73 -29.56 4.88
CA SER E 367 -14.64 -28.11 4.98
C SER E 367 -14.33 -27.62 6.39
N ILE E 368 -14.54 -28.45 7.42
CA ILE E 368 -14.32 -28.02 8.80
C ILE E 368 -12.86 -27.63 9.04
N VAL E 369 -11.92 -28.27 8.34
CA VAL E 369 -10.50 -28.10 8.66
C VAL E 369 -9.95 -26.77 8.16
N HIS E 370 -10.72 -26.03 7.36
CA HIS E 370 -10.39 -24.64 7.09
C HIS E 370 -10.92 -23.69 8.15
N ARG E 371 -11.96 -24.09 8.88
CA ARG E 371 -12.57 -23.22 9.88
C ARG E 371 -11.79 -23.24 11.18
N LYS E 372 -11.40 -24.42 11.66
CA LYS E 372 -10.72 -24.54 12.95
C LYS E 372 -9.21 -24.35 12.84
N CYS E 373 -8.55 -25.14 11.99
CA CYS E 373 -7.10 -25.08 11.91
C CYS E 373 -6.65 -23.80 11.23
N PHE E 374 -5.49 -23.30 11.63
CA PHE E 374 -4.90 -22.13 10.99
C PHE E 374 -4.33 -22.50 9.62
N THR F 4 -9.78 8.90 54.83
CA THR F 4 -8.83 8.16 54.02
C THR F 4 -8.19 9.10 53.00
N THR F 5 -6.93 8.85 52.65
CA THR F 5 -6.20 9.72 51.74
C THR F 5 -6.84 9.74 50.37
N ALA F 6 -7.02 10.95 49.83
CA ALA F 6 -7.72 11.11 48.56
C ALA F 6 -6.87 10.56 47.42
N LEU F 7 -7.51 10.44 46.25
CA LEU F 7 -6.89 9.85 45.08
C LEU F 7 -7.06 10.81 43.90
N VAL F 8 -5.99 11.05 43.16
CA VAL F 8 -5.99 12.01 42.05
C VAL F 8 -5.68 11.25 40.78
N CYS F 9 -6.59 11.35 39.79
CA CYS F 9 -6.48 10.59 38.55
C CYS F 9 -6.75 11.54 37.39
N ASP F 10 -5.68 12.10 36.82
CA ASP F 10 -5.79 13.01 35.68
C ASP F 10 -5.94 12.19 34.40
N ASN F 11 -7.18 11.79 34.12
CA ASN F 11 -7.54 11.28 32.81
C ASN F 11 -7.59 12.40 31.77
N GLY F 12 -6.49 13.10 31.56
CA GLY F 12 -6.31 13.83 30.33
C GLY F 12 -6.21 12.90 29.13
N SER F 13 -6.05 13.51 27.97
CA SER F 13 -5.82 12.75 26.74
C SER F 13 -4.36 12.31 26.63
N GLY F 14 -4.16 11.18 25.96
CA GLY F 14 -2.83 10.71 25.63
C GLY F 14 -2.09 10.04 26.76
N LEU F 15 -1.90 10.72 27.89
CA LEU F 15 -1.30 10.11 29.07
C LEU F 15 -2.27 10.22 30.24
N VAL F 16 -2.48 9.11 30.94
CA VAL F 16 -3.00 9.13 32.30
C VAL F 16 -1.90 9.55 33.27
N LYS F 17 -2.17 10.54 34.11
CA LYS F 17 -1.38 10.85 35.29
C LYS F 17 -2.23 10.55 36.51
N ALA F 18 -1.76 9.65 37.38
CA ALA F 18 -2.52 9.28 38.56
C ALA F 18 -1.60 9.06 39.74
N GLY F 19 -2.15 9.26 40.94
CA GLY F 19 -1.42 9.08 42.16
C GLY F 19 -2.20 9.63 43.34
N PHE F 20 -1.69 9.31 44.53
CA PHE F 20 -2.35 9.76 45.76
C PHE F 20 -2.15 11.25 45.97
N ALA F 21 -3.13 11.87 46.62
CA ALA F 21 -3.01 13.29 46.94
C ALA F 21 -1.94 13.50 48.01
N GLY F 22 -1.24 14.62 47.91
CA GLY F 22 -0.13 14.92 48.79
C GLY F 22 1.22 14.43 48.31
N ASP F 23 1.25 13.52 47.33
CA ASP F 23 2.51 13.19 46.68
C ASP F 23 2.98 14.31 45.77
N ASP F 24 4.30 14.43 45.64
CA ASP F 24 4.88 15.48 44.82
C ASP F 24 4.78 15.21 43.32
N ALA F 25 4.58 13.95 42.92
CA ALA F 25 4.55 13.62 41.51
C ALA F 25 3.69 12.37 41.30
N PRO F 26 3.03 12.25 40.15
CA PRO F 26 2.17 11.09 39.90
C PRO F 26 2.98 9.81 39.80
N ARG F 27 2.64 8.82 40.64
CA ARG F 27 3.41 7.59 40.66
C ARG F 27 2.99 6.60 39.57
N ALA F 28 1.90 6.86 38.86
CA ALA F 28 1.55 6.12 37.64
C ALA F 28 1.37 7.11 36.51
N VAL F 29 2.28 7.10 35.55
CA VAL F 29 2.12 7.81 34.29
C VAL F 29 2.29 6.82 33.15
N PHE F 30 1.24 6.68 32.33
CA PHE F 30 1.23 5.70 31.25
C PHE F 30 0.26 6.17 30.19
N PRO F 31 0.42 5.72 28.95
CA PRO F 31 -0.44 6.23 27.87
C PRO F 31 -1.87 5.72 27.98
N SER F 32 -2.82 6.60 27.67
CA SER F 32 -4.24 6.28 27.74
C SER F 32 -4.68 5.51 26.48
N ILE F 33 -4.06 4.36 26.28
CA ILE F 33 -4.23 3.57 25.06
C ILE F 33 -4.84 2.24 25.43
N VAL F 34 -5.79 1.78 24.61
CA VAL F 34 -6.23 0.39 24.61
C VAL F 34 -5.86 -0.21 23.27
N GLY F 35 -5.17 -1.34 23.30
CA GLY F 35 -4.77 -2.05 22.10
C GLY F 35 -5.37 -3.44 22.04
N ARG F 36 -5.85 -3.82 20.86
CA ARG F 36 -6.44 -5.13 20.68
C ARG F 36 -5.72 -5.86 19.55
N PRO F 37 -5.45 -7.16 19.72
CA PRO F 37 -4.64 -7.88 18.73
C PRO F 37 -5.17 -7.74 17.32
N ARG F 38 -4.26 -7.39 16.40
CA ARG F 38 -4.63 -7.14 15.02
C ARG F 38 -4.68 -8.41 14.18
N HIS F 39 -3.86 -9.39 14.50
CA HIS F 39 -3.63 -10.54 13.62
C HIS F 39 -4.28 -11.81 14.16
N GLN F 40 -4.06 -12.90 13.42
CA GLN F 40 -4.49 -14.23 13.77
C GLN F 40 -3.95 -14.66 15.14
N GLY F 41 -4.53 -15.73 15.68
CA GLY F 41 -4.24 -16.24 17.02
C GLY F 41 -3.45 -17.54 16.98
N VAL F 42 -2.45 -17.58 16.10
CA VAL F 42 -1.87 -18.84 15.62
C VAL F 42 -1.38 -19.71 16.76
N MET F 43 -0.79 -19.12 17.79
CA MET F 43 0.04 -19.87 18.74
C MET F 43 -0.72 -20.04 20.06
N VAL F 44 -1.37 -21.19 20.22
CA VAL F 44 -2.03 -21.59 21.45
C VAL F 44 -0.99 -21.91 22.50
N GLY F 45 -1.43 -22.22 23.72
CA GLY F 45 -0.53 -22.30 24.85
C GLY F 45 -0.20 -20.97 25.47
N MET F 46 -0.93 -19.91 25.11
CA MET F 46 -0.79 -18.60 25.71
C MET F 46 -2.18 -18.02 25.91
N GLY F 47 -2.29 -17.08 26.83
CA GLY F 47 -3.56 -16.41 27.05
C GLY F 47 -4.02 -15.60 25.85
N GLN F 48 -3.07 -15.05 25.09
CA GLN F 48 -3.39 -14.25 23.90
C GLN F 48 -4.45 -13.20 24.19
N LYS F 49 -4.38 -12.62 25.38
CA LYS F 49 -5.53 -11.97 25.99
C LYS F 49 -6.10 -10.87 25.10
N ASP F 50 -7.41 -10.66 25.24
CA ASP F 50 -8.19 -9.87 24.30
C ASP F 50 -7.74 -8.41 24.23
N SER F 51 -7.14 -7.88 25.30
CA SER F 51 -6.86 -6.44 25.34
C SER F 51 -5.63 -6.16 26.17
N TYR F 52 -4.92 -5.11 25.76
CA TYR F 52 -3.73 -4.61 26.45
C TYR F 52 -3.87 -3.11 26.60
N VAL F 53 -3.46 -2.57 27.75
CA VAL F 53 -3.60 -1.15 28.01
C VAL F 53 -2.31 -0.57 28.55
N GLY F 54 -2.09 0.71 28.27
CA GLY F 54 -0.92 1.43 28.73
C GLY F 54 0.41 0.91 28.22
N ASP F 55 1.36 0.80 29.15
CA ASP F 55 2.69 0.27 28.80
C ASP F 55 2.61 -1.15 28.27
N GLU F 56 1.60 -1.92 28.66
CA GLU F 56 1.38 -3.22 28.03
C GLU F 56 1.22 -3.05 26.53
N ALA F 57 0.38 -2.10 26.13
CA ALA F 57 0.09 -1.89 24.72
C ALA F 57 1.28 -1.31 23.99
N GLN F 58 2.06 -0.44 24.65
CA GLN F 58 3.30 0.03 24.04
C GLN F 58 4.33 -1.09 23.88
N SER F 59 4.45 -1.97 24.86
CA SER F 59 5.39 -3.09 24.76
C SER F 59 5.00 -4.08 23.66
N LYS F 60 3.74 -4.06 23.22
CA LYS F 60 3.25 -4.95 22.18
C LYS F 60 2.83 -4.18 20.94
N ARG F 61 3.22 -2.91 20.86
CA ARG F 61 2.68 -1.93 19.91
C ARG F 61 2.47 -2.47 18.51
N GLY F 62 3.47 -3.17 17.95
CA GLY F 62 3.42 -3.57 16.56
C GLY F 62 2.55 -4.73 16.21
N ILE F 63 1.78 -5.28 17.15
CA ILE F 63 0.77 -6.29 16.83
C ILE F 63 -0.62 -5.87 17.29
N LEU F 64 -0.77 -4.64 17.77
CA LEU F 64 -2.04 -4.16 18.31
C LEU F 64 -2.55 -3.00 17.45
N THR F 65 -3.86 -2.96 17.26
CA THR F 65 -4.55 -1.75 16.80
C THR F 65 -4.75 -0.83 18.00
N LEU F 66 -3.82 0.09 18.19
CA LEU F 66 -3.94 1.03 19.30
C LEU F 66 -5.09 2.01 19.05
N LYS F 67 -5.83 2.32 20.11
CA LYS F 67 -6.89 3.33 20.07
C LYS F 67 -6.86 4.16 21.33
N TYR F 68 -7.18 5.44 21.20
CA TYR F 68 -7.37 6.31 22.35
C TYR F 68 -8.85 6.48 22.61
N PRO F 69 -9.36 6.14 23.79
CA PRO F 69 -10.80 6.25 24.04
C PRO F 69 -11.24 7.64 24.45
N ILE F 70 -10.30 8.57 24.64
CA ILE F 70 -10.61 9.97 24.88
C ILE F 70 -9.99 10.80 23.77
N GLU F 71 -10.83 11.55 23.06
CA GLU F 71 -10.41 12.23 21.84
C GLU F 71 -10.90 13.68 21.86
N GLY F 73 -10.20 15.67 24.26
CA GLY F 73 -10.63 15.81 25.63
C GLY F 73 -11.98 15.21 25.95
N ILE F 74 -12.62 14.63 24.93
CA ILE F 74 -13.93 14.01 25.06
C ILE F 74 -13.75 12.50 25.06
N ILE F 75 -14.34 11.83 26.05
CA ILE F 75 -14.32 10.37 26.09
C ILE F 75 -15.31 9.83 25.06
N THR F 76 -14.80 9.21 24.01
CA THR F 76 -15.62 8.68 22.94
C THR F 76 -16.00 7.22 23.13
N ASN F 77 -15.34 6.50 24.05
CA ASN F 77 -15.37 5.04 24.05
C ASN F 77 -15.33 4.60 25.52
N TRP F 78 -16.51 4.67 26.16
CA TRP F 78 -16.62 4.43 27.59
C TRP F 78 -16.25 2.99 27.96
N ASP F 79 -16.51 2.03 27.07
CA ASP F 79 -16.15 0.65 27.35
C ASP F 79 -14.65 0.46 27.51
N ASP F 80 -13.84 1.20 26.76
CA ASP F 80 -12.39 1.16 26.90
C ASP F 80 -11.86 2.13 27.95
N MET F 81 -12.49 3.29 28.11
CA MET F 81 -12.09 4.18 29.19
C MET F 81 -12.29 3.50 30.55
N GLU F 82 -13.37 2.75 30.71
CA GLU F 82 -13.56 1.99 31.94
C GLU F 82 -12.48 0.94 32.14
N LYS F 83 -11.89 0.45 31.06
CA LYS F 83 -10.71 -0.41 31.16
C LYS F 83 -9.48 0.37 31.61
N ILE F 84 -9.34 1.60 31.12
CA ILE F 84 -8.21 2.42 31.54
C ILE F 84 -8.31 2.80 33.01
N TRP F 85 -9.51 3.15 33.48
CA TRP F 85 -9.72 3.38 34.91
C TRP F 85 -9.49 2.11 35.74
N HIS F 86 -10.00 0.96 35.29
CA HIS F 86 -9.71 -0.29 35.98
C HIS F 86 -8.21 -0.54 36.08
N HIS F 87 -7.49 -0.37 34.98
CA HIS F 87 -6.05 -0.56 35.01
C HIS F 87 -5.37 0.43 35.95
N THR F 88 -5.79 1.69 35.91
CA THR F 88 -5.23 2.73 36.77
C THR F 88 -5.37 2.37 38.24
N PHE F 89 -6.56 1.96 38.66
CA PHE F 89 -6.78 1.69 40.07
C PHE F 89 -6.19 0.35 40.50
N TYR F 90 -6.50 -0.73 39.79
CA TYR F 90 -6.14 -2.05 40.28
C TYR F 90 -4.74 -2.52 39.90
N ASN F 91 -4.20 -2.13 38.74
CA ASN F 91 -2.91 -2.65 38.30
C ASN F 91 -1.76 -1.67 38.54
N GLU F 92 -1.96 -0.39 38.31
CA GLU F 92 -0.90 0.59 38.49
C GLU F 92 -0.82 1.10 39.94
N LEU F 93 -1.89 1.71 40.42
CA LEU F 93 -1.89 2.19 41.79
C LEU F 93 -2.13 1.08 42.81
N ARG F 94 -2.69 -0.06 42.37
CA ARG F 94 -2.87 -1.23 43.23
C ARG F 94 -3.66 -0.90 44.49
N VAL F 95 -4.83 -0.31 44.30
CA VAL F 95 -5.64 0.24 45.38
C VAL F 95 -7.11 0.01 45.03
N ALA F 96 -7.92 -0.18 46.06
CA ALA F 96 -9.36 -0.42 45.87
C ALA F 96 -10.07 0.92 45.95
N PRO F 97 -10.69 1.39 44.86
CA PRO F 97 -11.23 2.76 44.86
C PRO F 97 -12.33 2.99 45.87
N GLU F 98 -13.00 1.93 46.34
CA GLU F 98 -14.06 2.07 47.33
C GLU F 98 -13.58 2.60 48.68
N GLU F 99 -12.28 2.85 48.85
CA GLU F 99 -11.78 3.52 50.04
C GLU F 99 -11.28 4.94 49.78
N HIS F 100 -11.10 5.33 48.53
CA HIS F 100 -10.37 6.55 48.19
C HIS F 100 -11.20 7.52 47.36
N PRO F 101 -11.57 8.67 47.90
CA PRO F 101 -12.29 9.66 47.10
C PRO F 101 -11.40 10.17 45.97
N THR F 102 -11.95 10.21 44.76
CA THR F 102 -11.16 10.39 43.55
C THR F 102 -11.45 11.77 42.96
N LEU F 103 -10.41 12.58 42.85
CA LEU F 103 -10.46 13.84 42.12
C LEU F 103 -10.15 13.56 40.65
N LEU F 104 -11.19 13.51 39.82
CA LEU F 104 -11.01 13.58 38.39
C LEU F 104 -10.82 15.02 37.95
N THR F 105 -10.47 15.20 36.68
CA THR F 105 -10.42 16.52 36.10
C THR F 105 -10.66 16.44 34.60
N GLU F 106 -11.17 17.53 34.03
CA GLU F 106 -11.46 17.59 32.60
C GLU F 106 -11.25 19.01 32.10
N ALA F 107 -11.17 19.14 30.78
CA ALA F 107 -11.06 20.44 30.14
C ALA F 107 -12.38 21.21 30.26
N PRO F 108 -12.33 22.54 30.17
CA PRO F 108 -13.56 23.34 30.17
C PRO F 108 -14.23 23.29 28.80
N LEU F 109 -15.46 23.80 28.76
CA LEU F 109 -16.28 23.82 27.55
C LEU F 109 -16.37 22.43 26.92
N ASN F 110 -16.87 21.48 27.71
CA ASN F 110 -16.82 20.07 27.38
C ASN F 110 -18.20 19.46 27.61
N PRO F 111 -18.63 18.53 26.76
CA PRO F 111 -20.01 18.03 26.84
C PRO F 111 -20.37 17.52 28.23
N LYS F 112 -21.52 17.97 28.72
CA LYS F 112 -22.00 17.57 30.04
C LYS F 112 -22.25 16.07 30.14
N ALA F 113 -22.48 15.41 29.01
CA ALA F 113 -22.55 13.95 28.99
C ALA F 113 -21.28 13.30 29.48
N ASN F 114 -20.12 13.91 29.25
CA ASN F 114 -18.88 13.32 29.76
C ASN F 114 -18.83 13.37 31.28
N ARG F 115 -19.00 14.55 31.85
CA ARG F 115 -18.99 14.71 33.31
C ARG F 115 -20.05 13.84 33.99
N GLU F 116 -21.22 13.67 33.37
CA GLU F 116 -22.22 12.75 33.87
C GLU F 116 -21.81 11.28 33.78
N LYS F 117 -21.26 10.86 32.64
CA LYS F 117 -20.87 9.45 32.53
C LYS F 117 -19.68 9.12 33.43
N MET F 118 -18.71 10.03 33.56
CA MET F 118 -17.67 9.87 34.55
C MET F 118 -18.23 9.73 35.96
N THR F 119 -19.25 10.52 36.29
CA THR F 119 -19.87 10.39 37.60
C THR F 119 -20.55 9.04 37.79
N GLN F 120 -21.36 8.64 36.81
CA GLN F 120 -22.00 7.32 36.85
C GLN F 120 -20.98 6.21 37.01
N ILE F 121 -19.90 6.25 36.24
CA ILE F 121 -18.92 5.16 36.27
C ILE F 121 -18.20 5.13 37.61
N MET F 122 -17.77 6.29 38.10
CA MET F 122 -17.05 6.33 39.37
C MET F 122 -17.92 5.85 40.53
N PHE F 123 -19.18 6.32 40.59
CA PHE F 123 -20.04 5.95 41.72
C PHE F 123 -20.72 4.58 41.60
N GLU F 124 -20.90 4.04 40.40
CA GLU F 124 -21.61 2.77 40.25
C GLU F 124 -20.76 1.60 39.81
N THR F 125 -19.70 1.84 39.03
CA THR F 125 -18.73 0.78 38.76
C THR F 125 -17.67 0.67 39.86
N PHE F 126 -17.06 1.78 40.25
CA PHE F 126 -15.97 1.75 41.20
C PHE F 126 -16.40 2.06 42.63
N ASN F 127 -17.67 2.39 42.86
CA ASN F 127 -18.23 2.56 44.20
C ASN F 127 -17.46 3.57 45.05
N VAL F 128 -16.73 4.50 44.42
CA VAL F 128 -15.80 5.35 45.17
C VAL F 128 -16.56 6.14 46.23
N PRO F 129 -15.96 6.40 47.40
CA PRO F 129 -16.68 7.13 48.45
C PRO F 129 -17.10 8.54 48.04
N ALA F 130 -16.27 9.22 47.27
CA ALA F 130 -16.58 10.57 46.82
C ALA F 130 -15.75 10.90 45.60
N MET F 131 -16.12 11.98 44.92
CA MET F 131 -15.56 12.28 43.61
C MET F 131 -15.62 13.78 43.41
N TYR F 132 -14.76 14.29 42.52
CA TYR F 132 -14.85 15.68 42.09
C TYR F 132 -14.25 15.81 40.71
N VAL F 133 -14.66 16.86 39.98
CA VAL F 133 -14.22 17.05 38.60
C VAL F 133 -13.72 18.48 38.40
N ALA F 134 -12.49 18.75 38.81
CA ALA F 134 -11.92 20.08 38.70
C ALA F 134 -11.55 20.40 37.25
N ILE F 135 -11.64 21.69 36.89
CA ILE F 135 -11.14 22.16 35.61
C ILE F 135 -9.61 22.15 35.62
N GLN F 136 -9.02 21.55 34.58
CA GLN F 136 -7.58 21.32 34.56
C GLN F 136 -6.79 22.63 34.71
N ALA F 137 -7.25 23.70 34.06
CA ALA F 137 -6.54 24.97 34.17
C ALA F 137 -6.62 25.57 35.56
N VAL F 138 -7.72 25.35 36.28
CA VAL F 138 -7.79 25.84 37.65
C VAL F 138 -6.79 25.10 38.53
N LEU F 139 -6.66 23.79 38.30
CA LEU F 139 -5.63 23.00 38.98
C LEU F 139 -4.22 23.50 38.68
N SER F 140 -3.98 23.90 37.42
CA SER F 140 -2.64 24.34 37.04
C SER F 140 -2.16 25.58 37.79
N LEU F 141 -3.05 26.40 38.33
CA LEU F 141 -2.62 27.48 39.21
C LEU F 141 -2.01 26.96 40.51
N TYR F 142 -2.69 26.02 41.17
CA TYR F 142 -2.20 25.51 42.45
C TYR F 142 -0.76 25.02 42.37
N ALA F 143 -0.40 24.32 41.29
CA ALA F 143 0.97 23.85 41.15
C ALA F 143 1.98 24.99 41.02
N SER F 144 1.56 26.17 40.60
CA SER F 144 2.45 27.32 40.57
C SER F 144 2.42 28.14 41.84
N GLY F 145 1.36 28.06 42.62
CA GLY F 145 1.18 28.92 43.77
C GLY F 145 0.53 30.25 43.47
N ARG F 146 0.12 30.49 42.23
CA ARG F 146 -0.60 31.71 41.89
C ARG F 146 -2.01 31.68 42.48
N THR F 147 -2.56 32.88 42.68
CA THR F 147 -4.00 33.07 42.77
C THR F 147 -4.58 33.79 41.58
N THR F 148 -3.74 34.38 40.73
CA THR F 148 -4.14 35.22 39.63
C THR F 148 -3.30 34.86 38.41
N GLY F 149 -3.94 34.74 37.26
CA GLY F 149 -3.21 34.41 36.05
C GLY F 149 -4.13 33.96 34.96
N ILE F 150 -3.57 33.91 33.76
CA ILE F 150 -4.20 33.28 32.61
C ILE F 150 -3.47 31.97 32.33
N VAL F 151 -4.14 30.87 32.66
CA VAL F 151 -3.57 29.55 32.46
C VAL F 151 -3.71 29.14 31.01
N LEU F 152 -2.61 28.72 30.41
CA LEU F 152 -2.62 28.07 29.11
C LEU F 152 -2.27 26.60 29.32
N ASP F 153 -3.26 25.74 29.21
CA ASP F 153 -3.06 24.29 29.19
C ASP F 153 -3.11 23.81 27.76
N SER F 154 -2.12 23.00 27.37
CA SER F 154 -2.01 22.49 26.01
C SER F 154 -1.66 21.01 26.11
N GLY F 155 -2.65 20.15 25.92
CA GLY F 155 -2.53 18.74 26.20
C GLY F 155 -2.19 17.91 24.97
N ASP F 156 -2.67 16.67 24.98
CA ASP F 156 -2.63 15.82 23.78
C ASP F 156 -3.82 16.09 22.85
N GLY F 157 -4.99 16.38 23.41
CA GLY F 157 -6.18 16.49 22.60
C GLY F 157 -6.76 17.88 22.49
N VAL F 158 -6.59 18.72 23.52
CA VAL F 158 -7.16 20.06 23.53
C VAL F 158 -6.17 21.04 24.13
N THR F 159 -6.34 22.31 23.76
CA THR F 159 -5.64 23.43 24.34
C THR F 159 -6.68 24.46 24.77
N HIS F 160 -6.52 25.00 25.97
CA HIS F 160 -7.50 25.96 26.47
C HIS F 160 -6.84 27.02 27.33
N ASN F 161 -7.42 28.21 27.29
CA ASN F 161 -7.00 29.37 28.07
C ASN F 161 -8.08 29.69 29.10
N VAL F 162 -7.68 29.83 30.37
CA VAL F 162 -8.60 30.21 31.43
C VAL F 162 -7.98 31.32 32.28
N PRO F 163 -8.45 32.55 32.14
CA PRO F 163 -8.00 33.64 33.01
C PRO F 163 -8.69 33.62 34.37
N ILE F 164 -7.91 33.89 35.41
CA ILE F 164 -8.34 33.80 36.80
C ILE F 164 -7.74 34.98 37.55
N TYR F 165 -8.50 35.54 38.50
CA TYR F 165 -8.08 36.72 39.26
C TYR F 165 -8.51 36.61 40.71
N GLU F 166 -7.56 36.29 41.59
CA GLU F 166 -7.80 36.10 43.02
C GLU F 166 -8.86 35.04 43.28
N GLY F 167 -8.96 34.05 42.40
CA GLY F 167 -10.18 33.29 42.26
C GLY F 167 -10.92 33.70 41.02
N TYR F 168 -12.24 33.51 41.02
CA TYR F 168 -13.14 34.15 40.05
C TYR F 168 -12.65 33.95 38.62
N ALA F 169 -12.61 32.69 38.20
CA ALA F 169 -12.43 32.40 36.78
C ALA F 169 -13.49 33.11 35.96
N LEU F 170 -13.08 33.75 34.87
CA LEU F 170 -13.98 34.49 34.01
C LEU F 170 -14.54 33.60 32.91
N PRO F 171 -15.75 33.04 33.08
CA PRO F 171 -16.16 31.92 32.21
C PRO F 171 -16.41 32.34 30.78
N HIS F 172 -16.76 33.61 30.55
CA HIS F 172 -16.92 34.12 29.20
C HIS F 172 -15.59 34.28 28.47
N ALA F 173 -14.50 34.43 29.20
CA ALA F 173 -13.18 34.59 28.59
C ALA F 173 -12.43 33.27 28.41
N ILE F 174 -12.96 32.16 28.93
CA ILE F 174 -12.39 30.86 28.61
C ILE F 174 -12.45 30.61 27.11
N MET F 175 -11.38 30.04 26.56
CA MET F 175 -11.33 29.62 25.17
C MET F 175 -10.72 28.23 25.09
N ARG F 176 -11.24 27.40 24.19
CA ARG F 176 -10.72 26.06 23.93
C ARG F 176 -10.54 25.85 22.44
N LEU F 177 -9.42 25.24 22.05
CA LEU F 177 -8.93 25.33 20.68
C LEU F 177 -9.06 24.04 19.88
N ASP F 178 -9.21 22.88 20.54
CA ASP F 178 -9.24 21.58 19.88
C ASP F 178 -7.98 21.30 19.04
N LEU F 179 -6.90 22.02 19.28
CA LEU F 179 -5.62 21.79 18.60
C LEU F 179 -4.57 21.47 19.63
N ALA F 180 -3.95 20.29 19.52
CA ALA F 180 -2.96 19.89 20.50
C ALA F 180 -2.06 18.79 19.92
N GLY F 181 -1.36 18.08 20.80
CA GLY F 181 -0.32 17.14 20.41
C GLY F 181 -0.68 16.06 19.42
N ARG F 182 -1.95 15.66 19.35
CA ARG F 182 -2.33 14.72 18.29
C ARG F 182 -2.33 15.38 16.91
N ASP F 183 -2.83 16.60 16.82
CA ASP F 183 -2.78 17.32 15.55
C ASP F 183 -1.34 17.64 15.15
N LEU F 184 -0.47 17.88 16.12
CA LEU F 184 0.96 18.03 15.85
C LEU F 184 1.60 16.73 15.39
N THR F 185 1.24 15.60 16.00
CA THR F 185 1.75 14.31 15.54
C THR F 185 1.30 13.99 14.12
N ASP F 186 0.01 14.17 13.83
CA ASP F 186 -0.50 13.88 12.50
C ASP F 186 0.07 14.81 11.44
N TYR F 187 0.28 16.09 11.77
CA TYR F 187 0.95 16.97 10.82
C TYR F 187 2.42 16.62 10.65
N LEU F 188 3.09 16.21 11.72
CA LEU F 188 4.47 15.74 11.58
C LEU F 188 4.54 14.51 10.69
N MET F 189 3.58 13.58 10.80
CA MET F 189 3.52 12.47 9.86
C MET F 189 3.31 12.92 8.41
N LYS F 190 2.42 13.89 8.22
CA LYS F 190 2.16 14.42 6.89
C LYS F 190 3.39 15.09 6.28
N ILE F 191 4.15 15.83 7.08
CA ILE F 191 5.35 16.46 6.52
C ILE F 191 6.54 15.51 6.45
N LEU F 192 6.65 14.51 7.34
CA LEU F 192 7.67 13.50 7.15
C LEU F 192 7.43 12.67 5.90
N THR F 193 6.18 12.60 5.43
CA THR F 193 5.91 12.03 4.12
C THR F 193 6.59 12.81 2.99
N GLU F 194 6.87 14.11 3.20
CA GLU F 194 7.51 14.92 2.16
C GLU F 194 8.91 14.45 1.79
N ARG F 195 9.61 13.71 2.65
CA ARG F 195 10.84 13.06 2.24
C ARG F 195 10.79 11.53 2.34
N GLY F 196 9.59 10.97 2.41
CA GLY F 196 9.37 9.56 2.16
C GLY F 196 9.41 8.63 3.34
N TYR F 197 9.41 9.13 4.57
CA TYR F 197 9.21 8.28 5.74
C TYR F 197 7.70 8.06 5.87
N SER F 198 7.19 7.06 5.17
CA SER F 198 5.77 6.75 5.22
C SER F 198 5.41 6.09 6.55
N PHE F 199 4.73 6.84 7.39
CA PHE F 199 4.14 6.34 8.64
C PHE F 199 2.63 6.39 8.51
N VAL F 200 1.98 5.24 8.75
CA VAL F 200 0.54 5.11 8.47
C VAL F 200 -0.16 4.31 9.54
N THR F 201 0.51 3.30 10.09
CA THR F 201 -0.08 2.54 11.18
C THR F 201 -0.11 3.37 12.46
N THR F 202 -0.93 2.94 13.41
CA THR F 202 -0.97 3.60 14.71
C THR F 202 0.31 3.37 15.51
N ALA F 203 0.96 2.22 15.32
CA ALA F 203 2.31 2.03 15.84
C ALA F 203 3.27 3.08 15.30
N GLU F 204 3.18 3.39 14.02
CA GLU F 204 4.03 4.44 13.47
C GLU F 204 3.60 5.82 13.94
N ARG F 205 2.29 6.06 14.09
CA ARG F 205 1.86 7.29 14.74
C ARG F 205 2.48 7.43 16.12
N GLU F 206 2.58 6.33 16.87
CA GLU F 206 3.18 6.31 18.20
C GLU F 206 4.69 6.47 18.16
N ILE F 207 5.31 6.17 17.02
CA ILE F 207 6.74 6.45 16.86
C ILE F 207 6.97 7.91 16.48
N VAL F 208 6.12 8.46 15.61
CA VAL F 208 6.22 9.87 15.26
C VAL F 208 5.90 10.77 16.46
N ARG F 209 5.08 10.30 17.41
CA ARG F 209 4.97 11.01 18.67
C ARG F 209 6.31 11.09 19.41
N ASP F 210 7.09 10.02 19.36
CA ASP F 210 8.41 10.05 19.99
C ASP F 210 9.37 10.96 19.23
N ILE F 211 9.34 10.90 17.90
CA ILE F 211 10.15 11.80 17.10
C ILE F 211 9.81 13.26 17.42
N LYS F 212 8.53 13.57 17.52
CA LYS F 212 8.07 14.89 17.92
C LYS F 212 8.62 15.30 19.28
N GLU F 213 8.56 14.40 20.27
CA GLU F 213 9.05 14.75 21.60
C GLU F 213 10.57 14.90 21.63
N LYS F 214 11.30 14.05 20.91
CA LYS F 214 12.76 14.08 20.98
C LYS F 214 13.38 15.22 20.18
N LEU F 215 12.92 15.44 18.95
CA LEU F 215 13.63 16.35 18.04
C LEU F 215 13.02 17.73 17.94
N CYS F 216 11.69 17.85 17.96
CA CYS F 216 11.07 19.11 17.56
C CYS F 216 11.33 20.23 18.56
N TYR F 217 11.31 21.46 18.05
CA TYR F 217 11.42 22.66 18.86
C TYR F 217 10.67 23.78 18.15
N VAL F 218 10.37 24.85 18.88
CA VAL F 218 9.63 25.99 18.34
C VAL F 218 10.60 27.07 17.91
N ALA F 219 10.50 27.46 16.64
CA ALA F 219 11.35 28.52 16.11
C ALA F 219 11.02 29.86 16.75
N LEU F 220 12.06 30.64 17.05
CA LEU F 220 11.86 31.98 17.60
C LEU F 220 11.38 32.95 16.53
N ASP F 221 11.77 32.73 15.27
CA ASP F 221 11.50 33.65 14.16
C ASP F 221 11.35 32.78 12.91
N PHE F 222 10.12 32.28 12.70
CA PHE F 222 9.90 31.13 11.84
C PHE F 222 10.44 31.35 10.43
N GLU F 223 10.25 32.55 9.87
CA GLU F 223 10.74 32.81 8.53
C GLU F 223 12.26 32.71 8.45
N ASN F 224 12.97 33.24 9.44
CA ASN F 224 14.44 33.17 9.42
C ASN F 224 14.97 31.79 9.77
N GLU F 225 14.29 31.05 10.65
CA GLU F 225 14.67 29.66 10.88
C GLU F 225 14.43 28.79 9.65
N MET F 226 13.30 29.00 8.97
CA MET F 226 13.05 28.30 7.72
C MET F 226 14.09 28.61 6.66
N ALA F 227 14.48 29.89 6.54
CA ALA F 227 15.56 30.23 5.61
C ALA F 227 16.89 29.63 6.01
N THR F 228 17.18 29.56 7.31
CA THR F 228 18.43 28.94 7.76
C THR F 228 18.46 27.44 7.49
N ALA F 229 17.35 26.74 7.78
CA ALA F 229 17.24 25.32 7.45
C ALA F 229 17.27 25.08 5.95
N ALA F 230 16.83 26.05 5.15
CA ALA F 230 16.95 25.93 3.71
C ALA F 230 18.38 26.14 3.23
N SER F 231 19.11 27.05 3.88
CA SER F 231 20.47 27.36 3.45
C SER F 231 21.52 26.42 4.02
N SER F 232 21.28 25.79 5.17
CA SER F 232 22.30 24.95 5.77
C SER F 232 21.68 23.76 6.48
N SER F 233 22.44 22.66 6.52
CA SER F 233 22.06 21.41 7.18
C SER F 233 22.31 21.42 8.68
N SER F 234 22.78 22.54 9.23
CA SER F 234 23.16 22.61 10.64
C SER F 234 21.99 22.29 11.57
N LEU F 235 20.76 22.58 11.13
CA LEU F 235 19.57 22.28 11.92
C LEU F 235 19.09 20.84 11.78
N GLU F 236 19.66 20.06 10.88
CA GLU F 236 19.21 18.68 10.72
C GLU F 236 19.70 17.80 11.88
N LYS F 237 18.84 16.88 12.29
CA LYS F 237 19.12 15.90 13.34
C LYS F 237 18.73 14.52 12.83
N SER F 238 19.47 13.51 13.28
CA SER F 238 19.19 12.13 12.93
C SER F 238 18.60 11.37 14.10
N TYR F 239 17.65 10.49 13.80
CA TYR F 239 16.92 9.71 14.78
C TYR F 239 16.90 8.26 14.29
N GLU F 240 16.85 7.33 15.23
CA GLU F 240 16.95 5.90 14.92
C GLU F 240 15.64 5.20 15.25
N LEU F 241 14.98 4.68 14.20
CA LEU F 241 13.71 4.00 14.36
C LEU F 241 13.90 2.68 15.12
N PRO F 242 12.80 2.10 15.64
CA PRO F 242 12.93 0.86 16.41
C PRO F 242 13.65 -0.26 15.70
N ASP F 243 13.64 -0.28 14.37
CA ASP F 243 14.36 -1.28 13.60
C ASP F 243 15.76 -0.85 13.19
N GLY F 244 16.27 0.25 13.74
CA GLY F 244 17.59 0.74 13.40
C GLY F 244 17.71 1.50 12.10
N GLN F 245 16.63 1.68 11.35
CA GLN F 245 16.66 2.61 10.22
C GLN F 245 16.83 4.03 10.73
N VAL F 246 17.89 4.69 10.28
CA VAL F 246 18.10 6.11 10.56
C VAL F 246 17.23 6.95 9.65
N ILE F 247 16.61 7.99 10.23
CA ILE F 247 15.93 9.04 9.49
C ILE F 247 16.62 10.36 9.81
N THR F 248 16.53 11.30 8.87
CA THR F 248 17.05 12.65 9.09
C THR F 248 15.95 13.67 8.84
N ILE F 249 15.91 14.69 9.69
CA ILE F 249 14.82 15.64 9.78
C ILE F 249 15.40 17.05 9.81
N GLY F 250 14.73 17.98 9.15
CA GLY F 250 15.26 19.33 8.98
C GLY F 250 14.27 20.40 9.33
N ASN F 251 13.76 21.14 8.34
CA ASN F 251 12.76 22.16 8.62
C ASN F 251 11.46 21.60 9.19
N GLU F 252 11.21 20.29 9.03
CA GLU F 252 10.08 19.65 9.70
C GLU F 252 10.18 19.79 11.21
N ARG F 253 11.41 19.92 11.72
CA ARG F 253 11.67 19.94 13.15
C ARG F 253 11.00 21.10 13.85
N PHE F 254 10.88 22.25 13.18
CA PHE F 254 10.16 23.38 13.74
C PHE F 254 8.88 23.71 13.00
N ARG F 255 8.72 23.26 11.76
CA ARG F 255 7.42 23.37 11.09
C ARG F 255 6.34 22.60 11.84
N CYS F 256 6.69 21.49 12.51
CA CYS F 256 5.67 20.77 13.29
C CYS F 256 5.06 21.61 14.40
N PRO F 257 5.80 22.07 15.42
CA PRO F 257 5.15 22.85 16.49
C PRO F 257 4.77 24.26 16.11
N GLU F 258 5.30 24.81 15.01
CA GLU F 258 4.82 26.09 14.50
C GLU F 258 3.32 26.10 14.25
N THR F 259 2.72 24.95 13.93
CA THR F 259 1.28 24.90 13.69
C THR F 259 0.46 25.30 14.90
N LEU F 260 1.04 25.27 16.09
CA LEU F 260 0.38 25.85 17.25
C LEU F 260 0.18 27.35 17.06
N PHE F 261 1.18 28.02 16.50
CA PHE F 261 1.11 29.44 16.23
C PHE F 261 0.47 29.77 14.89
N GLN F 262 0.43 28.81 13.96
CA GLN F 262 -0.20 28.99 12.65
C GLN F 262 -1.10 27.81 12.35
N PRO F 263 -2.27 27.74 12.99
CA PRO F 263 -3.16 26.58 12.80
C PRO F 263 -3.58 26.36 11.36
N SER F 264 -3.54 27.38 10.52
CA SER F 264 -3.85 27.23 9.10
C SER F 264 -2.97 26.19 8.40
N PHE F 265 -1.82 25.84 8.99
CA PHE F 265 -1.01 24.76 8.42
C PHE F 265 -1.76 23.43 8.41
N ILE F 266 -2.58 23.17 9.43
CA ILE F 266 -3.42 21.98 9.46
C ILE F 266 -4.83 22.27 8.96
N GLY F 267 -5.02 23.42 8.30
CA GLY F 267 -6.32 23.85 7.84
C GLY F 267 -7.25 24.34 8.93
N MET F 268 -6.81 24.35 10.19
CA MET F 268 -7.59 24.95 11.26
C MET F 268 -7.69 26.45 11.05
N GLU F 269 -8.92 26.99 11.09
CA GLU F 269 -9.13 28.40 10.79
C GLU F 269 -8.73 29.29 11.97
N SER F 270 -8.77 28.78 13.19
CA SER F 270 -8.70 29.61 14.37
C SER F 270 -7.40 30.41 14.44
N ALA F 271 -7.45 31.49 15.22
CA ALA F 271 -6.26 32.21 15.64
C ALA F 271 -5.30 31.31 16.41
N GLY F 272 -4.01 31.67 16.36
CA GLY F 272 -3.00 30.88 17.02
C GLY F 272 -3.13 30.96 18.54
N ILE F 273 -2.24 30.22 19.21
CA ILE F 273 -2.30 30.17 20.67
C ILE F 273 -1.86 31.49 21.31
N HIS F 274 -0.97 32.23 20.67
CA HIS F 274 -0.64 33.58 21.15
C HIS F 274 -1.81 34.53 20.94
N GLU F 275 -2.45 34.46 19.78
CA GLU F 275 -3.61 35.31 19.52
C GLU F 275 -4.79 34.94 20.40
N THR F 276 -5.06 33.65 20.61
CA THR F 276 -6.15 33.28 21.51
C THR F 276 -5.83 33.60 22.98
N THR F 277 -4.55 33.59 23.36
CA THR F 277 -4.17 34.09 24.68
C THR F 277 -4.44 35.59 24.82
N TYR F 278 -4.02 36.37 23.83
CA TYR F 278 -4.29 37.80 23.83
C TYR F 278 -5.79 38.08 23.82
N ASN F 279 -6.55 37.44 22.94
CA ASN F 279 -8.00 37.63 22.89
C ASN F 279 -8.69 37.22 24.18
N SER F 280 -8.15 36.22 24.89
CA SER F 280 -8.68 35.88 26.21
C SER F 280 -8.41 36.97 27.23
N ILE F 281 -7.22 37.55 27.23
CA ILE F 281 -6.97 38.72 28.06
C ILE F 281 -7.86 39.90 27.66
N MET F 282 -8.08 40.09 26.37
CA MET F 282 -8.99 41.12 25.87
C MET F 282 -10.45 40.89 26.20
N LYS F 283 -10.85 39.67 26.52
CA LYS F 283 -12.20 39.50 27.04
C LYS F 283 -12.32 39.90 28.50
N CYS F 284 -11.20 40.01 29.22
CA CYS F 284 -11.20 40.42 30.61
C CYS F 284 -11.34 41.93 30.77
N ASP F 285 -11.89 42.33 31.91
CA ASP F 285 -12.07 43.74 32.23
C ASP F 285 -10.73 44.45 32.33
N ILE F 286 -10.67 45.70 31.87
CA ILE F 286 -9.41 46.34 31.53
C ILE F 286 -8.51 46.54 32.73
N ASP F 287 -9.06 46.53 33.95
CA ASP F 287 -8.23 46.72 35.13
C ASP F 287 -7.32 45.54 35.40
N ILE F 288 -7.77 44.31 35.13
CA ILE F 288 -7.02 43.12 35.54
C ILE F 288 -6.03 42.65 34.49
N ARG F 289 -6.13 43.16 33.26
CA ARG F 289 -5.28 42.69 32.16
C ARG F 289 -3.79 42.79 32.47
N LYS F 290 -3.37 43.85 33.17
CA LYS F 290 -1.96 44.02 33.53
C LYS F 290 -1.45 42.86 34.38
N ASP F 291 -2.27 42.31 35.26
CA ASP F 291 -1.83 41.18 36.08
C ASP F 291 -1.91 39.86 35.33
N LEU F 292 -2.79 39.76 34.33
CA LEU F 292 -2.76 38.57 33.48
C LEU F 292 -1.51 38.59 32.62
N TYR F 293 -1.18 39.74 32.02
CA TYR F 293 0.08 39.85 31.30
C TYR F 293 1.26 39.52 32.20
N ALA F 294 1.19 39.95 33.47
CA ALA F 294 2.27 39.64 34.40
C ALA F 294 2.22 38.22 34.93
N ASN F 295 1.21 37.42 34.55
CA ASN F 295 1.06 36.09 35.13
C ASN F 295 0.50 35.11 34.10
N ASN F 296 1.13 35.01 32.93
CA ASN F 296 0.83 33.89 32.04
C ASN F 296 1.43 32.60 32.61
N VAL F 297 0.59 31.59 32.78
CA VAL F 297 1.00 30.27 33.27
C VAL F 297 0.84 29.25 32.15
N MET F 298 1.92 28.55 31.81
CA MET F 298 1.89 27.55 30.75
C MET F 298 1.91 26.17 31.38
N SER F 299 1.07 25.28 30.87
CA SER F 299 1.02 23.90 31.36
C SER F 299 0.64 22.97 30.23
N GLY F 300 0.83 21.68 30.46
CA GLY F 300 0.55 20.64 29.50
C GLY F 300 1.75 20.29 28.62
N GLY F 301 1.79 19.03 28.20
CA GLY F 301 2.98 18.48 27.57
C GLY F 301 3.42 19.22 26.32
N THR F 302 2.47 19.68 25.51
CA THR F 302 2.84 20.42 24.31
C THR F 302 3.33 21.84 24.58
N THR F 303 3.44 22.26 25.83
CA THR F 303 4.21 23.45 26.17
C THR F 303 5.67 23.14 26.50
N MET F 304 6.10 21.90 26.33
CA MET F 304 7.46 21.51 26.68
C MET F 304 8.48 21.81 25.59
N TYR F 305 8.03 22.18 24.39
CA TYR F 305 8.97 22.43 23.29
C TYR F 305 10.00 23.48 23.69
N PRO F 306 11.29 23.23 23.45
CA PRO F 306 12.30 24.27 23.63
C PRO F 306 11.96 25.55 22.88
N GLY F 307 12.13 26.68 23.56
CA GLY F 307 11.88 27.97 22.95
C GLY F 307 10.43 28.41 22.87
N ILE F 308 9.49 27.59 23.31
CA ILE F 308 8.08 27.98 23.20
C ILE F 308 7.77 29.17 24.10
N ALA F 309 8.39 29.24 25.28
CA ALA F 309 8.18 30.40 26.14
C ALA F 309 8.74 31.68 25.53
N ASP F 310 9.92 31.62 24.92
CA ASP F 310 10.50 32.77 24.24
C ASP F 310 9.65 33.23 23.07
N ARG F 311 9.22 32.29 22.21
CA ARG F 311 8.34 32.64 21.10
C ARG F 311 7.01 33.22 21.59
N MET F 312 6.42 32.60 22.61
CA MET F 312 5.15 33.11 23.16
C MET F 312 5.31 34.51 23.72
N GLN F 313 6.42 34.77 24.41
CA GLN F 313 6.67 36.10 24.95
C GLN F 313 6.89 37.13 23.85
N LYS F 314 7.65 36.78 22.83
CA LYS F 314 7.79 37.66 21.67
C LYS F 314 6.44 38.00 21.04
N GLU F 315 5.61 36.97 20.80
CA GLU F 315 4.35 37.18 20.11
C GLU F 315 3.36 37.99 20.95
N ILE F 316 3.25 37.70 22.24
CA ILE F 316 2.36 38.51 23.07
C ILE F 316 2.91 39.91 23.30
N THR F 317 4.23 40.08 23.41
CA THR F 317 4.79 41.41 23.52
C THR F 317 4.57 42.22 22.25
N ALA F 318 4.43 41.54 21.10
CA ALA F 318 4.04 42.23 19.88
C ALA F 318 2.55 42.56 19.87
N LEU F 319 1.74 41.70 20.48
CA LEU F 319 0.30 41.95 20.55
C LEU F 319 -0.06 42.96 21.64
N ALA F 320 0.48 42.78 22.84
CA ALA F 320 0.09 43.59 24.00
C ALA F 320 0.71 44.98 23.97
N PRO F 321 0.07 45.94 24.65
CA PRO F 321 0.60 47.31 24.69
C PRO F 321 2.01 47.39 25.25
N SER F 322 2.79 48.32 24.68
CA SER F 322 4.23 48.35 24.84
C SER F 322 4.67 48.45 26.31
N THR F 323 3.83 49.02 27.16
CA THR F 323 4.19 49.17 28.57
C THR F 323 4.05 47.87 29.35
N MET F 324 3.18 46.96 28.92
CA MET F 324 2.83 45.82 29.74
C MET F 324 4.02 44.89 29.90
N LYS F 325 4.31 44.51 31.14
CA LYS F 325 5.40 43.59 31.48
C LYS F 325 4.96 42.15 31.23
N ILE F 326 5.00 41.75 29.96
CA ILE F 326 4.59 40.41 29.59
C ILE F 326 5.56 39.42 30.21
N LYS F 327 5.04 38.51 31.04
CA LYS F 327 5.82 37.50 31.71
C LYS F 327 5.12 36.16 31.57
N ILE F 328 5.90 35.12 31.29
CA ILE F 328 5.37 33.77 31.12
C ILE F 328 5.97 32.86 32.18
N ILE F 329 5.09 32.24 32.97
CA ILE F 329 5.50 31.29 33.99
C ILE F 329 5.39 29.90 33.35
N ALA F 330 6.50 29.46 32.75
CA ALA F 330 6.61 28.13 32.14
C ALA F 330 7.70 27.37 32.87
N PRO F 331 7.41 26.86 34.06
CA PRO F 331 8.44 26.22 34.87
C PRO F 331 8.78 24.84 34.33
N PRO F 332 9.87 24.24 34.82
CA PRO F 332 10.00 22.77 34.76
C PRO F 332 8.80 22.05 35.37
N GLU F 333 8.64 20.78 35.02
CA GLU F 333 7.55 19.88 35.40
C GLU F 333 6.16 20.45 35.07
N ARG F 334 6.09 21.50 34.24
CA ARG F 334 4.79 22.03 33.84
C ARG F 334 3.95 20.99 33.10
N LYS F 335 4.58 19.91 32.63
CA LYS F 335 3.84 18.75 32.13
C LYS F 335 2.97 18.12 33.21
N TYR F 336 3.44 18.07 34.44
CA TYR F 336 2.70 17.49 35.55
C TYR F 336 1.96 18.50 36.42
N SER F 337 1.95 19.78 36.04
CA SER F 337 1.40 20.80 36.92
C SER F 337 -0.09 20.61 37.19
N VAL F 338 -0.85 20.07 36.23
CA VAL F 338 -2.27 19.81 36.48
C VAL F 338 -2.44 18.73 37.55
N TRP F 339 -1.63 17.69 37.50
CA TRP F 339 -1.69 16.67 38.55
C TRP F 339 -1.20 17.23 39.89
N ILE F 340 -0.09 17.97 39.90
CA ILE F 340 0.39 18.55 41.15
C ILE F 340 -0.64 19.48 41.76
N GLY F 341 -1.34 20.25 40.92
CA GLY F 341 -2.44 21.07 41.41
C GLY F 341 -3.57 20.25 41.99
N GLY F 342 -3.88 19.11 41.38
CA GLY F 342 -4.85 18.21 41.98
C GLY F 342 -4.37 17.59 43.29
N SER F 343 -3.09 17.28 43.38
CA SER F 343 -2.50 16.73 44.61
C SER F 343 -2.55 17.74 45.74
N ILE F 344 -2.38 19.02 45.42
CA ILE F 344 -2.62 20.09 46.40
C ILE F 344 -4.09 20.16 46.77
N LEU F 345 -4.95 20.38 45.78
CA LEU F 345 -6.36 20.65 46.05
C LEU F 345 -7.03 19.51 46.82
N ALA F 346 -6.81 18.27 46.39
CA ALA F 346 -7.42 17.13 47.06
C ALA F 346 -6.95 16.97 48.50
N SER F 347 -5.79 17.52 48.85
CA SER F 347 -5.28 17.42 50.21
C SER F 347 -5.46 18.72 50.98
N LEU F 348 -6.04 19.74 50.35
CA LEU F 348 -6.34 20.99 51.02
C LEU F 348 -7.51 20.78 51.98
N SER F 349 -7.37 21.30 53.20
CA SER F 349 -8.38 21.05 54.22
C SER F 349 -9.68 21.78 53.92
N THR F 350 -9.60 22.90 53.21
CA THR F 350 -10.80 23.62 52.77
C THR F 350 -11.59 22.83 51.73
N PHE F 351 -10.91 21.97 50.96
CA PHE F 351 -11.57 21.24 49.89
C PHE F 351 -12.44 20.08 50.35
N GLN F 352 -12.25 19.59 51.59
CA GLN F 352 -13.00 18.43 52.04
C GLN F 352 -14.50 18.69 52.16
N GLN F 353 -14.92 19.95 52.07
CA GLN F 353 -16.34 20.27 51.92
C GLN F 353 -16.84 19.96 50.52
N MET F 354 -15.96 19.98 49.52
CA MET F 354 -16.36 20.08 48.13
C MET F 354 -16.67 18.74 47.48
N TRP F 355 -16.23 17.62 48.05
CA TRP F 355 -16.47 16.32 47.44
C TRP F 355 -17.95 16.09 47.17
N ILE F 356 -18.25 15.46 46.04
CA ILE F 356 -19.53 14.81 45.80
C ILE F 356 -19.57 13.53 46.64
N THR F 357 -20.36 13.53 47.71
CA THR F 357 -20.47 12.28 48.45
C THR F 357 -21.43 11.32 47.72
N LYS F 358 -21.25 10.03 47.98
CA LYS F 358 -22.13 9.04 47.37
C LYS F 358 -23.57 9.19 47.83
N GLN F 359 -23.79 9.70 49.05
CA GLN F 359 -25.15 10.03 49.47
C GLN F 359 -25.78 11.09 48.58
N GLU F 360 -25.01 12.13 48.21
CA GLU F 360 -25.51 13.13 47.28
C GLU F 360 -25.77 12.56 45.89
N TYR F 361 -24.97 11.60 45.45
CA TYR F 361 -25.25 10.95 44.17
C TYR F 361 -26.51 10.09 44.24
N ASP F 362 -26.69 9.34 45.32
CA ASP F 362 -27.91 8.57 45.52
C ASP F 362 -29.14 9.46 45.62
N GLU F 363 -28.97 10.70 46.09
CA GLU F 363 -30.10 11.63 46.12
C GLU F 363 -30.36 12.33 44.79
N ALA F 364 -29.32 12.65 44.02
CA ALA F 364 -29.49 13.58 42.91
C ALA F 364 -29.05 13.08 41.53
N GLY F 365 -28.54 11.87 41.41
CA GLY F 365 -28.12 11.32 40.15
C GLY F 365 -26.99 12.10 39.52
N PRO F 366 -26.66 11.77 38.26
CA PRO F 366 -25.57 12.46 37.56
C PRO F 366 -25.68 13.97 37.51
N SER F 367 -26.91 14.50 37.59
CA SER F 367 -27.12 15.94 37.54
C SER F 367 -26.43 16.71 38.67
N ILE F 368 -26.07 16.04 39.76
CA ILE F 368 -25.47 16.76 40.89
C ILE F 368 -24.15 17.42 40.51
N VAL F 369 -23.40 16.82 39.58
CA VAL F 369 -22.04 17.30 39.30
C VAL F 369 -22.02 18.57 38.47
N HIS F 370 -23.17 18.99 37.94
CA HIS F 370 -23.29 20.33 37.38
C HIS F 370 -23.62 21.37 38.44
N ARG F 371 -24.23 20.95 39.56
CA ARG F 371 -24.63 21.89 40.59
C ARG F 371 -23.47 22.25 41.51
N LYS F 372 -22.69 21.27 41.94
CA LYS F 372 -21.61 21.53 42.88
C LYS F 372 -20.31 21.95 42.19
N CYS F 373 -19.83 21.13 41.26
CA CYS F 373 -18.55 21.43 40.61
C CYS F 373 -18.69 22.61 39.66
N PHE F 374 -17.61 23.37 39.53
CA PHE F 374 -17.57 24.47 38.57
C PHE F 374 -17.46 23.92 37.15
#